data_4GFI
#
_entry.id   4GFI
#
_cell.length_a   76.901
_cell.length_b   77.274
_cell.length_c   215.825
_cell.angle_alpha   90.000
_cell.angle_beta   90.000
_cell.angle_gamma   90.000
#
_symmetry.space_group_name_H-M   'P 21 21 21'
#
loop_
_entity.id
_entity.type
_entity.pdbx_description
1 polymer 'Mandelate racemase/muconate lactonizing enzyme family protein'
2 non-polymer 'SODIUM ION'
3 non-polymer ALANINE
4 non-polymer 'GLUTAMIC ACID'
5 non-polymer 'CHLORIDE ION'
6 non-polymer 'SULFATE ION'
7 non-polymer GLYCEROL
8 water water
#
_entity_poly.entity_id   1
_entity_poly.type   'polypeptide(L)'
_entity_poly.pdbx_seq_one_letter_code
;SHMPRYLQATTERFAVAGSFTISRGTRTHADVVTCTIRDGSFTGIGECVPYPRYGESIEGVTADIEAMADRVAAGLTRQE
LQQVMKPGAARNAVDCALWDLEAKMSGKRAAEQVLGQPAQPLVTAYTISLADPDTMAAKTAENAGRPLLKIKTGTADDEA
RLRAVRAAAPEARIIIDANEGWNDDNIEYYLKLAAELKISLIEQPLPAGKDAMLARIEHPVLICADESVHSTEDLAGLRD
RYDAINIKLDKTGGLTEALVMKAEAERLGFTIMVGCMLGTSLGMAPAVLVAQGTAFADLDGPLLLAEDRDPGLVYEGSLV
YPARPELWG
;
_entity_poly.pdbx_strand_id   A,B,C,D
#
# COMPACT_ATOMS: atom_id res chain seq x y z
N ARG A 5 -27.52 -38.78 29.66
CA ARG A 5 -27.02 -37.51 29.15
C ARG A 5 -27.92 -36.36 29.58
N TYR A 6 -27.34 -35.40 30.31
CA TYR A 6 -28.10 -34.22 30.73
C TYR A 6 -27.34 -32.90 30.51
N LEU A 7 -28.06 -31.79 30.66
CA LEU A 7 -27.56 -30.48 30.27
C LEU A 7 -27.84 -29.48 31.38
N GLN A 8 -26.87 -28.60 31.65
CA GLN A 8 -27.04 -27.53 32.62
C GLN A 8 -26.66 -26.19 32.00
N ALA A 9 -27.33 -25.13 32.44
CA ALA A 9 -26.95 -23.78 32.05
C ALA A 9 -26.40 -23.07 33.28
N THR A 10 -25.29 -22.36 33.09
CA THR A 10 -24.63 -21.68 34.19
C THR A 10 -24.28 -20.27 33.75
N THR A 11 -24.57 -19.29 34.59
CA THR A 11 -24.16 -17.92 34.34
C THR A 11 -22.96 -17.62 35.22
N GLU A 12 -21.94 -17.00 34.63
CA GLU A 12 -20.75 -16.62 35.38
C GLU A 12 -20.36 -15.19 35.02
N ARG A 13 -19.90 -14.44 36.02
CA ARG A 13 -19.41 -13.09 35.78
C ARG A 13 -17.89 -13.05 35.87
N PHE A 14 -17.26 -12.36 34.94
CA PHE A 14 -15.82 -12.16 34.97
C PHE A 14 -15.52 -10.67 34.96
N ALA A 15 -14.61 -10.25 35.84
CA ALA A 15 -14.22 -8.84 35.91
C ALA A 15 -13.36 -8.48 34.70
N VAL A 16 -13.61 -7.31 34.13
CA VAL A 16 -12.78 -6.78 33.05
C VAL A 16 -11.54 -6.16 33.68
N ALA A 17 -10.42 -6.18 32.96
CA ALA A 17 -9.23 -5.47 33.40
C ALA A 17 -9.44 -3.98 33.16
N GLY A 18 -10.08 -3.31 34.12
CA GLY A 18 -10.46 -1.92 33.97
C GLY A 18 -11.86 -1.80 33.38
N SER A 19 -11.93 -1.20 32.20
CA SER A 19 -13.20 -1.10 31.49
C SER A 19 -12.96 -1.33 30.01
N PHE A 20 -13.99 -1.77 29.30
CA PHE A 20 -13.91 -1.99 27.88
C PHE A 20 -14.96 -1.11 27.22
N THR A 21 -14.52 -0.16 26.40
CA THR A 21 -15.43 0.81 25.80
C THR A 21 -15.40 0.78 24.27
N ILE A 22 -16.58 0.68 23.67
CA ILE A 22 -16.75 0.87 22.24
C ILE A 22 -17.60 2.13 22.04
N SER A 23 -17.87 2.50 20.78
CA SER A 23 -18.63 3.71 20.52
C SER A 23 -20.05 3.67 21.13
N ARG A 24 -20.56 2.46 21.34
CA ARG A 24 -21.90 2.26 21.89
C ARG A 24 -21.98 2.33 23.42
N GLY A 25 -20.85 2.14 24.10
CA GLY A 25 -20.84 2.18 25.55
C GLY A 25 -19.70 1.42 26.22
N THR A 26 -19.71 1.43 27.55
CA THR A 26 -18.64 0.82 28.34
C THR A 26 -19.12 -0.43 29.11
N ARG A 27 -18.24 -1.43 29.22
CA ARG A 27 -18.53 -2.64 29.99
C ARG A 27 -17.46 -2.74 31.07
N THR A 28 -17.85 -3.06 32.31
CA THR A 28 -16.86 -3.28 33.38
C THR A 28 -16.81 -4.73 33.82
N HIS A 29 -17.72 -5.54 33.28
N HIS A 29 -17.77 -5.51 33.30
CA HIS A 29 -17.63 -6.97 33.49
CA HIS A 29 -17.82 -6.95 33.56
C HIS A 29 -18.11 -7.70 32.26
C HIS A 29 -18.08 -7.69 32.24
N ALA A 30 -17.88 -9.00 32.25
CA ALA A 30 -18.29 -9.83 31.13
C ALA A 30 -19.15 -10.91 31.73
N ASP A 31 -20.45 -10.84 31.48
CA ASP A 31 -21.33 -11.92 31.87
C ASP A 31 -21.34 -12.93 30.73
N VAL A 32 -21.09 -14.19 31.05
CA VAL A 32 -21.10 -15.24 30.04
C VAL A 32 -22.05 -16.34 30.49
N VAL A 33 -22.53 -17.14 29.55
CA VAL A 33 -23.35 -18.29 29.87
C VAL A 33 -22.70 -19.56 29.32
N THR A 34 -22.59 -20.60 30.14
CA THR A 34 -22.07 -21.88 29.66
C THR A 34 -23.15 -22.96 29.57
N CYS A 35 -23.06 -23.79 28.53
CA CYS A 35 -23.85 -25.00 28.46
C CYS A 35 -22.94 -26.17 28.75
N THR A 36 -23.26 -26.94 29.78
CA THR A 36 -22.49 -28.13 30.13
C THR A 36 -23.32 -29.37 29.83
N ILE A 37 -22.78 -30.28 29.04
CA ILE A 37 -23.47 -31.52 28.72
C ILE A 37 -22.66 -32.70 29.20
N ARG A 38 -23.26 -33.53 30.06
CA ARG A 38 -22.57 -34.71 30.59
C ARG A 38 -23.16 -35.99 30.04
N ASP A 39 -22.28 -36.93 29.68
CA ASP A 39 -22.71 -38.24 29.20
C ASP A 39 -21.81 -39.27 29.87
N GLY A 40 -22.31 -39.87 30.95
CA GLY A 40 -21.52 -40.77 31.77
C GLY A 40 -20.37 -40.02 32.46
N SER A 41 -19.16 -40.54 32.29
CA SER A 41 -17.98 -39.94 32.88
C SER A 41 -17.44 -38.81 32.01
N PHE A 42 -18.11 -38.57 30.89
CA PHE A 42 -17.67 -37.57 29.92
C PHE A 42 -18.44 -36.25 30.02
N THR A 43 -17.76 -35.14 29.75
CA THR A 43 -18.32 -33.80 29.88
C THR A 43 -17.92 -32.93 28.69
N GLY A 44 -18.89 -32.22 28.13
CA GLY A 44 -18.61 -31.20 27.12
C GLY A 44 -19.13 -29.85 27.61
N ILE A 45 -18.44 -28.78 27.23
CA ILE A 45 -18.86 -27.46 27.68
C ILE A 45 -18.68 -26.42 26.58
N GLY A 46 -19.59 -25.44 26.53
CA GLY A 46 -19.50 -24.35 25.58
C GLY A 46 -19.89 -23.04 26.21
N GLU A 47 -19.18 -21.99 25.84
CA GLU A 47 -19.44 -20.66 26.40
C GLU A 47 -20.13 -19.79 25.37
N CYS A 48 -20.96 -18.85 25.82
CA CYS A 48 -21.50 -17.83 24.93
C CYS A 48 -21.59 -16.50 25.64
N VAL A 49 -21.76 -15.43 24.87
CA VAL A 49 -21.90 -14.10 25.41
C VAL A 49 -23.17 -13.46 24.84
N PRO A 50 -24.22 -13.39 25.66
CA PRO A 50 -25.45 -12.68 25.28
C PRO A 50 -25.11 -11.25 24.89
N TYR A 51 -25.65 -10.78 23.78
CA TYR A 51 -25.30 -9.44 23.28
C TYR A 51 -26.58 -8.64 23.09
N PRO A 52 -26.83 -7.67 23.98
CA PRO A 52 -28.05 -6.85 23.89
C PRO A 52 -28.20 -6.06 22.58
N ARG A 53 -27.09 -5.71 21.92
CA ARG A 53 -27.14 -5.08 20.58
C ARG A 53 -27.92 -5.96 19.59
N TYR A 54 -27.87 -7.28 19.81
CA TYR A 54 -28.58 -8.22 18.97
C TYR A 54 -29.87 -8.73 19.64
N GLY A 55 -30.34 -8.03 20.67
CA GLY A 55 -31.65 -8.32 21.24
C GLY A 55 -31.64 -9.43 22.27
N GLU A 56 -30.44 -9.80 22.73
CA GLU A 56 -30.31 -10.90 23.68
C GLU A 56 -30.16 -10.43 25.13
N SER A 57 -30.62 -11.25 26.06
CA SER A 57 -30.39 -11.02 27.48
C SER A 57 -29.87 -12.30 28.13
N ILE A 58 -29.23 -12.18 29.28
CA ILE A 58 -28.74 -13.35 30.00
C ILE A 58 -29.87 -14.33 30.36
N GLU A 59 -31.01 -13.80 30.84
CA GLU A 59 -32.14 -14.65 31.20
C GLU A 59 -32.74 -15.28 29.96
N GLY A 60 -32.81 -14.51 28.87
CA GLY A 60 -33.30 -15.01 27.60
C GLY A 60 -32.46 -16.16 27.05
N VAL A 61 -31.14 -15.95 27.02
CA VAL A 61 -30.23 -16.98 26.53
C VAL A 61 -30.29 -18.25 27.38
N THR A 62 -30.26 -18.08 28.71
CA THR A 62 -30.33 -19.20 29.64
C THR A 62 -31.62 -20.00 29.45
N ALA A 63 -32.73 -19.28 29.25
CA ALA A 63 -34.01 -19.91 28.98
C ALA A 63 -33.94 -20.73 27.70
N ASP A 64 -33.33 -20.14 26.66
CA ASP A 64 -33.20 -20.83 25.38
C ASP A 64 -32.30 -22.07 25.48
N ILE A 65 -31.28 -22.00 26.32
CA ILE A 65 -30.40 -23.15 26.52
C ILE A 65 -31.08 -24.24 27.34
N GLU A 66 -31.63 -23.88 28.49
CA GLU A 66 -32.32 -24.83 29.37
C GLU A 66 -33.49 -25.53 28.67
N ALA A 67 -34.05 -24.89 27.66
CA ALA A 67 -35.18 -25.47 26.92
C ALA A 67 -34.71 -26.60 25.99
N MET A 68 -33.41 -26.68 25.78
CA MET A 68 -32.83 -27.74 24.95
C MET A 68 -32.55 -29.02 25.75
N ALA A 69 -32.78 -28.96 27.06
CA ALA A 69 -32.43 -30.05 27.98
C ALA A 69 -32.98 -31.42 27.58
N ASP A 70 -34.29 -31.48 27.32
CA ASP A 70 -34.93 -32.74 26.93
C ASP A 70 -34.46 -33.22 25.56
N ARG A 71 -34.37 -32.30 24.60
CA ARG A 71 -33.92 -32.63 23.25
C ARG A 71 -32.48 -33.17 23.29
N VAL A 72 -31.63 -32.53 24.09
CA VAL A 72 -30.26 -32.99 24.26
C VAL A 72 -30.19 -34.34 25.00
N ALA A 73 -30.99 -34.47 26.06
CA ALA A 73 -31.09 -35.74 26.76
C ALA A 73 -31.52 -36.86 25.82
N ALA A 74 -32.38 -36.54 24.85
CA ALA A 74 -32.84 -37.53 23.88
C ALA A 74 -31.76 -37.97 22.90
N GLY A 75 -30.75 -37.12 22.70
CA GLY A 75 -29.64 -37.47 21.82
C GLY A 75 -29.47 -36.54 20.64
N LEU A 76 -29.97 -35.32 20.79
CA LEU A 76 -29.86 -34.28 19.76
C LEU A 76 -28.44 -34.19 19.20
N THR A 77 -28.34 -34.02 17.89
CA THR A 77 -27.06 -33.86 17.20
C THR A 77 -26.81 -32.39 16.85
N ARG A 78 -25.55 -32.03 16.63
CA ARG A 78 -25.20 -30.68 16.16
C ARG A 78 -25.98 -30.38 14.88
N GLN A 79 -26.10 -31.40 14.05
CA GLN A 79 -26.77 -31.33 12.77
C GLN A 79 -28.24 -30.93 12.95
N GLU A 80 -28.99 -31.70 13.75
CA GLU A 80 -30.35 -31.32 14.09
C GLU A 80 -30.41 -29.99 14.84
N LEU A 81 -29.42 -29.75 15.70
CA LEU A 81 -29.36 -28.51 16.48
C LEU A 81 -29.50 -27.26 15.61
N GLN A 82 -28.94 -27.32 14.40
CA GLN A 82 -28.99 -26.19 13.47
C GLN A 82 -30.40 -25.89 12.95
N GLN A 83 -31.35 -26.77 13.27
CA GLN A 83 -32.75 -26.58 12.87
C GLN A 83 -33.62 -26.14 14.03
N VAL A 84 -33.36 -26.71 15.21
CA VAL A 84 -34.18 -26.44 16.38
C VAL A 84 -33.94 -25.02 16.92
N MET A 85 -32.70 -24.56 16.86
CA MET A 85 -32.33 -23.24 17.36
C MET A 85 -31.92 -22.26 16.26
N LYS A 86 -32.29 -21.00 16.44
CA LYS A 86 -31.83 -19.93 15.56
C LYS A 86 -30.41 -19.58 15.95
N PRO A 87 -29.63 -19.01 15.03
CA PRO A 87 -28.28 -18.59 15.42
C PRO A 87 -28.33 -17.46 16.46
N GLY A 88 -27.29 -17.37 17.28
CA GLY A 88 -27.27 -16.44 18.39
C GLY A 88 -26.47 -17.04 19.53
N ALA A 89 -26.38 -16.34 20.65
CA ALA A 89 -25.57 -16.79 21.77
C ALA A 89 -25.96 -18.20 22.24
N ALA A 90 -27.24 -18.43 22.46
CA ALA A 90 -27.69 -19.69 23.04
C ALA A 90 -27.22 -20.92 22.25
N ARG A 91 -27.43 -20.89 20.94
CA ARG A 91 -27.01 -22.03 20.11
C ARG A 91 -25.49 -22.19 20.10
N ASN A 92 -24.77 -21.07 20.17
CA ASN A 92 -23.32 -21.11 20.26
C ASN A 92 -22.89 -22.01 21.41
N ALA A 93 -23.46 -21.76 22.59
CA ALA A 93 -23.14 -22.53 23.79
C ALA A 93 -23.45 -24.01 23.62
N VAL A 94 -24.66 -24.33 23.16
CA VAL A 94 -25.06 -25.72 22.99
C VAL A 94 -24.18 -26.41 21.95
N ASP A 95 -23.94 -25.73 20.83
CA ASP A 95 -23.16 -26.29 19.73
C ASP A 95 -21.73 -26.64 20.14
N CYS A 96 -21.07 -25.71 20.82
CA CYS A 96 -19.69 -25.94 21.22
C CYS A 96 -19.58 -26.97 22.35
N ALA A 97 -20.63 -27.12 23.13
CA ALA A 97 -20.64 -28.14 24.16
C ALA A 97 -20.72 -29.52 23.51
N LEU A 98 -21.47 -29.62 22.42
CA LEU A 98 -21.58 -30.87 21.69
C LEU A 98 -20.25 -31.21 21.01
N TRP A 99 -19.67 -30.24 20.31
CA TRP A 99 -18.32 -30.42 19.77
C TRP A 99 -17.37 -30.93 20.86
N ASP A 100 -17.38 -30.27 22.01
CA ASP A 100 -16.53 -30.68 23.13
C ASP A 100 -16.82 -32.12 23.58
N LEU A 101 -18.09 -32.41 23.88
CA LEU A 101 -18.47 -33.70 24.44
C LEU A 101 -18.14 -34.82 23.46
N GLU A 102 -18.35 -34.54 22.17
CA GLU A 102 -18.06 -35.51 21.13
C GLU A 102 -16.56 -35.80 21.05
N ALA A 103 -15.74 -34.77 21.24
CA ALA A 103 -14.29 -34.95 21.28
C ALA A 103 -13.83 -35.81 22.45
N LYS A 104 -14.33 -35.50 23.64
CA LYS A 104 -14.00 -36.27 24.84
C LYS A 104 -14.38 -37.75 24.70
N MET A 105 -15.57 -38.00 24.14
CA MET A 105 -16.06 -39.38 24.03
C MET A 105 -15.32 -40.17 22.95
N SER A 106 -14.99 -39.51 21.84
CA SER A 106 -14.37 -40.20 20.70
C SER A 106 -12.86 -40.36 20.88
N GLY A 107 -12.22 -39.41 21.55
CA GLY A 107 -10.78 -39.41 21.68
C GLY A 107 -10.14 -38.70 20.50
N LYS A 108 -10.97 -38.18 19.60
CA LYS A 108 -10.49 -37.40 18.46
C LYS A 108 -10.69 -35.90 18.68
N ARG A 109 -9.59 -35.16 18.63
CA ARG A 109 -9.61 -33.73 18.92
C ARG A 109 -10.53 -32.96 17.96
N ALA A 110 -11.32 -32.05 18.52
CA ALA A 110 -12.19 -31.21 17.71
C ALA A 110 -11.40 -30.50 16.62
N ALA A 111 -10.19 -30.05 16.97
CA ALA A 111 -9.28 -29.42 16.02
C ALA A 111 -9.08 -30.26 14.76
N GLU A 112 -8.69 -31.51 14.94
CA GLU A 112 -8.41 -32.42 13.84
C GLU A 112 -9.66 -32.69 12.98
N GLN A 113 -10.81 -32.77 13.64
CA GLN A 113 -12.08 -32.97 12.94
C GLN A 113 -12.45 -31.77 12.06
N VAL A 114 -12.06 -30.58 12.48
CA VAL A 114 -12.37 -29.36 11.76
C VAL A 114 -11.34 -29.05 10.67
N LEU A 115 -10.09 -29.34 10.97
CA LEU A 115 -8.97 -28.84 10.16
C LEU A 115 -8.31 -29.92 9.34
N GLY A 116 -8.57 -31.17 9.70
CA GLY A 116 -7.91 -32.29 9.05
C GLY A 116 -6.45 -32.43 9.46
N GLN A 117 -6.07 -31.74 10.54
CA GLN A 117 -4.71 -31.76 11.07
C GLN A 117 -4.72 -30.95 12.37
N PRO A 118 -3.63 -31.01 13.16
CA PRO A 118 -3.65 -30.20 14.39
C PRO A 118 -3.73 -28.71 14.12
N ALA A 119 -4.42 -28.01 15.01
CA ALA A 119 -4.45 -26.56 14.97
C ALA A 119 -3.05 -26.04 15.23
N GLN A 120 -2.81 -24.77 14.91
CA GLN A 120 -1.50 -24.16 15.11
C GLN A 120 -1.65 -22.76 15.69
N PRO A 121 -0.60 -22.26 16.39
CA PRO A 121 -0.68 -20.92 16.99
C PRO A 121 -0.98 -19.89 15.94
N LEU A 122 -1.51 -18.74 16.34
CA LEU A 122 -1.68 -17.65 15.39
C LEU A 122 -1.70 -16.31 16.10
N VAL A 123 -1.48 -15.27 15.31
CA VAL A 123 -1.38 -13.94 15.87
C VAL A 123 -2.78 -13.39 16.09
N THR A 124 -3.05 -12.92 17.30
CA THR A 124 -4.31 -12.25 17.57
C THR A 124 -4.12 -10.74 17.63
N ALA A 125 -5.14 -10.00 17.21
CA ALA A 125 -5.19 -8.56 17.44
C ALA A 125 -5.26 -8.34 18.94
N TYR A 126 -4.92 -7.12 19.38
CA TYR A 126 -5.12 -6.75 20.78
C TYR A 126 -5.87 -5.44 20.80
N THR A 127 -6.94 -5.35 21.57
CA THR A 127 -7.88 -4.21 21.46
C THR A 127 -7.57 -3.05 22.42
N ILE A 128 -7.46 -1.85 21.85
CA ILE A 128 -7.28 -0.65 22.65
C ILE A 128 -8.64 0.02 22.79
N SER A 129 -9.15 0.14 24.02
CA SER A 129 -10.51 0.65 24.24
C SER A 129 -10.68 2.13 23.89
N LEU A 130 -11.88 2.51 23.48
CA LEU A 130 -12.21 3.91 23.22
C LEU A 130 -12.11 4.72 24.50
N ALA A 131 -11.27 5.76 24.49
CA ALA A 131 -11.11 6.69 25.61
C ALA A 131 -10.55 8.00 25.07
N ASP A 132 -10.19 8.92 25.96
CA ASP A 132 -9.53 10.16 25.51
C ASP A 132 -8.23 9.79 24.79
N PRO A 133 -7.84 10.60 23.78
CA PRO A 133 -6.66 10.32 22.96
C PRO A 133 -5.38 10.03 23.76
N ASP A 134 -5.13 10.82 24.80
CA ASP A 134 -3.92 10.62 25.61
C ASP A 134 -3.88 9.22 26.23
N THR A 135 -5.00 8.81 26.82
CA THR A 135 -5.14 7.47 27.37
C THR A 135 -4.87 6.41 26.28
N MET A 136 -5.55 6.53 25.15
CA MET A 136 -5.41 5.53 24.09
C MET A 136 -3.99 5.49 23.57
N ALA A 137 -3.34 6.66 23.47
CA ALA A 137 -1.95 6.72 23.03
C ALA A 137 -1.03 6.01 24.02
N ALA A 138 -1.32 6.18 25.30
CA ALA A 138 -0.49 5.60 26.34
C ALA A 138 -0.57 4.07 26.35
N LYS A 139 -1.78 3.53 26.21
CA LYS A 139 -1.98 2.07 26.15
C LYS A 139 -1.44 1.49 24.84
N THR A 140 -1.58 2.26 23.76
CA THR A 140 -0.99 1.87 22.48
C THR A 140 0.53 1.79 22.56
N ALA A 141 1.15 2.79 23.20
CA ALA A 141 2.61 2.81 23.33
C ALA A 141 3.15 1.62 24.12
N GLU A 142 2.46 1.25 25.21
CA GLU A 142 2.83 0.07 25.99
C GLU A 142 2.81 -1.19 25.13
N ASN A 143 1.91 -1.20 24.13
CA ASN A 143 1.69 -2.38 23.30
C ASN A 143 2.24 -2.25 21.88
N ALA A 144 3.15 -1.30 21.69
CA ALA A 144 3.68 -0.94 20.37
C ALA A 144 4.50 -2.06 19.73
N GLY A 145 4.95 -3.01 20.55
CA GLY A 145 5.63 -4.19 20.06
C GLY A 145 4.71 -5.28 19.50
N ARG A 146 3.41 -5.20 19.77
CA ARG A 146 2.50 -6.21 19.22
C ARG A 146 2.34 -6.01 17.72
N PRO A 147 2.18 -7.12 16.96
CA PRO A 147 2.12 -6.98 15.50
C PRO A 147 0.79 -6.46 14.99
N LEU A 148 -0.28 -6.59 15.77
CA LEU A 148 -1.63 -6.18 15.30
C LEU A 148 -2.42 -5.51 16.43
N LEU A 149 -2.73 -4.22 16.25
CA LEU A 149 -3.54 -3.50 17.23
C LEU A 149 -4.91 -3.19 16.65
N LYS A 150 -5.95 -3.47 17.42
CA LYS A 150 -7.31 -3.11 17.03
C LYS A 150 -7.75 -1.90 17.87
N ILE A 151 -8.11 -0.82 17.20
CA ILE A 151 -8.40 0.43 17.88
C ILE A 151 -9.88 0.76 17.80
N LYS A 152 -10.50 1.00 18.96
CA LYS A 152 -11.92 1.33 19.02
C LYS A 152 -12.11 2.83 18.79
N THR A 153 -12.98 3.16 17.83
CA THR A 153 -13.28 4.53 17.48
C THR A 153 -14.78 4.66 17.33
N GLY A 154 -15.25 5.71 16.66
CA GLY A 154 -16.67 5.78 16.37
C GLY A 154 -17.38 6.97 16.98
N THR A 155 -16.71 8.12 16.98
CA THR A 155 -17.34 9.36 17.41
C THR A 155 -17.27 10.38 16.28
N ALA A 156 -17.91 11.52 16.47
CA ALA A 156 -17.91 12.58 15.47
C ALA A 156 -16.57 13.32 15.39
N ASP A 157 -15.63 12.96 16.25
CA ASP A 157 -14.29 13.55 16.18
C ASP A 157 -13.20 12.58 16.63
N ASP A 158 -12.76 11.74 15.69
CA ASP A 158 -11.77 10.69 15.98
C ASP A 158 -10.36 11.02 15.48
N GLU A 159 -10.19 12.18 14.83
CA GLU A 159 -8.88 12.50 14.25
C GLU A 159 -7.76 12.47 15.29
N ALA A 160 -7.95 13.12 16.43
CA ALA A 160 -6.93 13.16 17.47
C ALA A 160 -6.57 11.76 17.95
N ARG A 161 -7.62 10.96 18.14
CA ARG A 161 -7.53 9.55 18.51
C ARG A 161 -6.71 8.74 17.49
N LEU A 162 -7.09 8.82 16.21
CA LEU A 162 -6.43 8.06 15.16
C LEU A 162 -4.97 8.47 14.95
N ARG A 163 -4.71 9.77 15.03
CA ARG A 163 -3.35 10.27 14.87
C ARG A 163 -2.46 9.85 16.05
N ALA A 164 -3.01 9.92 17.26
CA ALA A 164 -2.24 9.60 18.46
C ALA A 164 -1.81 8.14 18.50
N VAL A 165 -2.72 7.23 18.17
CA VAL A 165 -2.36 5.81 18.24
C VAL A 165 -1.35 5.38 17.17
N ARG A 166 -1.48 5.90 15.95
CA ARG A 166 -0.50 5.56 14.90
C ARG A 166 0.89 6.00 15.33
N ALA A 167 1.00 7.22 15.85
CA ALA A 167 2.29 7.73 16.32
C ALA A 167 2.86 6.92 17.49
N ALA A 168 1.97 6.42 18.35
CA ALA A 168 2.40 5.64 19.50
C ALA A 168 2.90 4.23 19.09
N ALA A 169 2.40 3.71 17.97
CA ALA A 169 2.85 2.40 17.49
C ALA A 169 3.15 2.44 15.99
N PRO A 170 4.26 3.09 15.61
CA PRO A 170 4.59 3.29 14.19
C PRO A 170 4.73 2.00 13.40
N GLU A 171 5.04 0.89 14.07
CA GLU A 171 5.38 -0.36 13.39
C GLU A 171 4.23 -1.37 13.36
N ALA A 172 3.20 -1.11 14.16
CA ALA A 172 2.08 -2.04 14.28
C ALA A 172 1.17 -2.00 13.07
N ARG A 173 0.66 -3.17 12.67
CA ARG A 173 -0.46 -3.20 11.74
C ARG A 173 -1.63 -2.76 12.58
N ILE A 174 -2.45 -1.86 12.06
CA ILE A 174 -3.52 -1.30 12.87
C ILE A 174 -4.85 -1.45 12.17
N ILE A 175 -5.83 -1.95 12.90
CA ILE A 175 -7.18 -1.98 12.36
C ILE A 175 -8.06 -1.15 13.25
N ILE A 176 -9.01 -0.43 12.65
CA ILE A 176 -9.87 0.42 13.43
C ILE A 176 -11.29 -0.09 13.35
N ASP A 177 -12.02 0.03 14.45
CA ASP A 177 -13.37 -0.47 14.54
C ASP A 177 -14.25 0.63 15.12
N ALA A 178 -15.18 1.11 14.30
CA ALA A 178 -16.05 2.21 14.69
C ALA A 178 -17.34 1.74 15.35
N ASN A 179 -17.57 0.42 15.32
CA ASN A 179 -18.83 -0.14 15.84
C ASN A 179 -20.06 0.72 15.51
N GLU A 180 -20.20 1.03 14.22
CA GLU A 180 -21.32 1.83 13.68
C GLU A 180 -21.26 3.33 14.02
N GLY A 181 -20.11 3.80 14.49
CA GLY A 181 -19.99 5.16 15.01
C GLY A 181 -19.82 6.33 14.06
N TRP A 182 -19.53 6.05 12.79
CA TRP A 182 -19.35 7.11 11.79
C TRP A 182 -20.62 7.34 10.96
N ASN A 183 -20.62 8.36 10.10
CA ASN A 183 -21.80 8.64 9.26
C ASN A 183 -21.45 9.04 7.82
N ASP A 184 -22.47 9.35 7.02
CA ASP A 184 -22.30 9.70 5.61
C ASP A 184 -21.50 10.99 5.42
N ASP A 185 -21.49 11.85 6.45
CA ASP A 185 -20.87 13.16 6.35
C ASP A 185 -19.38 13.13 6.68
N ASN A 186 -18.95 12.15 7.46
CA ASN A 186 -17.54 12.08 7.84
C ASN A 186 -16.78 10.84 7.32
N ILE A 187 -17.48 9.90 6.69
CA ILE A 187 -16.83 8.64 6.31
C ILE A 187 -15.66 8.82 5.33
N GLU A 188 -15.87 9.62 4.29
CA GLU A 188 -14.83 9.83 3.30
C GLU A 188 -13.60 10.52 3.89
N TYR A 189 -13.82 11.45 4.81
CA TYR A 189 -12.73 12.10 5.51
C TYR A 189 -11.93 11.08 6.34
N TYR A 190 -12.64 10.17 7.01
CA TYR A 190 -11.99 9.20 7.88
C TYR A 190 -11.23 8.12 7.08
N LEU A 191 -11.77 7.71 5.94
CA LEU A 191 -11.05 6.73 5.12
C LEU A 191 -9.76 7.31 4.60
N LYS A 192 -9.84 8.54 4.09
CA LYS A 192 -8.64 9.25 3.65
C LYS A 192 -7.63 9.36 4.78
N LEU A 193 -8.08 9.75 5.98
CA LEU A 193 -7.18 9.84 7.13
C LEU A 193 -6.59 8.47 7.45
N ALA A 194 -7.44 7.44 7.44
CA ALA A 194 -6.98 6.08 7.72
C ALA A 194 -5.92 5.63 6.71
N ALA A 195 -6.14 5.91 5.43
CA ALA A 195 -5.15 5.56 4.41
C ALA A 195 -3.81 6.30 4.60
N GLU A 196 -3.88 7.59 4.92
CA GLU A 196 -2.69 8.37 5.26
C GLU A 196 -1.95 7.75 6.44
N LEU A 197 -2.71 7.10 7.32
CA LEU A 197 -2.13 6.52 8.54
C LEU A 197 -1.79 5.04 8.40
N LYS A 198 -1.91 4.51 7.17
CA LYS A 198 -1.55 3.13 6.88
C LYS A 198 -2.36 2.09 7.66
N ILE A 199 -3.64 2.39 7.88
CA ILE A 199 -4.53 1.48 8.58
C ILE A 199 -4.86 0.29 7.67
N SER A 200 -4.96 -0.91 8.23
CA SER A 200 -5.09 -2.13 7.43
C SER A 200 -6.53 -2.50 7.13
N LEU A 201 -7.42 -2.14 8.04
CA LEU A 201 -8.81 -2.56 7.94
C LEU A 201 -9.68 -1.61 8.76
N ILE A 202 -10.91 -1.36 8.30
CA ILE A 202 -11.88 -0.62 9.09
C ILE A 202 -13.14 -1.44 9.31
N GLU A 203 -13.47 -1.72 10.57
CA GLU A 203 -14.67 -2.48 10.93
C GLU A 203 -15.89 -1.60 11.08
N GLN A 204 -16.97 -1.97 10.39
CA GLN A 204 -18.30 -1.40 10.58
C GLN A 204 -18.34 0.12 10.81
N PRO A 205 -17.87 0.90 9.82
CA PRO A 205 -17.89 2.36 9.98
C PRO A 205 -19.30 2.91 10.14
N LEU A 206 -20.24 2.43 9.33
CA LEU A 206 -21.61 2.98 9.33
C LEU A 206 -22.57 2.01 10.02
N PRO A 207 -23.69 2.54 10.55
CA PRO A 207 -24.67 1.66 11.19
C PRO A 207 -25.20 0.62 10.21
N ALA A 208 -25.43 -0.59 10.70
CA ALA A 208 -26.09 -1.63 9.90
C ALA A 208 -27.43 -1.09 9.38
N GLY A 209 -27.74 -1.32 8.11
CA GLY A 209 -29.00 -0.85 7.54
C GLY A 209 -29.01 0.62 7.13
N LYS A 210 -27.92 1.32 7.43
CA LYS A 210 -27.76 2.72 7.02
C LYS A 210 -26.39 2.88 6.39
N ASP A 211 -25.99 1.85 5.64
CA ASP A 211 -24.61 1.77 5.15
C ASP A 211 -24.50 1.75 3.62
N ALA A 212 -25.57 2.12 2.92
CA ALA A 212 -25.59 2.07 1.46
C ALA A 212 -24.46 2.90 0.82
N MET A 213 -24.05 3.97 1.47
CA MET A 213 -23.00 4.84 0.92
C MET A 213 -21.69 4.09 0.64
N LEU A 214 -21.42 3.04 1.41
CA LEU A 214 -20.23 2.19 1.17
C LEU A 214 -20.18 1.61 -0.26
N ALA A 215 -21.33 1.47 -0.90
CA ALA A 215 -21.36 0.94 -2.25
C ALA A 215 -21.05 1.98 -3.30
N ARG A 216 -20.98 3.26 -2.90
CA ARG A 216 -20.81 4.35 -3.88
C ARG A 216 -19.54 5.18 -3.64
N ILE A 217 -18.62 4.69 -2.83
CA ILE A 217 -17.38 5.42 -2.59
C ILE A 217 -16.18 4.49 -2.72
N GLU A 218 -15.02 5.08 -3.06
CA GLU A 218 -13.79 4.31 -3.14
C GLU A 218 -13.46 3.77 -1.76
N HIS A 219 -12.78 2.63 -1.70
CA HIS A 219 -12.30 2.11 -0.42
C HIS A 219 -10.78 2.17 -0.37
N PRO A 220 -10.19 3.29 0.12
CA PRO A 220 -8.72 3.32 0.18
C PRO A 220 -8.16 2.36 1.24
N VAL A 221 -9.04 1.91 2.13
CA VAL A 221 -8.72 0.89 3.14
C VAL A 221 -9.86 -0.13 3.07
N LEU A 222 -9.54 -1.41 3.23
CA LEU A 222 -10.54 -2.47 3.20
C LEU A 222 -11.58 -2.25 4.29
N ILE A 223 -12.86 -2.45 3.96
CA ILE A 223 -13.92 -2.22 4.94
C ILE A 223 -14.59 -3.53 5.34
N CYS A 224 -14.67 -3.76 6.64
CA CYS A 224 -15.15 -5.04 7.17
C CYS A 224 -16.52 -4.91 7.85
N ALA A 225 -17.45 -5.80 7.51
CA ALA A 225 -18.76 -5.82 8.17
C ALA A 225 -18.65 -6.60 9.47
N ASP A 226 -19.27 -6.10 10.54
CA ASP A 226 -19.39 -6.86 11.80
C ASP A 226 -20.85 -6.92 12.18
N GLU A 227 -21.35 -5.82 12.75
CA GLU A 227 -22.76 -5.69 13.07
C GLU A 227 -23.65 -6.04 11.88
N SER A 228 -23.22 -5.68 10.67
CA SER A 228 -24.04 -5.96 9.47
C SER A 228 -24.09 -7.42 9.05
N VAL A 229 -23.21 -8.26 9.60
CA VAL A 229 -23.17 -9.67 9.23
C VAL A 229 -24.34 -10.47 9.85
N HIS A 230 -25.13 -11.13 9.01
CA HIS A 230 -26.27 -11.93 9.48
C HIS A 230 -26.34 -13.30 8.81
N SER A 231 -25.61 -14.25 9.37
CA SER A 231 -25.51 -15.63 8.86
C SER A 231 -25.04 -15.77 7.40
N THR A 232 -24.64 -16.99 7.06
CA THR A 232 -24.16 -17.31 5.72
C THR A 232 -25.07 -16.77 4.63
N GLU A 233 -26.38 -16.82 4.89
CA GLU A 233 -27.39 -16.44 3.89
C GLU A 233 -27.24 -15.02 3.33
N ASP A 234 -27.04 -14.03 4.20
CA ASP A 234 -26.96 -12.64 3.75
C ASP A 234 -25.55 -12.16 3.41
N LEU A 235 -24.59 -13.09 3.31
CA LEU A 235 -23.25 -12.75 2.87
C LEU A 235 -23.23 -12.17 1.46
N ALA A 236 -23.90 -12.85 0.53
CA ALA A 236 -23.86 -12.45 -0.87
C ALA A 236 -24.36 -11.02 -1.06
N GLY A 237 -25.39 -10.66 -0.30
CA GLY A 237 -25.95 -9.32 -0.39
C GLY A 237 -25.03 -8.23 0.15
N LEU A 238 -23.99 -8.61 0.89
CA LEU A 238 -23.09 -7.63 1.52
C LEU A 238 -21.90 -7.26 0.66
N ARG A 239 -21.74 -7.91 -0.49
N ARG A 239 -21.75 -7.93 -0.49
CA ARG A 239 -20.57 -7.69 -1.33
CA ARG A 239 -20.58 -7.71 -1.34
C ARG A 239 -20.45 -6.28 -1.89
C ARG A 239 -20.46 -6.30 -1.89
N ASP A 240 -21.59 -5.65 -2.15
CA ASP A 240 -21.59 -4.31 -2.75
C ASP A 240 -20.99 -3.25 -1.83
N ARG A 241 -20.97 -3.53 -0.53
CA ARG A 241 -20.56 -2.55 0.48
C ARG A 241 -19.25 -2.91 1.19
N TYR A 242 -19.01 -4.21 1.39
CA TYR A 242 -17.90 -4.65 2.23
C TYR A 242 -16.84 -5.51 1.53
N ASP A 243 -15.58 -5.32 1.92
CA ASP A 243 -14.46 -6.10 1.37
C ASP A 243 -14.14 -7.28 2.27
N ALA A 244 -14.56 -7.17 3.54
CA ALA A 244 -14.26 -8.20 4.52
C ALA A 244 -15.46 -8.42 5.45
N ILE A 245 -15.44 -9.54 6.16
CA ILE A 245 -16.42 -9.82 7.20
C ILE A 245 -15.74 -10.29 8.48
N ASN A 246 -16.36 -9.96 9.61
CA ASN A 246 -15.95 -10.43 10.92
C ASN A 246 -16.86 -11.57 11.34
N ILE A 247 -16.33 -12.80 11.38
CA ILE A 247 -17.10 -13.96 11.83
C ILE A 247 -17.01 -14.14 13.34
N LYS A 248 -18.16 -14.19 14.01
CA LYS A 248 -18.19 -14.48 15.45
C LYS A 248 -19.13 -15.63 15.74
N LEU A 249 -18.72 -16.51 16.65
CA LEU A 249 -19.50 -17.70 16.97
C LEU A 249 -20.80 -17.37 17.72
N ASP A 250 -20.79 -16.28 18.49
CA ASP A 250 -22.03 -15.82 19.12
C ASP A 250 -23.03 -15.28 18.08
N LYS A 251 -22.52 -14.88 16.92
CA LYS A 251 -23.37 -14.38 15.83
C LYS A 251 -23.84 -15.56 14.98
N THR A 252 -22.93 -16.49 14.69
CA THR A 252 -23.28 -17.64 13.84
C THR A 252 -24.04 -18.72 14.60
N GLY A 253 -24.08 -18.59 15.92
CA GLY A 253 -24.74 -19.59 16.74
C GLY A 253 -23.93 -20.87 16.81
N GLY A 254 -22.61 -20.73 16.87
CA GLY A 254 -21.75 -21.88 17.12
C GLY A 254 -20.68 -22.15 16.07
N LEU A 255 -19.85 -23.15 16.35
CA LEU A 255 -18.72 -23.52 15.49
C LEU A 255 -19.18 -24.11 14.17
N THR A 256 -20.19 -24.97 14.22
CA THR A 256 -20.74 -25.57 13.00
C THR A 256 -21.04 -24.53 11.92
N GLU A 257 -21.90 -23.57 12.24
CA GLU A 257 -22.28 -22.55 11.27
C GLU A 257 -21.11 -21.60 10.94
N ALA A 258 -20.17 -21.41 11.88
CA ALA A 258 -19.03 -20.56 11.59
C ALA A 258 -18.19 -21.12 10.46
N LEU A 259 -18.06 -22.44 10.40
CA LEU A 259 -17.28 -23.08 9.35
C LEU A 259 -18.00 -23.01 8.00
N VAL A 260 -19.31 -23.19 8.04
CA VAL A 260 -20.15 -23.00 6.85
C VAL A 260 -19.99 -21.59 6.30
N MET A 261 -20.08 -20.60 7.21
CA MET A 261 -19.98 -19.20 6.82
C MET A 261 -18.61 -18.85 6.24
N LYS A 262 -17.56 -19.37 6.88
CA LYS A 262 -16.20 -19.16 6.39
C LYS A 262 -16.02 -19.74 4.98
N ALA A 263 -16.58 -20.92 4.72
CA ALA A 263 -16.46 -21.54 3.41
C ALA A 263 -17.11 -20.67 2.34
N GLU A 264 -18.25 -20.09 2.68
CA GLU A 264 -19.01 -19.30 1.72
C GLU A 264 -18.41 -17.91 1.54
N ALA A 265 -17.88 -17.36 2.62
CA ALA A 265 -17.26 -16.04 2.52
C ALA A 265 -16.01 -16.14 1.65
N GLU A 266 -15.30 -17.26 1.76
CA GLU A 266 -14.12 -17.50 0.93
C GLU A 266 -14.50 -17.73 -0.53
N ARG A 267 -15.59 -18.43 -0.77
CA ARG A 267 -16.08 -18.61 -2.14
C ARG A 267 -16.45 -17.27 -2.79
N LEU A 268 -16.91 -16.33 -1.97
CA LEU A 268 -17.38 -15.05 -2.49
C LEU A 268 -16.25 -14.03 -2.55
N GLY A 269 -15.06 -14.42 -2.09
CA GLY A 269 -13.88 -13.56 -2.16
C GLY A 269 -13.77 -12.50 -1.07
N PHE A 270 -14.41 -12.71 0.07
CA PHE A 270 -14.26 -11.81 1.20
C PHE A 270 -12.93 -12.08 1.90
N THR A 271 -12.31 -11.02 2.37
CA THR A 271 -11.20 -11.15 3.30
C THR A 271 -11.83 -11.52 4.64
N ILE A 272 -11.22 -12.45 5.35
CA ILE A 272 -11.84 -12.98 6.57
C ILE A 272 -11.17 -12.52 7.85
N MET A 273 -11.97 -11.98 8.77
CA MET A 273 -11.55 -11.77 10.14
C MET A 273 -12.39 -12.67 11.02
N VAL A 274 -11.75 -13.38 11.94
CA VAL A 274 -12.48 -14.12 12.95
C VAL A 274 -12.33 -13.41 14.29
N GLY A 275 -13.48 -12.95 14.82
CA GLY A 275 -13.49 -12.11 16.01
C GLY A 275 -14.14 -12.83 17.16
N CYS A 276 -14.46 -12.08 18.22
CA CYS A 276 -14.99 -12.68 19.43
C CYS A 276 -15.76 -11.64 20.24
N MET A 277 -16.59 -12.11 21.15
CA MET A 277 -17.18 -11.22 22.13
C MET A 277 -16.24 -11.20 23.33
N LEU A 278 -16.46 -10.26 24.24
CA LEU A 278 -15.65 -10.19 25.46
C LEU A 278 -15.92 -11.43 26.31
N GLY A 279 -15.16 -12.50 26.07
CA GLY A 279 -15.38 -13.76 26.76
C GLY A 279 -14.09 -14.37 27.28
N THR A 280 -14.17 -15.60 27.77
CA THR A 280 -13.00 -16.26 28.36
C THR A 280 -12.31 -17.18 27.37
N SER A 281 -11.25 -17.84 27.82
CA SER A 281 -10.54 -18.80 26.98
C SER A 281 -11.47 -19.90 26.47
N LEU A 282 -12.50 -20.21 27.25
CA LEU A 282 -13.46 -21.22 26.82
C LEU A 282 -14.20 -20.77 25.55
N GLY A 283 -14.52 -19.48 25.47
CA GLY A 283 -15.14 -18.94 24.28
C GLY A 283 -14.18 -18.79 23.11
N MET A 284 -12.92 -18.49 23.41
CA MET A 284 -11.91 -18.31 22.37
C MET A 284 -11.57 -19.63 21.67
N ALA A 285 -11.56 -20.73 22.42
CA ALA A 285 -11.04 -22.01 21.94
C ALA A 285 -11.63 -22.48 20.60
N PRO A 286 -12.96 -22.54 20.48
CA PRO A 286 -13.44 -22.98 19.17
C PRO A 286 -13.16 -21.96 18.06
N ALA A 287 -13.01 -20.68 18.42
CA ALA A 287 -12.86 -19.65 17.39
C ALA A 287 -11.45 -19.69 16.80
N VAL A 288 -10.49 -20.16 17.60
CA VAL A 288 -9.13 -20.41 17.16
C VAL A 288 -9.14 -21.36 15.95
N LEU A 289 -10.09 -22.28 15.94
CA LEU A 289 -10.18 -23.24 14.84
C LEU A 289 -10.68 -22.57 13.56
N VAL A 290 -11.64 -21.66 13.69
CA VAL A 290 -12.16 -20.96 12.50
C VAL A 290 -11.13 -19.95 11.99
N ALA A 291 -10.29 -19.46 12.90
CA ALA A 291 -9.29 -18.44 12.55
C ALA A 291 -8.06 -18.99 11.83
N GLN A 292 -7.92 -20.30 11.75
CA GLN A 292 -6.77 -20.89 11.05
C GLN A 292 -6.78 -20.46 9.58
N GLY A 293 -5.71 -19.81 9.14
CA GLY A 293 -5.59 -19.45 7.73
C GLY A 293 -6.31 -18.19 7.28
N THR A 294 -6.92 -17.46 8.21
CA THR A 294 -7.62 -16.21 7.86
C THR A 294 -6.71 -14.99 7.96
N ALA A 295 -7.07 -13.94 7.23
CA ALA A 295 -6.27 -12.72 7.18
C ALA A 295 -6.13 -12.08 8.55
N PHE A 296 -7.19 -12.13 9.35
CA PHE A 296 -7.15 -11.50 10.68
C PHE A 296 -7.79 -12.40 11.72
N ALA A 297 -7.23 -12.38 12.93
CA ALA A 297 -7.84 -13.05 14.08
C ALA A 297 -7.91 -12.05 15.23
N ASP A 298 -9.09 -11.88 15.80
CA ASP A 298 -9.31 -10.97 16.93
C ASP A 298 -9.87 -11.78 18.09
N LEU A 299 -8.98 -12.41 18.85
CA LEU A 299 -9.38 -13.38 19.87
C LEU A 299 -8.74 -13.00 21.20
N ASP A 300 -8.89 -11.74 21.59
CA ASP A 300 -8.14 -11.20 22.73
C ASP A 300 -8.99 -11.08 23.99
N GLY A 301 -10.19 -11.67 23.97
CA GLY A 301 -11.09 -11.68 25.11
C GLY A 301 -10.45 -11.86 26.48
N PRO A 302 -9.76 -13.00 26.69
CA PRO A 302 -9.11 -13.29 27.97
C PRO A 302 -8.06 -12.24 28.34
N LEU A 303 -7.42 -11.62 27.36
CA LEU A 303 -6.39 -10.62 27.65
C LEU A 303 -7.05 -9.35 28.18
N LEU A 304 -8.36 -9.21 27.94
CA LEU A 304 -9.08 -8.02 28.37
C LEU A 304 -9.73 -8.25 29.75
N LEU A 305 -9.69 -9.50 30.21
CA LEU A 305 -10.20 -9.88 31.52
C LEU A 305 -9.12 -9.88 32.61
N ALA A 306 -9.52 -9.65 33.86
CA ALA A 306 -8.59 -9.71 34.99
C ALA A 306 -8.46 -11.13 35.54
N GLU A 307 -9.36 -12.01 35.10
CA GLU A 307 -9.43 -13.39 35.57
C GLU A 307 -10.01 -14.26 34.44
N ASP A 308 -9.23 -15.26 34.01
CA ASP A 308 -9.65 -16.14 32.92
C ASP A 308 -9.78 -17.56 33.49
N ARG A 309 -10.40 -18.45 32.72
CA ARG A 309 -10.44 -19.87 33.08
C ARG A 309 -9.06 -20.38 33.46
N ASP A 310 -9.01 -21.30 34.42
CA ASP A 310 -7.81 -22.06 34.69
C ASP A 310 -8.17 -23.53 34.63
N PRO A 311 -7.63 -24.26 33.64
CA PRO A 311 -6.66 -23.79 32.64
C PRO A 311 -7.30 -22.97 31.52
N GLY A 312 -6.50 -22.10 30.90
CA GLY A 312 -6.97 -21.30 29.79
C GLY A 312 -6.04 -21.44 28.60
N LEU A 313 -6.20 -20.57 27.60
CA LEU A 313 -5.30 -20.58 26.47
C LEU A 313 -4.00 -19.89 26.87
N VAL A 314 -2.90 -20.33 26.29
CA VAL A 314 -1.62 -19.66 26.51
C VAL A 314 -1.47 -18.56 25.49
N TYR A 315 -1.27 -17.32 25.95
CA TYR A 315 -0.90 -16.24 25.05
C TYR A 315 0.55 -15.89 25.35
N GLU A 316 1.41 -15.91 24.34
CA GLU A 316 2.79 -15.45 24.51
C GLU A 316 2.99 -14.26 23.59
N GLY A 317 2.99 -13.07 24.16
CA GLY A 317 2.92 -11.85 23.36
C GLY A 317 1.57 -11.85 22.68
N SER A 318 1.55 -11.74 21.35
CA SER A 318 0.29 -11.76 20.61
C SER A 318 0.04 -13.07 19.89
N LEU A 319 0.85 -14.08 20.19
CA LEU A 319 0.60 -15.39 19.59
C LEU A 319 -0.25 -16.19 20.57
N VAL A 320 -1.40 -16.68 20.11
CA VAL A 320 -2.24 -17.51 21.00
C VAL A 320 -2.12 -18.97 20.58
N TYR A 321 -1.92 -19.85 21.54
CA TYR A 321 -1.77 -21.29 21.25
C TYR A 321 -3.10 -22.02 21.31
N PRO A 322 -3.28 -23.04 20.45
CA PRO A 322 -4.60 -23.68 20.37
C PRO A 322 -4.98 -24.44 21.64
N ALA A 323 -6.29 -24.63 21.84
CA ALA A 323 -6.80 -25.25 23.05
C ALA A 323 -6.34 -26.69 23.22
N ARG A 324 -5.84 -27.00 24.42
CA ARG A 324 -5.61 -28.37 24.86
C ARG A 324 -6.93 -28.89 25.44
N PRO A 325 -7.12 -30.22 25.45
CA PRO A 325 -8.41 -30.77 25.88
C PRO A 325 -8.78 -30.49 27.34
N GLU A 326 -7.81 -30.14 28.20
CA GLU A 326 -8.11 -29.73 29.57
C GLU A 326 -9.00 -28.49 29.61
N LEU A 327 -9.01 -27.72 28.51
CA LEU A 327 -9.84 -26.54 28.37
C LEU A 327 -11.07 -26.81 27.51
N TRP A 328 -10.84 -27.25 26.28
CA TRP A 328 -11.91 -27.50 25.32
C TRP A 328 -11.39 -28.25 24.09
N GLY A 329 -12.22 -29.11 23.52
CA GLY A 329 -11.90 -29.72 22.24
C GLY A 329 -11.23 -31.08 22.34
N PRO B 4 23.86 33.74 -32.01
CA PRO B 4 24.44 33.03 -30.86
C PRO B 4 23.87 33.53 -29.52
N ARG B 5 23.41 32.62 -28.66
CA ARG B 5 22.78 33.01 -27.41
C ARG B 5 23.77 33.50 -26.37
N TYR B 6 23.36 34.53 -25.63
CA TYR B 6 24.17 35.15 -24.58
C TYR B 6 23.39 35.05 -23.29
N LEU B 7 24.03 34.58 -22.22
CA LEU B 7 23.36 34.54 -20.91
C LEU B 7 24.04 35.53 -19.97
N GLN B 8 23.26 36.19 -19.12
CA GLN B 8 23.83 37.18 -18.21
C GLN B 8 23.08 37.22 -16.89
N ALA B 9 23.81 37.18 -15.78
CA ALA B 9 23.18 37.38 -14.46
C ALA B 9 23.42 38.79 -13.93
N THR B 10 22.41 39.37 -13.27
CA THR B 10 22.48 40.72 -12.74
C THR B 10 21.90 40.75 -11.34
N THR B 11 22.55 41.47 -10.42
CA THR B 11 21.98 41.63 -9.07
C THR B 11 21.34 43.01 -8.94
N GLU B 12 20.13 43.06 -8.38
CA GLU B 12 19.47 44.34 -8.14
C GLU B 12 18.91 44.43 -6.72
N ARG B 13 18.95 45.62 -6.14
CA ARG B 13 18.40 45.85 -4.80
C ARG B 13 17.15 46.72 -4.88
N PHE B 14 16.07 46.25 -4.27
CA PHE B 14 14.82 47.02 -4.18
C PHE B 14 14.52 47.33 -2.72
N ALA B 15 14.17 48.58 -2.44
CA ALA B 15 13.83 48.97 -1.08
C ALA B 15 12.47 48.38 -0.68
N VAL B 16 12.41 47.82 0.54
CA VAL B 16 11.15 47.42 1.13
C VAL B 16 10.40 48.68 1.56
N ALA B 17 9.07 48.69 1.43
CA ALA B 17 8.31 49.84 1.93
C ALA B 17 8.23 49.70 3.44
N GLY B 18 9.08 50.45 4.15
CA GLY B 18 9.20 50.30 5.59
C GLY B 18 10.15 49.16 5.89
N SER B 19 9.65 48.09 6.52
CA SER B 19 10.48 46.91 6.74
C SER B 19 9.61 45.66 6.69
N PHE B 20 10.25 44.51 6.50
CA PHE B 20 9.56 43.22 6.42
C PHE B 20 10.13 42.34 7.51
N THR B 21 9.28 41.86 8.41
CA THR B 21 9.78 41.11 9.55
C THR B 21 9.07 39.78 9.68
N ILE B 22 9.86 38.71 9.74
CA ILE B 22 9.37 37.38 10.07
C ILE B 22 10.05 36.90 11.35
N SER B 23 9.74 35.69 11.78
CA SER B 23 10.21 35.20 13.07
C SER B 23 11.75 35.20 13.15
N ARG B 24 12.39 35.07 11.99
CA ARG B 24 13.86 34.97 11.92
C ARG B 24 14.60 36.32 11.83
N GLY B 25 13.89 37.41 11.56
CA GLY B 25 14.56 38.70 11.44
C GLY B 25 13.86 39.73 10.58
N THR B 26 14.43 40.94 10.54
CA THR B 26 13.90 42.08 9.78
C THR B 26 14.78 42.38 8.56
N ARG B 27 14.15 42.70 7.43
CA ARG B 27 14.87 43.13 6.23
C ARG B 27 14.31 44.48 5.77
N THR B 28 15.17 45.37 5.27
CA THR B 28 14.70 46.63 4.72
C THR B 28 14.94 46.71 3.21
N HIS B 29 15.62 45.70 2.68
CA HIS B 29 15.87 45.62 1.24
C HIS B 29 15.56 44.23 0.72
N ALA B 30 15.25 44.15 -0.57
CA ALA B 30 15.06 42.86 -1.23
C ALA B 30 16.10 42.77 -2.32
N ASP B 31 16.96 41.76 -2.24
CA ASP B 31 18.02 41.55 -3.23
C ASP B 31 17.62 40.40 -4.15
N VAL B 32 17.55 40.69 -5.44
CA VAL B 32 17.11 39.71 -6.42
C VAL B 32 18.23 39.51 -7.42
N VAL B 33 18.22 38.37 -8.10
CA VAL B 33 19.17 38.15 -9.18
C VAL B 33 18.35 37.77 -10.41
N THR B 34 18.65 38.39 -11.54
CA THR B 34 17.96 38.05 -12.77
C THR B 34 18.89 37.33 -13.74
N CYS B 35 18.30 36.46 -14.54
CA CYS B 35 19.03 35.82 -15.62
C CYS B 35 18.43 36.31 -16.93
N THR B 36 19.27 36.87 -17.79
CA THR B 36 18.82 37.39 -19.07
C THR B 36 19.44 36.55 -20.18
N ILE B 37 18.61 36.04 -21.09
CA ILE B 37 19.15 35.24 -22.20
C ILE B 37 18.74 35.89 -23.51
N ARG B 38 19.72 36.26 -24.33
CA ARG B 38 19.44 36.94 -25.60
C ARG B 38 19.68 36.00 -26.76
N ASP B 39 18.80 36.07 -27.76
CA ASP B 39 18.94 35.30 -28.99
C ASP B 39 18.54 36.23 -30.11
N GLY B 40 19.53 36.75 -30.84
CA GLY B 40 19.28 37.74 -31.87
C GLY B 40 18.62 38.98 -31.29
N SER B 41 17.44 39.31 -31.81
CA SER B 41 16.72 40.49 -31.35
C SER B 41 15.74 40.14 -30.21
N PHE B 42 15.73 38.88 -29.81
CA PHE B 42 14.82 38.43 -28.75
C PHE B 42 15.52 38.30 -27.40
N THR B 43 14.80 38.63 -26.33
CA THR B 43 15.35 38.56 -24.98
C THR B 43 14.36 37.85 -24.05
N GLY B 44 14.87 36.94 -23.23
CA GLY B 44 14.08 36.36 -22.16
C GLY B 44 14.71 36.70 -20.82
N ILE B 45 13.90 36.87 -19.80
CA ILE B 45 14.43 37.21 -18.48
C ILE B 45 13.67 36.48 -17.37
N GLY B 46 14.38 36.13 -16.30
CA GLY B 46 13.78 35.44 -15.18
C GLY B 46 14.42 35.92 -13.89
N GLU B 47 13.59 36.06 -12.85
CA GLU B 47 14.07 36.59 -11.57
C GLU B 47 14.13 35.47 -10.53
N CYS B 48 15.06 35.58 -9.60
CA CYS B 48 15.04 34.71 -8.44
C CYS B 48 15.44 35.51 -7.20
N VAL B 49 15.22 34.91 -6.04
CA VAL B 49 15.50 35.57 -4.78
C VAL B 49 16.30 34.64 -3.89
N PRO B 50 17.61 34.88 -3.80
CA PRO B 50 18.46 34.01 -2.97
C PRO B 50 17.96 34.04 -1.53
N TYR B 51 17.92 32.88 -0.87
CA TYR B 51 17.37 32.77 0.48
C TYR B 51 18.39 32.15 1.41
N PRO B 52 19.02 32.99 2.25
CA PRO B 52 20.06 32.53 3.16
C PRO B 52 19.59 31.38 4.07
N ARG B 53 18.30 31.30 4.35
CA ARG B 53 17.78 30.19 5.14
C ARG B 53 17.98 28.86 4.42
N TYR B 54 18.07 28.89 3.08
CA TYR B 54 18.34 27.69 2.31
C TYR B 54 19.79 27.59 1.83
N GLY B 55 20.67 28.38 2.46
CA GLY B 55 22.10 28.31 2.18
C GLY B 55 22.52 29.07 0.94
N GLU B 56 21.63 29.90 0.43
CA GLU B 56 21.90 30.64 -0.79
C GLU B 56 22.45 32.03 -0.48
N SER B 57 23.26 32.56 -1.39
CA SER B 57 23.71 33.95 -1.29
C SER B 57 23.60 34.56 -2.67
N ILE B 58 23.67 35.89 -2.73
CA ILE B 58 23.69 36.58 -4.02
C ILE B 58 24.88 36.07 -4.84
N GLU B 59 26.03 35.90 -4.18
CA GLU B 59 27.24 35.49 -4.87
C GLU B 59 27.14 34.03 -5.35
N GLY B 60 26.65 33.16 -4.50
CA GLY B 60 26.59 31.75 -4.85
C GLY B 60 25.58 31.50 -5.95
N VAL B 61 24.44 32.19 -5.87
CA VAL B 61 23.39 32.01 -6.87
C VAL B 61 23.86 32.54 -8.21
N THR B 62 24.52 33.69 -8.16
CA THR B 62 25.05 34.33 -9.36
C THR B 62 26.04 33.37 -10.05
N ALA B 63 26.87 32.72 -9.24
CA ALA B 63 27.86 31.78 -9.76
C ALA B 63 27.22 30.53 -10.35
N ASP B 64 26.19 30.01 -9.70
CA ASP B 64 25.47 28.85 -10.23
C ASP B 64 24.80 29.20 -11.58
N ILE B 65 24.20 30.37 -11.67
CA ILE B 65 23.61 30.84 -12.94
C ILE B 65 24.69 31.00 -14.00
N GLU B 66 25.73 31.76 -13.67
CA GLU B 66 26.81 31.99 -14.64
C GLU B 66 27.53 30.73 -15.12
N ALA B 67 27.53 29.68 -14.30
CA ALA B 67 28.13 28.41 -14.72
C ALA B 67 27.38 27.74 -15.87
N MET B 68 26.15 28.18 -16.11
CA MET B 68 25.32 27.63 -17.16
C MET B 68 25.48 28.38 -18.48
N ALA B 69 26.22 29.48 -18.45
CA ALA B 69 26.34 30.40 -19.59
C ALA B 69 26.70 29.72 -20.91
N ASP B 70 27.78 28.96 -20.93
CA ASP B 70 28.21 28.34 -22.18
C ASP B 70 27.24 27.28 -22.70
N ARG B 71 26.63 26.49 -21.81
CA ARG B 71 25.65 25.50 -22.25
C ARG B 71 24.39 26.15 -22.78
N VAL B 72 23.95 27.21 -22.12
CA VAL B 72 22.80 27.96 -22.59
C VAL B 72 23.07 28.58 -23.96
N ALA B 73 24.29 29.07 -24.15
CA ALA B 73 24.69 29.62 -25.44
C ALA B 73 24.53 28.60 -26.58
N ALA B 74 24.75 27.32 -26.29
CA ALA B 74 24.68 26.25 -27.30
C ALA B 74 23.31 25.58 -27.35
N GLY B 75 22.30 26.24 -26.79
CA GLY B 75 20.94 25.80 -26.99
C GLY B 75 20.32 24.94 -25.91
N LEU B 76 20.95 24.88 -24.73
CA LEU B 76 20.41 24.11 -23.61
C LEU B 76 18.90 24.36 -23.46
N THR B 77 18.11 23.30 -23.44
CA THR B 77 16.67 23.44 -23.31
C THR B 77 16.25 23.30 -21.85
N ARG B 78 15.01 23.66 -21.55
CA ARG B 78 14.53 23.56 -20.19
C ARG B 78 14.51 22.12 -19.73
N GLN B 79 14.25 21.21 -20.66
CA GLN B 79 14.24 19.78 -20.34
C GLN B 79 15.63 19.32 -19.87
N GLU B 80 16.66 19.75 -20.57
CA GLU B 80 18.01 19.42 -20.15
C GLU B 80 18.37 20.12 -18.84
N LEU B 81 17.95 21.36 -18.70
CA LEU B 81 18.19 22.14 -17.49
C LEU B 81 17.72 21.41 -16.21
N GLN B 82 16.60 20.70 -16.31
CA GLN B 82 16.05 20.03 -15.13
C GLN B 82 16.99 18.94 -14.64
N GLN B 83 17.77 18.36 -15.55
CA GLN B 83 18.65 17.24 -15.20
C GLN B 83 20.08 17.60 -14.87
N VAL B 84 20.49 18.83 -15.17
CA VAL B 84 21.87 19.22 -14.96
C VAL B 84 22.02 20.41 -14.02
N MET B 85 20.90 20.83 -13.45
CA MET B 85 20.91 21.88 -12.42
C MET B 85 19.92 21.51 -11.33
N LYS B 86 20.28 21.76 -10.07
CA LYS B 86 19.40 21.39 -8.95
C LYS B 86 18.36 22.47 -8.71
N PRO B 87 17.25 22.10 -8.04
CA PRO B 87 16.23 23.09 -7.66
C PRO B 87 16.84 24.14 -6.76
N GLY B 88 16.31 25.36 -6.81
CA GLY B 88 16.85 26.46 -6.02
C GLY B 88 16.69 27.75 -6.79
N ALA B 89 17.09 28.85 -6.17
CA ALA B 89 16.90 30.17 -6.79
C ALA B 89 17.56 30.23 -8.17
N ALA B 90 18.78 29.73 -8.27
CA ALA B 90 19.53 29.86 -9.51
C ALA B 90 18.78 29.21 -10.68
N ARG B 91 18.31 27.99 -10.48
CA ARG B 91 17.63 27.31 -11.58
C ARG B 91 16.32 28.01 -11.91
N ASN B 92 15.69 28.58 -10.89
CA ASN B 92 14.47 29.36 -11.10
C ASN B 92 14.70 30.46 -12.11
N ALA B 93 15.74 31.26 -11.90
CA ALA B 93 16.03 32.36 -12.83
C ALA B 93 16.26 31.86 -14.26
N VAL B 94 17.06 30.81 -14.41
CA VAL B 94 17.38 30.32 -15.76
C VAL B 94 16.14 29.73 -16.45
N ASP B 95 15.43 28.87 -15.74
CA ASP B 95 14.21 28.25 -16.28
C ASP B 95 13.19 29.28 -16.74
N CYS B 96 12.95 30.30 -15.92
CA CYS B 96 11.94 31.29 -16.29
C CYS B 96 12.44 32.19 -17.41
N ALA B 97 13.75 32.42 -17.47
CA ALA B 97 14.29 33.16 -18.61
C ALA B 97 14.05 32.39 -19.92
N LEU B 98 14.22 31.07 -19.88
CA LEU B 98 13.96 30.23 -21.06
C LEU B 98 12.48 30.22 -21.48
N TRP B 99 11.57 30.07 -20.52
CA TRP B 99 10.15 30.22 -20.82
C TRP B 99 9.88 31.55 -21.54
N ASP B 100 10.44 32.62 -21.00
CA ASP B 100 10.24 33.96 -21.54
C ASP B 100 10.83 34.07 -22.96
N LEU B 101 12.06 33.61 -23.13
CA LEU B 101 12.69 33.65 -24.45
C LEU B 101 11.86 32.88 -25.48
N GLU B 102 11.38 31.69 -25.11
CA GLU B 102 10.60 30.88 -26.04
C GLU B 102 9.33 31.60 -26.48
N ALA B 103 8.66 32.23 -25.54
CA ALA B 103 7.44 32.98 -25.85
C ALA B 103 7.74 34.17 -26.77
N LYS B 104 8.80 34.90 -26.48
CA LYS B 104 9.13 36.07 -27.29
C LYS B 104 9.56 35.63 -28.70
N MET B 105 10.29 34.51 -28.79
CA MET B 105 10.72 34.01 -30.10
C MET B 105 9.61 33.38 -30.94
N SER B 106 8.70 32.67 -30.30
CA SER B 106 7.65 31.98 -31.05
C SER B 106 6.41 32.85 -31.23
N GLY B 107 6.26 33.86 -30.36
CA GLY B 107 5.04 34.65 -30.35
C GLY B 107 3.89 33.90 -29.69
N LYS B 108 4.18 32.74 -29.12
CA LYS B 108 3.19 32.01 -28.33
C LYS B 108 3.35 32.31 -26.85
N ARG B 109 2.33 32.93 -26.25
CA ARG B 109 2.39 33.35 -24.85
C ARG B 109 2.61 32.16 -23.92
N ALA B 110 3.48 32.32 -22.93
CA ALA B 110 3.76 31.27 -21.94
C ALA B 110 2.47 30.80 -21.26
N ALA B 111 1.61 31.74 -20.88
CA ALA B 111 0.34 31.40 -20.23
C ALA B 111 -0.51 30.46 -21.11
N GLU B 112 -0.52 30.73 -22.40
CA GLU B 112 -1.29 29.90 -23.33
C GLU B 112 -0.69 28.51 -23.53
N GLN B 113 0.63 28.42 -23.36
N GLN B 113 0.62 28.36 -23.37
CA GLN B 113 1.30 27.12 -23.38
CA GLN B 113 1.15 26.98 -23.42
C GLN B 113 0.86 26.29 -22.18
C GLN B 113 0.73 26.25 -22.16
N VAL B 114 0.83 26.93 -21.02
CA VAL B 114 0.50 26.27 -19.76
C VAL B 114 -0.98 25.92 -19.64
N LEU B 115 -1.87 26.82 -20.06
CA LEU B 115 -3.31 26.63 -19.85
C LEU B 115 -4.14 26.38 -21.12
N GLY B 116 -3.51 26.54 -22.28
CA GLY B 116 -4.24 26.49 -23.54
C GLY B 116 -5.00 27.78 -23.84
N GLN B 117 -4.91 28.76 -22.93
CA GLN B 117 -5.67 30.00 -23.07
C GLN B 117 -5.08 31.04 -22.09
N PRO B 118 -5.54 32.30 -22.16
CA PRO B 118 -4.90 33.26 -21.23
C PRO B 118 -5.20 32.95 -19.77
N ALA B 119 -4.28 33.35 -18.89
CA ALA B 119 -4.45 33.15 -17.45
C ALA B 119 -5.45 34.14 -16.90
N GLN B 120 -5.97 33.85 -15.71
CA GLN B 120 -7.00 34.69 -15.11
C GLN B 120 -6.47 35.37 -13.87
N PRO B 121 -7.05 36.52 -13.52
CA PRO B 121 -6.61 37.17 -12.28
C PRO B 121 -7.05 36.36 -11.07
N LEU B 122 -6.37 36.57 -9.95
CA LEU B 122 -6.71 35.88 -8.72
C LEU B 122 -6.43 36.76 -7.51
N VAL B 123 -6.92 36.38 -6.35
CA VAL B 123 -6.68 37.16 -5.13
C VAL B 123 -5.41 36.69 -4.44
N THR B 124 -4.49 37.61 -4.20
CA THR B 124 -3.30 37.29 -3.42
C THR B 124 -3.51 37.62 -1.94
N ALA B 125 -2.84 36.89 -1.07
CA ALA B 125 -2.71 37.32 0.31
C ALA B 125 -1.89 38.60 0.34
N TYR B 126 -1.98 39.33 1.46
CA TYR B 126 -1.15 40.49 1.72
C TYR B 126 -0.56 40.31 3.11
N THR B 127 0.77 40.44 3.23
CA THR B 127 1.45 40.05 4.45
C THR B 127 1.59 41.19 5.46
N ILE B 128 1.16 40.93 6.69
CA ILE B 128 1.37 41.84 7.81
C ILE B 128 2.60 41.35 8.58
N SER B 129 3.63 42.19 8.66
CA SER B 129 4.88 41.82 9.32
C SER B 129 4.74 41.63 10.83
N LEU B 130 5.59 40.77 11.38
CA LEU B 130 5.61 40.55 12.82
C LEU B 130 6.08 41.82 13.52
N ALA B 131 5.30 42.30 14.47
CA ALA B 131 5.64 43.48 15.24
C ALA B 131 4.85 43.46 16.55
N ASP B 132 4.95 44.53 17.34
CA ASP B 132 4.11 44.60 18.54
C ASP B 132 2.62 44.61 18.13
N PRO B 133 1.73 44.13 19.01
CA PRO B 133 0.29 44.05 18.72
C PRO B 133 -0.33 45.33 18.13
N ASP B 134 -0.02 46.48 18.70
CA ASP B 134 -0.60 47.74 18.25
C ASP B 134 -0.20 48.08 16.82
N THR B 135 1.07 47.83 16.51
CA THR B 135 1.58 48.08 15.16
C THR B 135 0.92 47.14 14.16
N MET B 136 0.83 45.87 14.52
CA MET B 136 0.20 44.89 13.63
C MET B 136 -1.27 45.17 13.44
N ALA B 137 -1.94 45.62 14.49
CA ALA B 137 -3.36 45.97 14.40
C ALA B 137 -3.55 47.13 13.46
N ALA B 138 -2.72 48.16 13.62
CA ALA B 138 -2.83 49.36 12.79
C ALA B 138 -2.60 49.01 11.32
N LYS B 139 -1.58 48.22 11.04
CA LYS B 139 -1.27 47.85 9.66
C LYS B 139 -2.39 47.01 9.06
N THR B 140 -2.94 46.12 9.89
CA THR B 140 -4.05 45.26 9.47
C THR B 140 -5.25 46.12 9.10
N ALA B 141 -5.58 47.07 9.98
CA ALA B 141 -6.72 47.93 9.79
C ALA B 141 -6.53 48.81 8.55
N GLU B 142 -5.30 49.28 8.32
CA GLU B 142 -4.99 50.04 7.11
C GLU B 142 -5.26 49.22 5.86
N ASN B 143 -5.28 47.89 6.00
CA ASN B 143 -5.50 46.99 4.88
C ASN B 143 -6.77 46.12 5.01
N ALA B 144 -7.68 46.53 5.90
CA ALA B 144 -8.83 45.70 6.27
C ALA B 144 -9.79 45.45 5.11
N GLY B 145 -9.73 46.29 4.08
CA GLY B 145 -10.51 46.08 2.87
C GLY B 145 -10.01 44.92 2.00
N ARG B 146 -8.74 44.55 2.15
CA ARG B 146 -8.19 43.39 1.43
C ARG B 146 -8.84 42.11 1.95
N PRO B 147 -9.18 41.18 1.04
CA PRO B 147 -9.96 40.02 1.48
C PRO B 147 -9.15 38.93 2.18
N LEU B 148 -7.84 38.89 1.97
CA LEU B 148 -7.01 37.83 2.51
C LEU B 148 -5.73 38.40 3.12
N LEU B 149 -5.57 38.19 4.43
CA LEU B 149 -4.43 38.75 5.14
C LEU B 149 -3.54 37.61 5.65
N LYS B 150 -2.23 37.74 5.43
CA LYS B 150 -1.27 36.75 5.91
C LYS B 150 -0.48 37.35 7.08
N ILE B 151 -0.59 36.74 8.25
CA ILE B 151 -0.04 37.35 9.48
C ILE B 151 1.24 36.63 9.89
N LYS B 152 2.35 37.36 9.98
CA LYS B 152 3.60 36.73 10.42
C LYS B 152 3.60 36.61 11.93
N THR B 153 3.86 35.40 12.42
CA THR B 153 3.95 35.13 13.84
C THR B 153 5.26 34.42 14.10
N GLY B 154 5.37 33.81 15.29
CA GLY B 154 6.51 32.93 15.55
C GLY B 154 7.30 33.24 16.81
N THR B 155 6.60 33.64 17.88
CA THR B 155 7.24 33.86 19.18
C THR B 155 6.54 33.05 20.27
N ALA B 156 7.14 32.98 21.45
CA ALA B 156 6.53 32.25 22.57
C ALA B 156 5.28 32.95 23.13
N ASP B 157 4.95 34.12 22.60
CA ASP B 157 3.82 34.87 23.14
C ASP B 157 3.11 35.69 22.05
N ASP B 158 2.35 35.00 21.20
CA ASP B 158 1.73 35.65 20.05
C ASP B 158 0.24 35.85 20.25
N GLU B 159 -0.27 35.51 21.43
CA GLU B 159 -1.71 35.59 21.64
C GLU B 159 -2.29 36.99 21.41
N ALA B 160 -1.67 37.99 22.05
CA ALA B 160 -2.18 39.36 21.96
C ALA B 160 -2.11 39.85 20.52
N ARG B 161 -1.00 39.57 19.84
CA ARG B 161 -0.84 39.93 18.43
C ARG B 161 -1.95 39.36 17.57
N LEU B 162 -2.21 38.06 17.71
CA LEU B 162 -3.25 37.42 16.91
C LEU B 162 -4.62 38.00 17.22
N ARG B 163 -4.94 38.20 18.50
CA ARG B 163 -6.25 38.74 18.84
C ARG B 163 -6.44 40.17 18.33
N ALA B 164 -5.38 40.98 18.40
CA ALA B 164 -5.46 42.35 17.91
C ALA B 164 -5.69 42.36 16.40
N VAL B 165 -5.00 41.48 15.68
CA VAL B 165 -5.14 41.42 14.23
C VAL B 165 -6.55 41.04 13.78
N ARG B 166 -7.09 39.98 14.37
CA ARG B 166 -8.48 39.59 14.07
C ARG B 166 -9.48 40.70 14.41
N ALA B 167 -9.25 41.38 15.53
CA ALA B 167 -10.16 42.46 15.93
C ALA B 167 -10.12 43.61 14.92
N ALA B 168 -8.95 43.81 14.31
CA ALA B 168 -8.77 44.87 13.33
C ALA B 168 -9.41 44.57 11.97
N ALA B 169 -9.59 43.29 11.67
CA ALA B 169 -10.18 42.86 10.40
C ALA B 169 -11.13 41.70 10.63
N PRO B 170 -12.30 41.99 11.22
CA PRO B 170 -13.16 40.92 11.75
C PRO B 170 -13.73 39.95 10.72
N GLU B 171 -13.86 40.37 9.47
CA GLU B 171 -14.42 39.48 8.44
C GLU B 171 -13.42 39.10 7.34
N ALA B 172 -12.16 39.48 7.49
CA ALA B 172 -11.14 39.05 6.52
C ALA B 172 -10.86 37.57 6.68
N ARG B 173 -10.50 36.90 5.58
CA ARG B 173 -9.94 35.57 5.67
C ARG B 173 -8.48 35.76 6.06
N ILE B 174 -8.06 35.04 7.09
CA ILE B 174 -6.75 35.27 7.64
C ILE B 174 -5.99 33.97 7.64
N ILE B 175 -4.73 34.03 7.21
CA ILE B 175 -3.83 32.90 7.34
C ILE B 175 -2.60 33.37 8.12
N ILE B 176 -1.93 32.46 8.80
CA ILE B 176 -0.78 32.88 9.60
C ILE B 176 0.45 32.02 9.28
N ASP B 177 1.62 32.59 9.50
CA ASP B 177 2.87 31.98 9.10
C ASP B 177 3.89 32.25 10.22
N ALA B 178 4.31 31.18 10.89
CA ALA B 178 5.20 31.32 12.03
C ALA B 178 6.66 31.24 11.58
N ASN B 179 6.87 30.89 10.31
CA ASN B 179 8.22 30.60 9.79
C ASN B 179 9.08 29.83 10.79
N GLU B 180 8.62 28.65 11.21
CA GLU B 180 9.34 27.75 12.10
C GLU B 180 9.47 28.24 13.54
N GLY B 181 8.73 29.30 13.88
CA GLY B 181 8.95 30.00 15.14
C GLY B 181 8.32 29.39 16.38
N TRP B 182 7.45 28.40 16.21
CA TRP B 182 6.78 27.81 17.37
C TRP B 182 7.46 26.49 17.71
N ASN B 183 7.02 25.83 18.77
CA ASN B 183 7.65 24.58 19.20
C ASN B 183 6.66 23.57 19.78
N ASP B 184 7.17 22.44 20.24
CA ASP B 184 6.31 21.37 20.77
C ASP B 184 5.50 21.81 22.00
N ASP B 185 6.00 22.78 22.75
CA ASP B 185 5.30 23.20 23.95
C ASP B 185 4.15 24.17 23.69
N ASN B 186 4.20 24.77 22.50
N ASN B 186 4.14 24.84 22.55
CA ASN B 186 3.38 25.91 22.07
CA ASN B 186 3.05 25.80 22.34
C ASN B 186 2.20 25.49 21.20
C ASN B 186 2.17 25.57 21.12
N ILE B 187 2.53 24.61 20.26
CA ILE B 187 1.77 24.34 19.05
C ILE B 187 0.28 24.05 19.27
N GLU B 188 -0.05 23.22 20.24
CA GLU B 188 -1.45 22.88 20.50
C GLU B 188 -2.26 24.11 20.95
N TYR B 189 -1.68 24.92 21.84
CA TYR B 189 -2.34 26.15 22.27
C TYR B 189 -2.61 27.06 21.09
N TYR B 190 -1.60 27.24 20.23
CA TYR B 190 -1.73 28.14 19.09
C TYR B 190 -2.73 27.63 18.05
N LEU B 191 -2.77 26.30 17.85
CA LEU B 191 -3.73 25.73 16.90
C LEU B 191 -5.15 25.96 17.39
N LYS B 192 -5.35 25.83 18.69
CA LYS B 192 -6.64 26.08 19.33
C LYS B 192 -7.05 27.55 19.23
N LEU B 193 -6.11 28.45 19.49
CA LEU B 193 -6.38 29.89 19.34
C LEU B 193 -6.75 30.21 17.90
N ALA B 194 -5.93 29.73 16.95
CA ALA B 194 -6.19 29.98 15.53
C ALA B 194 -7.59 29.52 15.12
N ALA B 195 -8.01 28.35 15.62
CA ALA B 195 -9.36 27.87 15.35
C ALA B 195 -10.38 28.84 15.91
N GLU B 196 -10.12 29.32 17.13
CA GLU B 196 -11.01 30.28 17.77
C GLU B 196 -11.10 31.60 16.98
N LEU B 197 -9.98 32.02 16.41
CA LEU B 197 -9.96 33.26 15.63
C LEU B 197 -10.33 33.04 14.17
N LYS B 198 -10.83 31.85 13.84
CA LYS B 198 -11.34 31.55 12.49
C LYS B 198 -10.28 31.73 11.40
N ILE B 199 -9.05 31.33 11.73
CA ILE B 199 -7.92 31.34 10.82
C ILE B 199 -8.02 30.17 9.81
N SER B 200 -7.69 30.40 8.55
CA SER B 200 -7.90 29.37 7.52
C SER B 200 -6.68 28.51 7.30
N LEU B 201 -5.51 28.99 7.70
CA LEU B 201 -4.28 28.25 7.39
C LEU B 201 -3.11 28.66 8.28
N ILE B 202 -2.27 27.68 8.63
CA ILE B 202 -1.04 27.96 9.38
C ILE B 202 0.15 27.38 8.63
N GLU B 203 1.05 28.26 8.18
CA GLU B 203 2.25 27.83 7.49
C GLU B 203 3.36 27.59 8.48
N GLN B 204 4.07 26.49 8.27
CA GLN B 204 5.28 26.08 9.00
C GLN B 204 5.34 26.52 10.46
N PRO B 205 4.46 25.96 11.31
CA PRO B 205 4.52 26.34 12.72
C PRO B 205 5.82 25.87 13.38
N LEU B 206 6.32 24.70 12.99
CA LEU B 206 7.52 24.12 13.60
C LEU B 206 8.72 24.09 12.65
N PRO B 207 9.94 24.04 13.19
CA PRO B 207 11.14 23.96 12.35
C PRO B 207 11.14 22.72 11.46
N ALA B 208 11.58 22.87 10.20
CA ALA B 208 11.80 21.73 9.34
C ALA B 208 12.69 20.72 10.07
N GLY B 209 12.36 19.43 9.94
CA GLY B 209 13.12 18.38 10.59
C GLY B 209 12.82 18.18 12.07
N LYS B 210 12.01 19.07 12.64
CA LYS B 210 11.63 18.98 14.06
C LYS B 210 10.12 19.04 14.19
N ASP B 211 9.42 18.53 13.18
CA ASP B 211 7.98 18.75 13.05
C ASP B 211 7.16 17.48 13.20
N ALA B 212 7.76 16.42 13.74
CA ALA B 212 7.06 15.14 13.90
C ALA B 212 5.79 15.23 14.75
N MET B 213 5.75 16.17 15.70
CA MET B 213 4.56 16.34 16.52
C MET B 213 3.30 16.62 15.69
N LEU B 214 3.46 17.24 14.52
CA LEU B 214 2.31 17.54 13.67
C LEU B 214 1.54 16.27 13.25
N ALA B 215 2.24 15.15 13.15
CA ALA B 215 1.59 13.89 12.77
C ALA B 215 0.71 13.29 13.85
N ARG B 216 0.94 13.68 15.10
CA ARG B 216 0.24 13.05 16.23
C ARG B 216 -0.80 13.90 16.95
N ILE B 217 -0.98 15.15 16.53
CA ILE B 217 -2.00 16.00 17.12
C ILE B 217 -3.03 16.38 16.08
N GLU B 218 -4.25 16.66 16.51
CA GLU B 218 -5.30 17.04 15.57
C GLU B 218 -4.98 18.40 14.96
N HIS B 219 -5.46 18.64 13.75
CA HIS B 219 -5.26 19.91 13.07
C HIS B 219 -6.59 20.65 12.98
N PRO B 220 -6.87 21.52 13.96
CA PRO B 220 -8.15 22.25 13.95
C PRO B 220 -8.23 23.27 12.82
N VAL B 221 -7.06 23.64 12.30
N VAL B 221 -7.08 23.68 12.30
CA VAL B 221 -6.88 24.51 11.14
CA VAL B 221 -7.02 24.44 11.07
C VAL B 221 -5.93 23.77 10.19
C VAL B 221 -5.92 23.83 10.20
N LEU B 222 -6.03 23.99 8.88
CA LEU B 222 -5.09 23.40 7.94
C LEU B 222 -3.66 23.83 8.26
N ILE B 223 -2.71 22.90 8.15
CA ILE B 223 -1.31 23.19 8.39
C ILE B 223 -0.50 23.04 7.11
N CYS B 224 0.25 24.10 6.76
CA CYS B 224 0.91 24.16 5.45
C CYS B 224 2.42 24.10 5.60
N ALA B 225 3.06 23.21 4.84
CA ALA B 225 4.53 23.16 4.80
C ALA B 225 5.05 24.26 3.89
N ASP B 226 6.12 24.92 4.31
CA ASP B 226 6.85 25.85 3.45
C ASP B 226 8.35 25.52 3.45
N GLU B 227 9.04 25.95 4.50
CA GLU B 227 10.46 25.59 4.66
C GLU B 227 10.69 24.08 4.58
N SER B 228 9.69 23.29 4.96
CA SER B 228 9.84 21.83 4.91
C SER B 228 9.63 21.25 3.51
N VAL B 229 9.17 22.05 2.57
CA VAL B 229 8.89 21.50 1.24
C VAL B 229 9.51 22.29 0.09
N HIS B 230 10.35 21.64 -0.71
CA HIS B 230 11.00 22.34 -1.81
C HIS B 230 10.62 21.82 -3.21
N SER B 231 10.84 20.53 -3.47
CA SER B 231 10.56 19.96 -4.79
C SER B 231 9.60 18.77 -4.73
N THR B 232 9.24 18.23 -5.90
CA THR B 232 8.26 17.15 -6.00
C THR B 232 8.60 15.91 -5.18
N GLU B 233 9.88 15.58 -5.11
CA GLU B 233 10.33 14.43 -4.33
C GLU B 233 9.93 14.57 -2.86
N ASP B 234 9.84 15.79 -2.35
CA ASP B 234 9.57 16.03 -0.93
C ASP B 234 8.14 15.64 -0.49
N LEU B 235 7.23 15.48 -1.44
CA LEU B 235 5.80 15.53 -1.12
C LEU B 235 5.22 14.32 -0.37
N ALA B 236 5.48 13.10 -0.86
CA ALA B 236 4.78 11.95 -0.30
C ALA B 236 5.07 11.74 1.19
N GLY B 237 6.31 12.01 1.59
CA GLY B 237 6.71 11.87 2.99
C GLY B 237 6.12 12.92 3.92
N LEU B 238 5.47 13.94 3.37
CA LEU B 238 4.92 15.02 4.18
C LEU B 238 3.44 14.85 4.51
N ARG B 239 2.81 13.81 3.99
CA ARG B 239 1.36 13.65 4.12
C ARG B 239 0.85 13.45 5.55
N ASP B 240 1.67 12.80 6.38
CA ASP B 240 1.31 12.55 7.77
C ASP B 240 1.27 13.83 8.59
N ARG B 241 2.10 14.80 8.21
CA ARG B 241 2.26 16.02 9.00
C ARG B 241 1.53 17.24 8.44
N TYR B 242 1.34 17.31 7.13
CA TYR B 242 0.82 18.54 6.51
C TYR B 242 -0.43 18.34 5.67
N ASP B 243 -1.36 19.28 5.75
CA ASP B 243 -2.56 19.25 4.93
C ASP B 243 -2.38 20.05 3.64
N ALA B 244 -1.36 20.91 3.62
CA ALA B 244 -1.16 21.83 2.51
C ALA B 244 0.31 22.02 2.25
N ILE B 245 0.64 22.45 1.04
CA ILE B 245 2.03 22.79 0.73
C ILE B 245 2.09 24.15 0.05
N ASN B 246 3.14 24.90 0.36
CA ASN B 246 3.40 26.20 -0.28
C ASN B 246 4.45 25.98 -1.35
N ILE B 247 4.00 26.02 -2.61
CA ILE B 247 4.87 25.84 -3.75
C ILE B 247 5.43 27.20 -4.15
N LYS B 248 6.74 27.30 -4.25
CA LYS B 248 7.39 28.55 -4.63
C LYS B 248 8.40 28.27 -5.71
N LEU B 249 8.48 29.16 -6.70
CA LEU B 249 9.37 28.89 -7.83
C LEU B 249 10.86 28.92 -7.43
N ASP B 250 11.17 29.69 -6.39
CA ASP B 250 12.55 29.72 -5.89
C ASP B 250 12.93 28.42 -5.19
N LYS B 251 11.93 27.67 -4.74
CA LYS B 251 12.19 26.36 -4.14
C LYS B 251 12.18 25.23 -5.16
N THR B 252 11.26 25.27 -6.12
CA THR B 252 11.18 24.23 -7.17
C THR B 252 12.24 24.42 -8.22
N GLY B 253 12.88 25.58 -8.23
CA GLY B 253 13.84 25.91 -9.26
C GLY B 253 13.21 26.14 -10.63
N GLY B 254 12.11 26.89 -10.65
CA GLY B 254 11.54 27.31 -11.92
C GLY B 254 10.09 26.89 -12.13
N LEU B 255 9.48 27.44 -13.18
CA LEU B 255 8.10 27.11 -13.55
C LEU B 255 7.95 25.66 -13.98
N THR B 256 8.94 25.15 -14.71
CA THR B 256 8.84 23.78 -15.22
C THR B 256 8.56 22.80 -14.08
N GLU B 257 9.38 22.86 -13.04
CA GLU B 257 9.24 21.94 -11.92
C GLU B 257 8.04 22.30 -11.04
N ALA B 258 7.72 23.58 -10.96
CA ALA B 258 6.57 23.98 -10.14
C ALA B 258 5.29 23.33 -10.68
N LEU B 259 5.17 23.22 -12.00
CA LEU B 259 3.97 22.58 -12.58
C LEU B 259 3.96 21.09 -12.33
N VAL B 260 5.13 20.46 -12.39
CA VAL B 260 5.24 19.04 -12.05
C VAL B 260 4.85 18.81 -10.59
N MET B 261 5.32 19.68 -9.72
CA MET B 261 5.05 19.55 -8.29
C MET B 261 3.58 19.80 -8.00
N LYS B 262 2.99 20.77 -8.68
CA LYS B 262 1.57 21.04 -8.47
C LYS B 262 0.73 19.82 -8.84
N ALA B 263 1.06 19.19 -9.97
CA ALA B 263 0.30 18.03 -10.42
C ALA B 263 0.39 16.90 -9.40
N GLU B 264 1.59 16.65 -8.89
CA GLU B 264 1.80 15.60 -7.90
C GLU B 264 1.19 15.93 -6.54
N ALA B 265 1.27 17.18 -6.11
CA ALA B 265 0.69 17.56 -4.83
C ALA B 265 -0.82 17.39 -4.87
N GLU B 266 -1.43 17.73 -6.00
CA GLU B 266 -2.88 17.53 -6.16
C GLU B 266 -3.24 16.06 -6.20
N ARG B 267 -2.46 15.26 -6.92
CA ARG B 267 -2.69 13.82 -6.97
C ARG B 267 -2.61 13.21 -5.57
N LEU B 268 -1.70 13.70 -4.75
CA LEU B 268 -1.54 13.21 -3.37
C LEU B 268 -2.58 13.78 -2.42
N GLY B 269 -3.39 14.71 -2.90
CA GLY B 269 -4.48 15.25 -2.11
C GLY B 269 -4.17 16.46 -1.25
N PHE B 270 -3.01 17.09 -1.45
CA PHE B 270 -2.65 18.30 -0.69
C PHE B 270 -3.50 19.50 -1.11
N THR B 271 -3.86 20.34 -0.15
CA THR B 271 -4.42 21.65 -0.45
C THR B 271 -3.26 22.50 -0.94
N ILE B 272 -3.45 23.30 -1.98
CA ILE B 272 -2.34 24.00 -2.61
C ILE B 272 -2.29 25.50 -2.33
N MET B 273 -1.12 25.96 -1.91
N MET B 273 -1.11 25.96 -1.92
CA MET B 273 -0.81 27.39 -1.84
CA MET B 273 -0.83 27.38 -1.87
C MET B 273 0.33 27.66 -2.80
C MET B 273 0.31 27.64 -2.84
N VAL B 274 0.26 28.77 -3.53
CA VAL B 274 1.39 29.16 -4.38
C VAL B 274 1.92 30.47 -3.82
N GLY B 275 3.15 30.45 -3.33
CA GLY B 275 3.71 31.57 -2.59
C GLY B 275 4.87 32.22 -3.32
N CYS B 276 5.64 33.02 -2.60
CA CYS B 276 6.73 33.76 -3.24
C CYS B 276 7.77 34.11 -2.20
N MET B 277 8.90 34.60 -2.70
CA MET B 277 9.89 35.26 -1.86
C MET B 277 9.67 36.75 -2.03
N LEU B 278 10.30 37.58 -1.21
CA LEU B 278 10.06 39.00 -1.36
C LEU B 278 10.81 39.51 -2.59
N GLY B 279 10.11 39.51 -3.73
CA GLY B 279 10.71 39.92 -5.00
C GLY B 279 9.76 40.84 -5.75
N THR B 280 10.06 41.11 -7.02
CA THR B 280 9.33 42.12 -7.81
C THR B 280 8.24 41.45 -8.64
N SER B 281 7.54 42.25 -9.45
CA SER B 281 6.56 41.71 -10.40
C SER B 281 7.17 40.66 -11.32
N LEU B 282 8.44 40.82 -11.67
CA LEU B 282 9.07 39.88 -12.59
C LEU B 282 9.10 38.47 -12.00
N GLY B 283 9.36 38.38 -10.71
CA GLY B 283 9.35 37.11 -10.03
C GLY B 283 7.94 36.58 -9.84
N MET B 284 6.98 37.47 -9.62
CA MET B 284 5.61 37.00 -9.41
C MET B 284 5.01 36.44 -10.69
N ALA B 285 5.46 36.96 -11.84
CA ALA B 285 4.79 36.67 -13.11
C ALA B 285 4.61 35.18 -13.44
N PRO B 286 5.71 34.40 -13.44
CA PRO B 286 5.45 32.99 -13.74
C PRO B 286 4.64 32.30 -12.66
N ALA B 287 4.75 32.77 -11.42
CA ALA B 287 4.03 32.12 -10.32
C ALA B 287 2.52 32.28 -10.48
N VAL B 288 2.08 33.37 -11.11
CA VAL B 288 0.65 33.56 -11.37
C VAL B 288 0.10 32.38 -12.18
N LEU B 289 0.92 31.82 -13.07
CA LEU B 289 0.47 30.68 -13.88
C LEU B 289 0.29 29.44 -13.03
N VAL B 290 1.15 29.27 -12.03
CA VAL B 290 1.04 28.13 -11.12
C VAL B 290 -0.15 28.30 -10.16
N ALA B 291 -0.43 29.54 -9.77
CA ALA B 291 -1.47 29.88 -8.79
C ALA B 291 -2.87 29.76 -9.36
N GLN B 292 -2.96 29.49 -10.66
CA GLN B 292 -4.26 29.37 -11.29
C GLN B 292 -5.10 28.31 -10.58
N GLY B 293 -6.25 28.75 -10.08
CA GLY B 293 -7.19 27.85 -9.45
C GLY B 293 -6.82 27.26 -8.11
N THR B 294 -5.72 27.71 -7.49
CA THR B 294 -5.33 27.14 -6.21
C THR B 294 -6.10 27.73 -5.04
N ALA B 295 -6.12 26.99 -3.93
CA ALA B 295 -6.85 27.39 -2.72
C ALA B 295 -6.32 28.69 -2.16
N PHE B 296 -5.00 28.88 -2.19
CA PHE B 296 -4.38 30.10 -1.67
C PHE B 296 -3.32 30.60 -2.64
N ALA B 297 -3.19 31.91 -2.76
CA ALA B 297 -2.07 32.51 -3.49
C ALA B 297 -1.45 33.59 -2.63
N ASP B 298 -0.13 33.59 -2.56
CA ASP B 298 0.59 34.61 -1.83
C ASP B 298 1.64 35.19 -2.77
N LEU B 299 1.27 36.22 -3.53
CA LEU B 299 2.14 36.83 -4.51
C LEU B 299 2.21 38.33 -4.27
N ASP B 300 2.54 38.72 -3.05
CA ASP B 300 2.44 40.11 -2.64
C ASP B 300 3.78 40.85 -2.62
N GLY B 301 4.84 40.22 -3.13
CA GLY B 301 6.15 40.87 -3.17
C GLY B 301 6.10 42.34 -3.57
N PRO B 302 5.55 42.63 -4.76
CA PRO B 302 5.41 44.01 -5.26
C PRO B 302 4.66 44.94 -4.30
N LEU B 303 3.67 44.41 -3.58
CA LEU B 303 2.89 45.23 -2.65
C LEU B 303 3.67 45.63 -1.40
N LEU B 304 4.81 44.97 -1.18
CA LEU B 304 5.64 45.21 0.00
C LEU B 304 6.86 46.06 -0.35
N LEU B 305 7.08 46.27 -1.65
CA LEU B 305 8.23 47.05 -2.09
C LEU B 305 7.89 48.51 -2.26
N ALA B 306 8.88 49.37 -2.03
CA ALA B 306 8.67 50.80 -2.16
C ALA B 306 8.58 51.19 -3.63
N GLU B 307 9.33 50.51 -4.50
CA GLU B 307 9.22 50.77 -5.94
C GLU B 307 9.40 49.50 -6.80
N ASP B 308 8.28 48.88 -7.14
CA ASP B 308 8.29 47.69 -7.97
C ASP B 308 8.77 48.06 -9.37
N ARG B 309 9.14 47.05 -10.16
CA ARG B 309 9.47 47.25 -11.57
C ARG B 309 8.33 47.88 -12.34
N ASP B 310 8.69 48.64 -13.37
CA ASP B 310 7.72 49.26 -14.25
C ASP B 310 8.21 49.01 -15.68
N PRO B 311 7.42 48.28 -16.48
CA PRO B 311 6.08 47.77 -16.16
C PRO B 311 6.12 46.60 -15.16
N GLY B 312 5.03 46.45 -14.42
CA GLY B 312 4.88 45.40 -13.42
C GLY B 312 3.56 44.69 -13.62
N LEU B 313 3.13 43.92 -12.61
CA LEU B 313 1.81 43.31 -12.65
C LEU B 313 0.79 44.36 -12.23
N VAL B 314 -0.41 44.26 -12.80
CA VAL B 314 -1.50 45.12 -12.37
C VAL B 314 -2.13 44.49 -11.14
N TYR B 315 -2.20 45.25 -10.05
CA TYR B 315 -2.99 44.84 -8.89
C TYR B 315 -4.16 45.80 -8.74
N GLU B 316 -5.35 45.27 -8.57
CA GLU B 316 -6.54 46.07 -8.25
C GLU B 316 -6.90 45.66 -6.85
N GLY B 317 -6.41 46.41 -5.87
CA GLY B 317 -6.49 45.97 -4.49
C GLY B 317 -5.64 44.71 -4.34
N SER B 318 -6.26 43.58 -3.98
CA SER B 318 -5.53 42.31 -3.87
C SER B 318 -5.79 41.37 -5.05
N LEU B 319 -6.46 41.86 -6.09
CA LEU B 319 -6.67 41.06 -7.30
C LEU B 319 -5.47 41.29 -8.21
N VAL B 320 -4.68 40.24 -8.43
CA VAL B 320 -3.47 40.37 -9.26
C VAL B 320 -3.70 39.77 -10.65
N TYR B 321 -3.27 40.49 -11.68
CA TYR B 321 -3.43 40.03 -13.06
C TYR B 321 -2.17 39.38 -13.58
N PRO B 322 -2.33 38.41 -14.49
CA PRO B 322 -1.15 37.79 -15.09
C PRO B 322 -0.34 38.82 -15.87
N ALA B 323 0.94 38.53 -16.08
CA ALA B 323 1.84 39.47 -16.74
C ALA B 323 1.47 39.72 -18.20
N ARG B 324 1.62 40.98 -18.61
CA ARG B 324 1.62 41.34 -20.02
C ARG B 324 3.01 41.04 -20.57
N PRO B 325 3.11 40.78 -21.88
CA PRO B 325 4.41 40.34 -22.40
C PRO B 325 5.51 41.39 -22.25
N GLU B 326 5.17 42.68 -22.08
CA GLU B 326 6.18 43.70 -21.87
C GLU B 326 6.94 43.43 -20.57
N LEU B 327 6.32 42.67 -19.68
CA LEU B 327 6.96 42.24 -18.43
C LEU B 327 7.57 40.85 -18.57
N TRP B 328 6.74 39.86 -18.88
CA TRP B 328 7.18 38.46 -18.94
C TRP B 328 6.16 37.59 -19.69
N GLY B 329 6.63 36.57 -20.39
CA GLY B 329 5.75 35.56 -20.95
C GLY B 329 5.23 35.86 -22.34
N MET C 3 16.77 -23.85 46.17
CA MET C 3 17.93 -24.16 45.34
C MET C 3 17.76 -23.61 43.93
N PRO C 4 18.68 -22.75 43.50
CA PRO C 4 18.54 -21.98 42.25
C PRO C 4 18.61 -22.86 41.02
N ARG C 5 18.09 -22.33 39.91
CA ARG C 5 18.29 -22.98 38.62
C ARG C 5 19.77 -22.90 38.27
N TYR C 6 20.23 -23.90 37.54
CA TYR C 6 21.62 -23.92 37.14
C TYR C 6 21.74 -24.17 35.64
N LEU C 7 22.37 -23.23 34.94
CA LEU C 7 22.58 -23.36 33.51
C LEU C 7 24.00 -23.85 33.25
N GLN C 8 24.17 -24.61 32.17
CA GLN C 8 25.48 -25.12 31.78
C GLN C 8 25.56 -25.35 30.28
N ALA C 9 26.68 -24.95 29.68
CA ALA C 9 26.91 -25.21 28.25
C ALA C 9 27.94 -26.32 28.05
N THR C 10 27.75 -27.14 27.01
CA THR C 10 28.65 -28.26 26.72
C THR C 10 28.89 -28.38 25.22
N THR C 11 30.14 -28.67 24.83
CA THR C 11 30.48 -28.86 23.42
C THR C 11 30.69 -30.34 23.14
N GLU C 12 30.14 -30.84 22.03
CA GLU C 12 30.32 -32.24 21.64
C GLU C 12 30.60 -32.38 20.13
N ARG C 13 31.50 -33.29 19.77
CA ARG C 13 31.82 -33.57 18.37
C ARG C 13 31.21 -34.90 17.95
N PHE C 14 30.51 -34.90 16.81
CA PHE C 14 29.97 -36.14 16.24
C PHE C 14 30.59 -36.40 14.87
N ALA C 15 31.03 -37.64 14.64
CA ALA C 15 31.51 -38.02 13.32
C ALA C 15 30.36 -38.02 12.33
N VAL C 16 30.60 -37.47 11.14
CA VAL C 16 29.67 -37.60 10.02
C VAL C 16 29.89 -38.96 9.34
N ALA C 17 28.81 -39.59 8.86
CA ALA C 17 28.94 -40.84 8.12
C ALA C 17 29.54 -40.52 6.76
N GLY C 18 30.86 -40.67 6.65
CA GLY C 18 31.58 -40.27 5.46
C GLY C 18 31.93 -38.80 5.59
N SER C 19 31.58 -38.01 4.59
CA SER C 19 31.83 -36.57 4.65
C SER C 19 30.61 -35.80 4.15
N PHE C 20 30.45 -34.56 4.61
CA PHE C 20 29.34 -33.72 4.19
C PHE C 20 29.91 -32.53 3.41
N THR C 21 29.42 -32.35 2.18
CA THR C 21 29.97 -31.32 1.31
C THR C 21 28.90 -30.45 0.70
N ILE C 22 29.07 -29.14 0.88
CA ILE C 22 28.28 -28.12 0.18
C ILE C 22 29.23 -27.29 -0.65
N SER C 23 28.68 -26.29 -1.33
CA SER C 23 29.47 -25.43 -2.22
C SER C 23 30.66 -24.82 -1.49
N ARG C 24 30.48 -24.50 -0.21
CA ARG C 24 31.53 -23.81 0.56
C ARG C 24 32.63 -24.72 1.09
N GLY C 25 32.40 -26.04 1.11
CA GLY C 25 33.42 -26.95 1.61
C GLY C 25 32.95 -28.30 2.12
N THR C 26 33.92 -29.10 2.56
CA THR C 26 33.65 -30.45 3.09
C THR C 26 33.96 -30.47 4.59
N ARG C 27 33.16 -31.22 5.36
CA ARG C 27 33.43 -31.44 6.78
C ARG C 27 33.22 -32.92 7.12
N THR C 28 33.92 -33.40 8.14
CA THR C 28 33.81 -34.80 8.55
C THR C 28 33.28 -34.96 9.97
N HIS C 29 33.04 -33.83 10.66
CA HIS C 29 32.51 -33.84 12.02
C HIS C 29 31.37 -32.85 12.17
N ALA C 30 30.50 -33.11 13.14
CA ALA C 30 29.47 -32.15 13.53
C ALA C 30 29.75 -31.70 14.95
N ASP C 31 30.05 -30.40 15.10
CA ASP C 31 30.29 -29.82 16.42
C ASP C 31 29.03 -29.12 16.89
N VAL C 32 28.48 -29.58 18.01
CA VAL C 32 27.27 -28.95 18.53
C VAL C 32 27.55 -28.37 19.91
N VAL C 33 26.74 -27.42 20.34
CA VAL C 33 26.83 -26.93 21.72
C VAL C 33 25.46 -27.09 22.37
N THR C 34 25.42 -27.69 23.56
CA THR C 34 24.16 -27.83 24.28
C THR C 34 24.06 -26.92 25.50
N CYS C 35 22.85 -26.43 25.76
CA CYS C 35 22.54 -25.71 26.99
C CYS C 35 21.69 -26.59 27.88
N THR C 36 22.20 -26.88 29.08
CA THR C 36 21.45 -27.66 30.07
C THR C 36 20.98 -26.79 31.23
N ILE C 37 19.69 -26.88 31.57
CA ILE C 37 19.14 -26.12 32.70
C ILE C 37 18.45 -27.05 33.69
N ARG C 38 18.92 -27.04 34.94
CA ARG C 38 18.35 -27.84 36.02
C ARG C 38 17.58 -26.99 37.01
N ASP C 39 16.42 -27.50 37.43
CA ASP C 39 15.64 -26.88 38.49
C ASP C 39 15.19 -28.02 39.40
N GLY C 40 15.88 -28.18 40.53
CA GLY C 40 15.66 -29.32 41.42
C GLY C 40 16.02 -30.62 40.73
N SER C 41 15.06 -31.54 40.69
CA SER C 41 15.26 -32.82 40.02
C SER C 41 15.25 -32.64 38.51
N PHE C 42 14.45 -31.67 38.06
CA PHE C 42 14.13 -31.53 36.64
C PHE C 42 15.26 -30.97 35.81
N THR C 43 15.25 -31.32 34.52
CA THR C 43 16.31 -30.91 33.62
C THR C 43 15.74 -30.67 32.23
N GLY C 44 16.03 -29.49 31.68
CA GLY C 44 15.74 -29.20 30.29
C GLY C 44 17.03 -29.02 29.52
N ILE C 45 17.01 -29.36 28.24
CA ILE C 45 18.19 -29.26 27.40
C ILE C 45 17.83 -28.84 25.97
N GLY C 46 18.69 -28.01 25.38
CA GLY C 46 18.53 -27.61 24.00
C GLY C 46 19.87 -27.69 23.29
N GLU C 47 19.83 -28.04 22.01
CA GLU C 47 21.03 -28.13 21.21
C GLU C 47 21.10 -26.99 20.20
N CYS C 48 22.31 -26.59 19.81
CA CYS C 48 22.49 -25.67 18.71
C CYS C 48 23.72 -26.04 17.89
N VAL C 49 23.82 -25.46 16.70
CA VAL C 49 24.93 -25.76 15.81
C VAL C 49 25.56 -24.46 15.35
N PRO C 50 26.69 -24.07 15.98
CA PRO C 50 27.33 -22.81 15.56
C PRO C 50 27.72 -22.89 14.08
N TYR C 51 27.54 -21.78 13.35
CA TYR C 51 27.76 -21.76 11.90
C TYR C 51 28.70 -20.62 11.52
N PRO C 52 29.97 -20.96 11.22
CA PRO C 52 31.00 -19.98 10.84
C PRO C 52 30.57 -19.08 9.67
N ARG C 53 29.73 -19.59 8.77
CA ARG C 53 29.20 -18.76 7.70
C ARG C 53 28.45 -17.55 8.28
N TYR C 54 27.92 -17.70 9.48
CA TYR C 54 27.19 -16.61 10.14
C TYR C 54 28.03 -15.94 11.22
N GLY C 55 29.34 -16.16 11.19
CA GLY C 55 30.25 -15.49 12.12
C GLY C 55 30.27 -16.10 13.50
N GLU C 56 29.75 -17.31 13.60
CA GLU C 56 29.64 -18.05 14.86
C GLU C 56 30.76 -19.03 15.05
N SER C 57 31.21 -19.19 16.30
CA SER C 57 32.16 -20.24 16.66
C SER C 57 31.62 -21.02 17.87
N ILE C 58 32.16 -22.21 18.09
CA ILE C 58 31.87 -22.96 19.31
C ILE C 58 32.16 -22.13 20.57
N GLU C 59 33.27 -21.40 20.56
CA GLU C 59 33.69 -20.59 21.70
C GLU C 59 32.76 -19.39 21.92
N GLY C 60 32.43 -18.71 20.82
CA GLY C 60 31.58 -17.54 20.89
C GLY C 60 30.18 -17.92 21.34
N VAL C 61 29.62 -18.95 20.70
CA VAL C 61 28.30 -19.43 21.04
C VAL C 61 28.26 -19.90 22.49
N THR C 62 29.27 -20.66 22.90
CA THR C 62 29.42 -21.07 24.29
C THR C 62 29.48 -19.85 25.22
N ALA C 63 30.26 -18.84 24.83
CA ALA C 63 30.38 -17.61 25.62
C ALA C 63 29.04 -16.87 25.71
N ASP C 64 28.31 -16.82 24.60
CA ASP C 64 27.01 -16.16 24.56
C ASP C 64 26.00 -16.90 25.46
N ILE C 65 26.05 -18.22 25.45
CA ILE C 65 25.18 -19.04 26.29
C ILE C 65 25.50 -18.84 27.77
N GLU C 66 26.77 -18.98 28.14
CA GLU C 66 27.18 -18.87 29.54
C GLU C 66 26.88 -17.50 30.15
N ALA C 67 26.90 -16.45 29.33
CA ALA C 67 26.62 -15.11 29.82
C ALA C 67 25.20 -14.96 30.37
N MET C 68 24.32 -15.91 30.02
CA MET C 68 22.93 -15.90 30.47
C MET C 68 22.71 -16.65 31.79
N ALA C 69 23.73 -17.38 32.24
CA ALA C 69 23.62 -18.26 33.40
C ALA C 69 22.99 -17.62 34.65
N ASP C 70 23.50 -16.47 35.07
CA ASP C 70 22.98 -15.80 36.26
C ASP C 70 21.52 -15.37 36.09
N ARG C 71 21.18 -14.76 34.96
CA ARG C 71 19.82 -14.34 34.72
C ARG C 71 18.86 -15.54 34.67
N VAL C 72 19.30 -16.64 34.07
CA VAL C 72 18.48 -17.85 33.99
C VAL C 72 18.23 -18.45 35.38
N ALA C 73 19.26 -18.47 36.22
CA ALA C 73 19.12 -18.89 37.61
C ALA C 73 18.05 -18.11 38.39
N ALA C 74 17.86 -16.84 38.04
CA ALA C 74 16.86 -15.99 38.70
C ALA C 74 15.48 -16.09 38.05
N GLY C 75 15.29 -17.12 37.23
CA GLY C 75 13.99 -17.40 36.65
C GLY C 75 13.65 -16.65 35.38
N LEU C 76 14.67 -16.28 34.60
CA LEU C 76 14.44 -15.64 33.29
C LEU C 76 13.47 -16.49 32.47
N THR C 77 12.47 -15.87 31.86
CA THR C 77 11.49 -16.61 31.06
C THR C 77 11.85 -16.55 29.59
N ARG C 78 11.25 -17.42 28.78
CA ARG C 78 11.49 -17.39 27.35
C ARG C 78 11.10 -16.06 26.74
N GLN C 79 10.03 -15.47 27.26
CA GLN C 79 9.55 -14.19 26.75
C GLN C 79 10.60 -13.09 26.97
N GLU C 80 11.26 -13.10 28.11
CA GLU C 80 12.29 -12.10 28.38
C GLU C 80 13.50 -12.41 27.52
N LEU C 81 13.78 -13.71 27.38
CA LEU C 81 14.92 -14.16 26.59
C LEU C 81 14.90 -13.60 25.18
N GLN C 82 13.70 -13.47 24.61
CA GLN C 82 13.60 -13.00 23.23
C GLN C 82 14.08 -11.56 23.11
N GLN C 83 14.02 -10.82 24.21
CA GLN C 83 14.33 -9.39 24.20
C GLN C 83 15.73 -9.02 24.68
N VAL C 84 16.38 -9.94 25.37
CA VAL C 84 17.71 -9.66 25.93
C VAL C 84 18.78 -10.54 25.30
N MET C 85 18.42 -11.24 24.22
CA MET C 85 19.37 -12.09 23.52
C MET C 85 19.04 -12.08 22.02
N LYS C 86 20.07 -11.98 21.19
CA LYS C 86 19.91 -11.92 19.73
C LYS C 86 19.54 -13.29 19.17
N PRO C 87 18.81 -13.32 18.04
CA PRO C 87 18.61 -14.61 17.36
C PRO C 87 19.97 -15.17 16.94
N GLY C 88 20.09 -16.50 16.87
CA GLY C 88 21.37 -17.14 16.66
C GLY C 88 21.42 -18.51 17.31
N ALA C 89 22.52 -19.22 17.13
CA ALA C 89 22.64 -20.58 17.69
C ALA C 89 22.55 -20.56 19.22
N ALA C 90 23.27 -19.63 19.84
CA ALA C 90 23.25 -19.51 21.28
C ALA C 90 21.84 -19.44 21.87
N ARG C 91 21.03 -18.51 21.37
CA ARG C 91 19.68 -18.34 21.89
C ARG C 91 18.82 -19.57 21.60
N ASN C 92 19.10 -20.23 20.47
CA ASN C 92 18.38 -21.46 20.13
C ASN C 92 18.52 -22.47 21.27
N ALA C 93 19.74 -22.67 21.74
CA ALA C 93 19.98 -23.63 22.80
C ALA C 93 19.21 -23.29 24.09
N VAL C 94 19.23 -22.03 24.50
CA VAL C 94 18.62 -21.63 25.76
C VAL C 94 17.09 -21.70 25.69
N ASP C 95 16.55 -21.19 24.60
CA ASP C 95 15.11 -21.20 24.38
C ASP C 95 14.60 -22.64 24.43
N CYS C 96 15.27 -23.54 23.74
CA CYS C 96 14.76 -24.89 23.63
C CYS C 96 14.96 -25.65 24.93
N ALA C 97 16.02 -25.31 25.65
CA ALA C 97 16.23 -25.86 26.98
C ALA C 97 15.10 -25.43 27.90
N LEU C 98 14.69 -24.17 27.77
CA LEU C 98 13.59 -23.65 28.57
C LEU C 98 12.25 -24.30 28.24
N TRP C 99 11.96 -24.50 26.95
CA TRP C 99 10.79 -25.29 26.57
C TRP C 99 10.81 -26.66 27.25
N ASP C 100 11.98 -27.31 27.22
CA ASP C 100 12.10 -28.66 27.73
C ASP C 100 11.92 -28.70 29.24
N LEU C 101 12.55 -27.76 29.95
CA LEU C 101 12.40 -27.69 31.39
C LEU C 101 10.92 -27.49 31.79
N GLU C 102 10.24 -26.57 31.11
CA GLU C 102 8.83 -26.30 31.39
C GLU C 102 7.96 -27.53 31.23
N ALA C 103 8.22 -28.29 30.18
CA ALA C 103 7.46 -29.51 29.92
C ALA C 103 7.72 -30.56 31.02
N LYS C 104 8.97 -30.71 31.41
CA LYS C 104 9.34 -31.65 32.46
C LYS C 104 8.78 -31.26 33.83
N MET C 105 8.82 -29.96 34.15
CA MET C 105 8.35 -29.50 35.45
C MET C 105 6.82 -29.53 35.55
N SER C 106 6.15 -29.34 34.42
CA SER C 106 4.69 -29.29 34.40
C SER C 106 4.04 -30.62 34.04
N GLY C 107 4.76 -31.48 33.33
CA GLY C 107 4.17 -32.70 32.81
C GLY C 107 3.26 -32.45 31.61
N LYS C 108 3.28 -31.22 31.11
CA LYS C 108 2.56 -30.84 29.89
C LYS C 108 3.53 -30.84 28.72
N ARG C 109 3.35 -31.76 27.78
CA ARG C 109 4.28 -31.91 26.66
C ARG C 109 4.38 -30.62 25.85
N ALA C 110 5.60 -30.29 25.40
CA ALA C 110 5.81 -29.11 24.57
C ALA C 110 4.96 -29.13 23.29
N ALA C 111 4.92 -30.30 22.65
CA ALA C 111 4.13 -30.45 21.42
C ALA C 111 2.68 -30.05 21.64
N GLU C 112 2.14 -30.43 22.79
CA GLU C 112 0.74 -30.16 23.10
C GLU C 112 0.48 -28.70 23.49
N GLN C 113 1.47 -28.01 24.03
CA GLN C 113 1.29 -26.56 24.22
C GLN C 113 1.27 -25.88 22.86
N VAL C 114 2.10 -26.35 21.92
CA VAL C 114 2.21 -25.73 20.61
C VAL C 114 0.99 -26.03 19.74
N LEU C 115 0.55 -27.28 19.77
CA LEU C 115 -0.49 -27.74 18.87
C LEU C 115 -1.84 -28.04 19.55
N GLY C 116 -1.86 -28.05 20.88
CA GLY C 116 -3.06 -28.45 21.58
C GLY C 116 -3.20 -29.98 21.61
N GLN C 117 -2.29 -30.68 20.95
CA GLN C 117 -2.34 -32.14 20.84
C GLN C 117 -0.97 -32.67 20.38
N PRO C 118 -0.75 -34.00 20.43
CA PRO C 118 0.56 -34.50 19.99
C PRO C 118 0.88 -34.13 18.54
N ALA C 119 2.16 -33.95 18.24
CA ALA C 119 2.59 -33.65 16.89
C ALA C 119 2.46 -34.91 16.03
N GLN C 120 2.53 -34.73 14.72
CA GLN C 120 2.44 -35.87 13.82
C GLN C 120 3.77 -36.11 13.11
N PRO C 121 4.03 -37.37 12.72
CA PRO C 121 5.26 -37.62 11.98
C PRO C 121 5.16 -36.98 10.60
N LEU C 122 6.28 -36.73 9.95
CA LEU C 122 6.25 -36.11 8.64
C LEU C 122 7.43 -36.58 7.82
N VAL C 123 7.42 -36.28 6.53
CA VAL C 123 8.49 -36.75 5.65
C VAL C 123 9.61 -35.71 5.61
N THR C 124 10.82 -36.14 5.94
CA THR C 124 11.98 -35.25 5.85
C THR C 124 12.73 -35.48 4.55
N ALA C 125 13.35 -34.42 4.03
CA ALA C 125 14.28 -34.56 2.93
C ALA C 125 15.52 -35.33 3.40
N TYR C 126 16.26 -35.90 2.46
CA TYR C 126 17.56 -36.52 2.75
C TYR C 126 18.58 -35.95 1.78
N THR C 127 19.72 -35.47 2.32
CA THR C 127 20.71 -34.70 1.56
C THR C 127 21.80 -35.55 0.86
N ILE C 128 21.96 -35.33 -0.44
CA ILE C 128 23.06 -35.91 -1.20
C ILE C 128 24.18 -34.86 -1.29
N SER C 129 25.33 -35.15 -0.71
CA SER C 129 26.44 -34.18 -0.71
C SER C 129 26.98 -33.88 -2.11
N LEU C 130 27.54 -32.68 -2.26
CA LEU C 130 28.19 -32.28 -3.51
C LEU C 130 29.44 -33.12 -3.76
N ALA C 131 29.47 -33.82 -4.89
CA ALA C 131 30.62 -34.64 -5.27
C ALA C 131 30.64 -34.78 -6.79
N ASP C 132 31.51 -35.64 -7.31
CA ASP C 132 31.51 -35.90 -8.74
C ASP C 132 30.20 -36.62 -9.08
N PRO C 133 29.73 -36.47 -10.33
CA PRO C 133 28.44 -37.04 -10.77
C PRO C 133 28.26 -38.51 -10.41
N ASP C 134 29.25 -39.33 -10.72
CA ASP C 134 29.19 -40.76 -10.44
C ASP C 134 28.97 -41.05 -8.96
N THR C 135 29.63 -40.29 -8.10
CA THR C 135 29.48 -40.45 -6.66
C THR C 135 28.09 -40.02 -6.22
N MET C 136 27.63 -38.87 -6.74
CA MET C 136 26.32 -38.36 -6.39
C MET C 136 25.24 -39.32 -6.87
N ALA C 137 25.43 -39.89 -8.06
CA ALA C 137 24.48 -40.82 -8.63
C ALA C 137 24.36 -42.09 -7.79
N ALA C 138 25.49 -42.63 -7.35
CA ALA C 138 25.46 -43.87 -6.56
C ALA C 138 24.78 -43.63 -5.22
N LYS C 139 25.14 -42.54 -4.56
CA LYS C 139 24.55 -42.17 -3.29
C LYS C 139 23.04 -41.97 -3.40
N THR C 140 22.62 -41.30 -4.47
CA THR C 140 21.21 -41.10 -4.74
C THR C 140 20.51 -42.44 -4.91
N ALA C 141 21.08 -43.29 -5.76
CA ALA C 141 20.48 -44.59 -6.03
C ALA C 141 20.42 -45.49 -4.79
N GLU C 142 21.42 -45.36 -3.90
CA GLU C 142 21.38 -46.08 -2.63
C GLU C 142 20.18 -45.64 -1.80
N ASN C 143 19.70 -44.43 -2.05
CA ASN C 143 18.60 -43.85 -1.30
C ASN C 143 17.34 -43.60 -2.13
N ALA C 144 17.22 -44.29 -3.27
CA ALA C 144 16.12 -44.01 -4.20
C ALA C 144 14.74 -44.43 -3.67
N GLY C 145 14.71 -45.24 -2.61
CA GLY C 145 13.47 -45.53 -1.93
C GLY C 145 12.91 -44.33 -1.15
N ARG C 146 13.79 -43.43 -0.74
CA ARG C 146 13.38 -42.21 -0.04
C ARG C 146 12.60 -41.32 -1.00
N PRO C 147 11.52 -40.70 -0.51
CA PRO C 147 10.61 -39.95 -1.39
C PRO C 147 11.08 -38.54 -1.72
N LEU C 148 11.94 -37.97 -0.89
CA LEU C 148 12.37 -36.59 -1.07
C LEU C 148 13.87 -36.44 -0.91
N LEU C 149 14.54 -36.04 -1.98
CA LEU C 149 15.99 -35.93 -1.96
C LEU C 149 16.45 -34.48 -2.11
N LYS C 150 17.43 -34.08 -1.30
CA LYS C 150 17.96 -32.72 -1.34
C LYS C 150 19.39 -32.78 -1.88
N ILE C 151 19.59 -32.19 -3.06
CA ILE C 151 20.86 -32.32 -3.77
C ILE C 151 21.71 -31.06 -3.61
N LYS C 152 22.95 -31.22 -3.12
CA LYS C 152 23.85 -30.07 -2.97
C LYS C 152 24.55 -29.77 -4.30
N THR C 153 24.48 -28.51 -4.72
CA THR C 153 25.12 -28.05 -5.95
C THR C 153 25.88 -26.79 -5.66
N GLY C 154 26.29 -26.08 -6.71
CA GLY C 154 26.88 -24.77 -6.51
C GLY C 154 28.24 -24.56 -7.13
N THR C 155 28.46 -25.10 -8.32
CA THR C 155 29.69 -24.83 -9.08
C THR C 155 29.31 -24.31 -10.46
N ALA C 156 30.30 -23.80 -11.19
CA ALA C 156 30.05 -23.31 -12.55
C ALA C 156 29.68 -24.39 -13.57
N ASP C 157 29.72 -25.66 -13.18
CA ASP C 157 29.30 -26.73 -14.09
C ASP C 157 28.59 -27.91 -13.40
N ASP C 158 27.31 -27.71 -13.05
CA ASP C 158 26.57 -28.71 -12.29
C ASP C 158 25.61 -29.55 -13.12
N GLU C 159 25.52 -29.29 -14.42
CA GLU C 159 24.59 -30.02 -15.27
C GLU C 159 24.74 -31.53 -15.22
N ALA C 160 25.97 -32.03 -15.32
CA ALA C 160 26.18 -33.48 -15.34
C ALA C 160 25.75 -34.12 -14.02
N ARG C 161 26.04 -33.45 -12.92
CA ARG C 161 25.65 -33.92 -11.59
C ARG C 161 24.14 -34.01 -11.48
N LEU C 162 23.47 -32.91 -11.82
CA LEU C 162 22.02 -32.85 -11.70
C LEU C 162 21.36 -33.91 -12.58
N ARG C 163 21.86 -34.08 -13.80
CA ARG C 163 21.26 -35.06 -14.69
C ARG C 163 21.47 -36.47 -14.16
N ALA C 164 22.65 -36.72 -13.61
CA ALA C 164 22.99 -38.04 -13.09
C ALA C 164 22.09 -38.38 -11.91
N VAL C 165 21.88 -37.39 -11.04
CA VAL C 165 21.05 -37.56 -9.86
C VAL C 165 19.60 -37.87 -10.23
N ARG C 166 19.02 -37.11 -11.15
CA ARG C 166 17.66 -37.40 -11.62
C ARG C 166 17.56 -38.80 -12.24
N ALA C 167 18.56 -39.18 -13.03
CA ALA C 167 18.55 -40.51 -13.63
C ALA C 167 18.56 -41.64 -12.60
N ALA C 168 19.17 -41.39 -11.45
CA ALA C 168 19.28 -42.40 -10.41
C ALA C 168 18.00 -42.51 -9.57
N ALA C 169 17.21 -41.44 -9.56
CA ALA C 169 15.97 -41.43 -8.81
C ALA C 169 14.87 -40.78 -9.64
N PRO C 170 14.43 -41.46 -10.73
CA PRO C 170 13.59 -40.72 -11.68
C PRO C 170 12.20 -40.42 -11.13
N GLU C 171 11.82 -41.09 -10.04
CA GLU C 171 10.50 -40.94 -9.43
C GLU C 171 10.52 -40.04 -8.20
N ALA C 172 11.71 -39.76 -7.68
CA ALA C 172 11.82 -38.99 -6.44
C ALA C 172 11.43 -37.54 -6.64
N ARG C 173 10.83 -36.94 -5.61
CA ARG C 173 10.71 -35.49 -5.54
C ARG C 173 12.09 -35.00 -5.17
N ILE C 174 12.62 -34.07 -5.94
CA ILE C 174 13.98 -33.60 -5.73
C ILE C 174 13.98 -32.09 -5.52
N ILE C 175 14.68 -31.65 -4.48
CA ILE C 175 14.96 -30.24 -4.27
C ILE C 175 16.47 -30.03 -4.31
N ILE C 176 16.91 -28.83 -4.69
CA ILE C 176 18.35 -28.58 -4.77
C ILE C 176 18.76 -27.34 -3.98
N ASP C 177 20.02 -27.32 -3.57
CA ASP C 177 20.53 -26.29 -2.68
C ASP C 177 21.96 -25.94 -3.09
N ALA C 178 22.14 -24.74 -3.64
CA ALA C 178 23.43 -24.32 -4.15
C ALA C 178 24.29 -23.66 -3.07
N ASN C 179 23.73 -23.48 -1.88
CA ASN C 179 24.39 -22.72 -0.80
C ASN C 179 25.22 -21.52 -1.28
N GLU C 180 24.61 -20.65 -2.09
CA GLU C 180 25.19 -19.40 -2.58
C GLU C 180 26.19 -19.58 -3.74
N GLY C 181 26.28 -20.80 -4.27
CA GLY C 181 27.34 -21.14 -5.20
C GLY C 181 27.14 -20.76 -6.66
N TRP C 182 25.94 -20.29 -7.00
CA TRP C 182 25.69 -19.83 -8.36
C TRP C 182 25.79 -18.32 -8.47
N ASN C 183 25.68 -17.80 -9.68
CA ASN C 183 25.84 -16.36 -9.93
C ASN C 183 24.90 -15.85 -11.01
N ASP C 184 24.99 -14.56 -11.31
CA ASP C 184 24.14 -13.94 -12.31
C ASP C 184 24.32 -14.55 -13.72
N ASP C 185 25.52 -15.03 -14.01
CA ASP C 185 25.82 -15.53 -15.36
C ASP C 185 25.24 -16.91 -15.66
N ASN C 186 25.03 -17.72 -14.63
CA ASN C 186 24.54 -19.07 -14.84
C ASN C 186 23.18 -19.40 -14.22
N ILE C 187 22.64 -18.48 -13.40
CA ILE C 187 21.39 -18.75 -12.69
C ILE C 187 20.21 -19.14 -13.61
N GLU C 188 20.04 -18.41 -14.71
CA GLU C 188 18.92 -18.67 -15.62
C GLU C 188 19.04 -20.04 -16.29
N TYR C 189 20.27 -20.41 -16.65
CA TYR C 189 20.51 -21.72 -17.23
C TYR C 189 20.09 -22.82 -16.25
N TYR C 190 20.54 -22.68 -15.01
CA TYR C 190 20.29 -23.69 -13.99
C TYR C 190 18.80 -23.78 -13.65
N LEU C 191 18.10 -22.64 -13.61
CA LEU C 191 16.66 -22.64 -13.37
C LEU C 191 15.91 -23.43 -14.44
N LYS C 192 16.31 -23.25 -15.70
CA LYS C 192 15.69 -23.92 -16.83
C LYS C 192 15.95 -25.42 -16.77
N LEU C 193 17.17 -25.78 -16.38
CA LEU C 193 17.56 -27.17 -16.24
C LEU C 193 16.76 -27.82 -15.10
N ALA C 194 16.64 -27.11 -13.99
CA ALA C 194 15.87 -27.64 -12.86
C ALA C 194 14.43 -27.90 -13.27
N ALA C 195 13.86 -26.97 -14.04
CA ALA C 195 12.50 -27.15 -14.54
C ALA C 195 12.42 -28.38 -15.41
N GLU C 196 13.44 -28.57 -16.25
CA GLU C 196 13.49 -29.74 -17.14
C GLU C 196 13.54 -31.03 -16.33
N LEU C 197 14.30 -31.00 -15.25
CA LEU C 197 14.49 -32.19 -14.42
C LEU C 197 13.40 -32.33 -13.37
N LYS C 198 12.33 -31.54 -13.52
CA LYS C 198 11.19 -31.56 -12.61
C LYS C 198 11.62 -31.40 -11.14
N ILE C 199 12.50 -30.45 -10.89
CA ILE C 199 12.97 -30.12 -9.54
C ILE C 199 11.89 -29.28 -8.84
N SER C 200 11.65 -29.52 -7.57
CA SER C 200 10.54 -28.85 -6.86
C SER C 200 10.90 -27.55 -6.18
N LEU C 201 12.17 -27.40 -5.83
CA LEU C 201 12.60 -26.26 -5.02
C LEU C 201 14.08 -26.03 -5.21
N ILE C 202 14.47 -24.76 -5.30
CA ILE C 202 15.88 -24.40 -5.35
C ILE C 202 16.21 -23.49 -4.18
N GLU C 203 17.11 -23.93 -3.31
CA GLU C 203 17.52 -23.15 -2.15
C GLU C 203 18.72 -22.27 -2.44
N GLN C 204 18.60 -21.00 -2.07
CA GLN C 204 19.68 -20.01 -2.10
C GLN C 204 20.66 -20.17 -3.25
N PRO C 205 20.19 -19.90 -4.48
CA PRO C 205 21.10 -20.04 -5.62
C PRO C 205 22.19 -18.98 -5.62
N LEU C 206 21.87 -17.76 -5.21
CA LEU C 206 22.81 -16.65 -5.25
C LEU C 206 23.28 -16.27 -3.84
N PRO C 207 24.44 -15.60 -3.73
CA PRO C 207 24.90 -15.20 -2.40
C PRO C 207 23.94 -14.21 -1.76
N ALA C 208 23.76 -14.31 -0.45
CA ALA C 208 22.99 -13.31 0.29
C ALA C 208 23.55 -11.93 0.03
N GLY C 209 22.69 -10.96 -0.27
CA GLY C 209 23.15 -9.60 -0.48
C GLY C 209 23.55 -9.32 -1.91
N LYS C 210 23.61 -10.36 -2.75
CA LYS C 210 23.98 -10.23 -4.14
C LYS C 210 22.96 -10.95 -4.99
N ASP C 211 21.71 -10.92 -4.56
CA ASP C 211 20.68 -11.78 -5.15
C ASP C 211 19.56 -10.98 -5.81
N ALA C 212 19.83 -9.71 -6.08
CA ALA C 212 18.83 -8.83 -6.69
C ALA C 212 18.25 -9.38 -7.99
N MET C 213 19.08 -10.08 -8.76
CA MET C 213 18.64 -10.60 -10.06
C MET C 213 17.41 -11.50 -9.94
N LEU C 214 17.26 -12.20 -8.81
CA LEU C 214 16.10 -13.07 -8.59
C LEU C 214 14.76 -12.33 -8.76
N ALA C 215 14.73 -11.05 -8.43
CA ALA C 215 13.51 -10.27 -8.54
C ALA C 215 13.07 -10.04 -9.99
N ARG C 216 14.03 -10.04 -10.91
CA ARG C 216 13.73 -9.65 -12.29
C ARG C 216 13.64 -10.78 -13.30
N ILE C 217 13.85 -12.02 -12.85
CA ILE C 217 13.78 -13.16 -13.75
C ILE C 217 12.65 -14.12 -13.34
N GLU C 218 12.07 -14.81 -14.33
CA GLU C 218 11.00 -15.76 -14.06
C GLU C 218 11.52 -16.89 -13.17
N HIS C 219 10.64 -17.44 -12.33
CA HIS C 219 11.03 -18.58 -11.49
C HIS C 219 10.29 -19.80 -11.99
N PRO C 220 10.95 -20.62 -12.82
CA PRO C 220 10.28 -21.80 -13.38
C PRO C 220 10.11 -22.85 -12.30
N VAL C 221 10.87 -22.69 -11.23
CA VAL C 221 10.83 -23.55 -10.05
C VAL C 221 10.76 -22.60 -8.84
N LEU C 222 10.13 -23.02 -7.74
CA LEU C 222 10.15 -22.22 -6.51
C LEU C 222 11.57 -21.96 -6.05
N ILE C 223 11.85 -20.72 -5.65
CA ILE C 223 13.17 -20.36 -5.11
C ILE C 223 13.04 -20.01 -3.64
N CYS C 224 13.91 -20.60 -2.83
CA CYS C 224 13.79 -20.53 -1.39
C CYS C 224 15.00 -19.84 -0.77
N ALA C 225 14.77 -18.88 0.12
CA ALA C 225 15.87 -18.23 0.83
C ALA C 225 16.32 -19.11 1.99
N ASP C 226 17.63 -19.14 2.26
CA ASP C 226 18.16 -19.78 3.46
C ASP C 226 19.18 -18.86 4.10
N GLU C 227 20.36 -18.77 3.51
CA GLU C 227 21.38 -17.84 4.00
C GLU C 227 20.83 -16.42 4.06
N SER C 228 19.89 -16.10 3.17
CA SER C 228 19.34 -14.75 3.10
C SER C 228 18.26 -14.47 4.15
N VAL C 229 17.79 -15.50 4.85
CA VAL C 229 16.71 -15.30 5.81
C VAL C 229 16.96 -15.92 7.18
N HIS C 230 16.90 -15.10 8.22
CA HIS C 230 17.17 -15.58 9.58
C HIS C 230 15.97 -15.50 10.55
N SER C 231 15.42 -14.31 10.74
CA SER C 231 14.31 -14.08 11.67
C SER C 231 13.15 -13.28 11.05
N THR C 232 12.07 -13.11 11.82
CA THR C 232 10.82 -12.54 11.30
C THR C 232 10.97 -11.19 10.60
N GLU C 233 11.87 -10.35 11.12
CA GLU C 233 12.19 -9.05 10.55
C GLU C 233 12.49 -9.16 9.07
N ASP C 234 13.21 -10.23 8.72
CA ASP C 234 13.79 -10.37 7.39
C ASP C 234 12.75 -10.58 6.27
N LEU C 235 11.55 -11.01 6.65
CA LEU C 235 10.61 -11.61 5.69
C LEU C 235 10.04 -10.65 4.64
N ALA C 236 9.49 -9.53 5.10
CA ALA C 236 8.72 -8.65 4.22
C ALA C 236 9.51 -8.20 2.99
N GLY C 237 10.80 -7.91 3.19
CA GLY C 237 11.65 -7.44 2.11
C GLY C 237 12.13 -8.53 1.14
N LEU C 238 11.83 -9.79 1.43
CA LEU C 238 12.29 -10.88 0.58
C LEU C 238 11.25 -11.33 -0.46
N ARG C 239 10.05 -10.77 -0.41
CA ARG C 239 8.93 -11.28 -1.22
C ARG C 239 9.14 -11.15 -2.72
N ASP C 240 9.94 -10.19 -3.13
CA ASP C 240 10.19 -9.95 -4.55
C ASP C 240 11.16 -10.97 -5.15
N ARG C 241 12.03 -11.51 -4.30
CA ARG C 241 13.09 -12.39 -4.75
C ARG C 241 12.80 -13.85 -4.51
N TYR C 242 12.08 -14.14 -3.42
CA TYR C 242 11.88 -15.53 -2.98
C TYR C 242 10.43 -15.98 -2.87
N ASP C 243 10.19 -17.24 -3.22
CA ASP C 243 8.84 -17.81 -3.13
C ASP C 243 8.66 -18.58 -1.84
N ALA C 244 9.79 -18.98 -1.24
CA ALA C 244 9.81 -19.86 -0.08
C ALA C 244 10.89 -19.43 0.91
N ILE C 245 10.73 -19.84 2.16
CA ILE C 245 11.66 -19.53 3.24
C ILE C 245 12.06 -20.84 3.91
N ASN C 246 13.36 -21.01 4.16
CA ASN C 246 13.86 -22.09 5.00
C ASN C 246 13.99 -21.54 6.42
N ILE C 247 13.05 -21.91 7.29
CA ILE C 247 13.07 -21.53 8.69
C ILE C 247 13.89 -22.54 9.47
N LYS C 248 14.88 -22.04 10.19
CA LYS C 248 15.76 -22.89 11.00
C LYS C 248 15.87 -22.33 12.40
N LEU C 249 15.81 -23.20 13.41
CA LEU C 249 15.81 -22.75 14.79
C LEU C 249 17.17 -22.16 15.20
N ASP C 250 18.23 -22.54 14.51
CA ASP C 250 19.54 -21.93 14.76
C ASP C 250 19.65 -20.52 14.22
N LYS C 251 18.81 -20.20 13.24
CA LYS C 251 18.75 -18.85 12.68
C LYS C 251 17.75 -17.97 13.43
N THR C 252 16.62 -18.56 13.82
CA THR C 252 15.60 -17.82 14.55
C THR C 252 15.97 -17.67 16.02
N GLY C 253 16.99 -18.41 16.46
CA GLY C 253 17.35 -18.44 17.85
C GLY C 253 16.28 -19.05 18.74
N GLY C 254 15.74 -20.20 18.33
CA GLY C 254 14.84 -20.95 19.18
C GLY C 254 13.48 -21.24 18.58
N LEU C 255 12.72 -22.09 19.28
CA LEU C 255 11.37 -22.50 18.88
C LEU C 255 10.41 -21.32 19.00
N THR C 256 10.56 -20.54 20.06
CA THR C 256 9.67 -19.41 20.26
C THR C 256 9.61 -18.51 19.03
N GLU C 257 10.79 -18.05 18.57
CA GLU C 257 10.83 -17.16 17.41
C GLU C 257 10.50 -17.89 16.11
N ALA C 258 10.80 -19.19 16.06
CA ALA C 258 10.52 -19.98 14.87
C ALA C 258 9.02 -19.97 14.60
N LEU C 259 8.22 -20.07 15.65
CA LEU C 259 6.76 -20.08 15.53
C LEU C 259 6.22 -18.73 15.12
N VAL C 260 6.82 -17.68 15.66
CA VAL C 260 6.47 -16.31 15.28
C VAL C 260 6.77 -16.09 13.80
N MET C 261 7.94 -16.56 13.36
CA MET C 261 8.37 -16.36 11.98
C MET C 261 7.51 -17.16 11.02
N LYS C 262 7.15 -18.38 11.40
CA LYS C 262 6.32 -19.21 10.53
C LYS C 262 4.95 -18.57 10.36
N ALA C 263 4.39 -18.05 11.45
CA ALA C 263 3.08 -17.39 11.39
C ALA C 263 3.12 -16.20 10.43
N GLU C 264 4.19 -15.42 10.51
CA GLU C 264 4.33 -14.25 9.64
C GLU C 264 4.64 -14.63 8.19
N ALA C 265 5.48 -15.63 7.99
CA ALA C 265 5.82 -16.06 6.64
C ALA C 265 4.58 -16.57 5.90
N GLU C 266 3.74 -17.32 6.59
CA GLU C 266 2.50 -17.79 5.97
C GLU C 266 1.59 -16.62 5.63
N ARG C 267 1.48 -15.67 6.56
CA ARG C 267 0.66 -14.48 6.33
C ARG C 267 1.11 -13.73 5.08
N LEU C 268 2.41 -13.68 4.87
CA LEU C 268 2.98 -12.97 3.71
C LEU C 268 2.99 -13.83 2.44
N GLY C 269 2.53 -15.07 2.55
CA GLY C 269 2.31 -15.90 1.36
C GLY C 269 3.46 -16.78 0.92
N PHE C 270 4.50 -16.86 1.73
CA PHE C 270 5.66 -17.70 1.43
C PHE C 270 5.33 -19.17 1.55
N THR C 271 5.90 -19.98 0.67
CA THR C 271 5.87 -21.43 0.87
C THR C 271 6.89 -21.73 1.96
N ILE C 272 6.57 -22.66 2.86
CA ILE C 272 7.40 -22.89 4.05
C ILE C 272 8.23 -24.17 4.00
N MET C 273 9.52 -24.02 4.25
N MET C 273 9.52 -24.01 4.24
CA MET C 273 10.40 -25.15 4.49
CA MET C 273 10.41 -25.14 4.49
C MET C 273 10.97 -24.99 5.90
C MET C 273 10.94 -24.98 5.91
N VAL C 274 10.96 -26.08 6.66
CA VAL C 274 11.59 -26.06 7.97
C VAL C 274 12.79 -26.98 7.86
N GLY C 275 13.98 -26.39 7.95
CA GLY C 275 15.23 -27.11 7.81
C GLY C 275 16.03 -27.16 9.10
N CYS C 276 17.34 -27.43 8.96
CA CYS C 276 18.20 -27.66 10.10
C CYS C 276 19.65 -27.43 9.73
N MET C 277 20.51 -27.44 10.74
CA MET C 277 21.95 -27.49 10.53
C MET C 277 22.31 -28.95 10.73
N LEU C 278 23.56 -29.33 10.48
CA LEU C 278 23.92 -30.72 10.66
C LEU C 278 24.13 -31.01 12.15
N GLY C 279 23.05 -31.42 12.81
CA GLY C 279 23.09 -31.70 14.24
C GLY C 279 22.43 -33.03 14.55
N THR C 280 22.18 -33.30 15.83
CA THR C 280 21.63 -34.58 16.28
C THR C 280 20.13 -34.53 16.45
N SER C 281 19.55 -35.65 16.88
CA SER C 281 18.11 -35.73 17.14
C SER C 281 17.64 -34.67 18.11
N LEU C 282 18.50 -34.29 19.06
CA LEU C 282 18.14 -33.26 20.02
C LEU C 282 17.85 -31.96 19.31
N GLY C 283 18.66 -31.64 18.30
CA GLY C 283 18.49 -30.42 17.55
C GLY C 283 17.25 -30.49 16.67
N MET C 284 17.00 -31.66 16.10
CA MET C 284 15.83 -31.83 15.23
C MET C 284 14.52 -31.75 15.98
N ALA C 285 14.51 -32.24 17.22
CA ALA C 285 13.28 -32.39 17.99
C ALA C 285 12.33 -31.17 18.06
N PRO C 286 12.84 -30.00 18.50
CA PRO C 286 11.90 -28.88 18.49
C PRO C 286 11.50 -28.48 17.07
N ALA C 287 12.36 -28.76 16.09
CA ALA C 287 12.06 -28.33 14.72
C ALA C 287 10.91 -29.13 14.13
N VAL C 288 10.72 -30.36 14.60
CA VAL C 288 9.57 -31.16 14.19
C VAL C 288 8.25 -30.43 14.48
N LEU C 289 8.19 -29.70 15.59
CA LEU C 289 6.97 -28.97 15.94
C LEU C 289 6.69 -27.82 14.99
N VAL C 290 7.75 -27.17 14.50
CA VAL C 290 7.63 -26.10 13.51
C VAL C 290 7.38 -26.66 12.10
N ALA C 291 7.87 -27.87 11.85
CA ALA C 291 7.71 -28.51 10.54
C ALA C 291 6.32 -29.09 10.28
N GLN C 292 5.45 -29.02 11.30
CA GLN C 292 4.10 -29.56 11.20
C GLN C 292 3.31 -28.94 10.05
N GLY C 293 2.88 -29.78 9.12
CA GLY C 293 2.07 -29.33 8.00
C GLY C 293 2.73 -28.41 6.98
N THR C 294 4.06 -28.29 7.01
CA THR C 294 4.76 -27.42 6.05
C THR C 294 5.03 -28.13 4.73
N ALA C 295 5.16 -27.35 3.67
CA ALA C 295 5.36 -27.88 2.33
C ALA C 295 6.64 -28.72 2.23
N PHE C 296 7.70 -28.27 2.92
CA PHE C 296 8.95 -29.01 2.94
C PHE C 296 9.47 -29.14 4.36
N ALA C 297 10.18 -30.24 4.63
CA ALA C 297 10.94 -30.38 5.87
C ALA C 297 12.28 -31.03 5.57
N ASP C 298 13.34 -30.43 6.09
CA ASP C 298 14.68 -31.00 5.96
C ASP C 298 15.23 -31.16 7.35
N LEU C 299 15.00 -32.33 7.93
CA LEU C 299 15.50 -32.60 9.29
C LEU C 299 16.33 -33.87 9.28
N ASP C 300 17.39 -33.89 8.47
CA ASP C 300 18.11 -35.13 8.19
C ASP C 300 19.46 -35.22 8.90
N GLY C 301 19.75 -34.26 9.78
CA GLY C 301 20.97 -34.29 10.58
C GLY C 301 21.39 -35.68 11.04
N PRO C 302 20.52 -36.35 11.81
CA PRO C 302 20.82 -37.68 12.37
C PRO C 302 21.08 -38.75 11.31
N LEU C 303 20.47 -38.62 10.14
CA LEU C 303 20.65 -39.61 9.08
C LEU C 303 22.01 -39.45 8.41
N LEU C 304 22.64 -38.31 8.65
CA LEU C 304 23.94 -37.99 8.08
C LEU C 304 25.07 -38.29 9.06
N LEU C 305 24.72 -38.50 10.32
CA LEU C 305 25.71 -38.76 11.36
C LEU C 305 26.05 -40.24 11.47
N ALA C 306 27.31 -40.52 11.78
CA ALA C 306 27.76 -41.90 11.95
C ALA C 306 27.07 -42.51 13.16
N GLU C 307 26.89 -41.70 14.21
CA GLU C 307 26.14 -42.16 15.39
C GLU C 307 25.41 -41.03 16.11
N ASP C 308 24.09 -41.01 15.93
CA ASP C 308 23.19 -40.06 16.57
C ASP C 308 23.15 -40.32 18.08
N ARG C 309 22.46 -39.45 18.82
CA ARG C 309 22.20 -39.69 20.24
C ARG C 309 21.29 -40.88 20.41
N ASP C 310 21.14 -41.32 21.65
CA ASP C 310 20.28 -42.45 22.00
C ASP C 310 19.78 -42.25 23.42
N PRO C 311 18.47 -41.99 23.60
CA PRO C 311 17.39 -42.00 22.60
C PRO C 311 17.50 -40.87 21.59
N GLY C 312 17.00 -41.12 20.39
CA GLY C 312 16.88 -40.11 19.35
C GLY C 312 15.48 -40.12 18.81
N LEU C 313 15.27 -39.47 17.66
CA LEU C 313 13.99 -39.51 16.99
C LEU C 313 13.85 -40.86 16.30
N VAL C 314 12.62 -41.37 16.21
CA VAL C 314 12.38 -42.53 15.36
C VAL C 314 12.27 -42.09 13.91
N TYR C 315 13.08 -42.68 13.04
CA TYR C 315 12.90 -42.53 11.60
C TYR C 315 12.48 -43.87 11.02
N GLU C 316 11.39 -43.86 10.24
CA GLU C 316 11.00 -45.04 9.45
C GLU C 316 11.26 -44.66 8.01
N GLY C 317 12.44 -45.02 7.50
CA GLY C 317 12.89 -44.47 6.23
C GLY C 317 13.05 -42.97 6.40
N SER C 318 12.22 -42.19 5.69
CA SER C 318 12.26 -40.74 5.78
C SER C 318 11.08 -40.15 6.55
N LEU C 319 10.27 -41.02 7.17
CA LEU C 319 9.18 -40.54 8.02
C LEU C 319 9.75 -40.31 9.41
N VAL C 320 9.79 -39.06 9.87
CA VAL C 320 10.36 -38.75 11.19
C VAL C 320 9.26 -38.47 12.22
N TYR C 321 9.39 -39.05 13.41
CA TYR C 321 8.38 -38.91 14.45
C TYR C 321 8.75 -37.82 15.44
N PRO C 322 7.73 -37.22 16.07
CA PRO C 322 8.00 -36.21 17.11
C PRO C 322 8.83 -36.82 18.22
N ALA C 323 9.54 -35.98 18.97
CA ALA C 323 10.36 -36.46 20.07
C ALA C 323 9.52 -37.09 21.16
N ARG C 324 10.02 -38.18 21.74
CA ARG C 324 9.49 -38.66 23.00
C ARG C 324 10.21 -37.92 24.13
N PRO C 325 9.55 -37.76 25.28
CA PRO C 325 10.07 -36.89 26.35
C PRO C 325 11.44 -37.32 26.87
N GLU C 326 11.78 -38.59 26.68
CA GLU C 326 13.09 -39.09 27.12
C GLU C 326 14.20 -38.39 26.35
N LEU C 327 13.86 -37.92 25.14
CA LEU C 327 14.75 -37.08 24.35
C LEU C 327 14.53 -35.59 24.63
N TRP C 328 13.31 -35.12 24.42
CA TRP C 328 13.01 -33.68 24.53
C TRP C 328 11.50 -33.43 24.54
N GLY C 329 11.07 -32.40 25.26
CA GLY C 329 9.68 -31.97 25.18
C GLY C 329 8.75 -32.62 26.19
N PRO D 4 -24.19 28.66 -44.24
CA PRO D 4 -24.54 27.38 -44.87
C PRO D 4 -23.58 26.29 -44.43
N ARG D 5 -23.57 26.04 -43.12
CA ARG D 5 -22.75 25.03 -42.45
C ARG D 5 -22.67 23.72 -43.24
N TYR D 6 -21.46 23.19 -43.39
CA TYR D 6 -21.30 21.88 -44.05
C TYR D 6 -20.21 20.99 -43.44
N LEU D 7 -20.33 19.69 -43.68
CA LEU D 7 -19.52 18.67 -43.04
C LEU D 7 -18.75 17.87 -44.08
N GLN D 8 -17.50 17.54 -43.76
CA GLN D 8 -16.70 16.64 -44.59
C GLN D 8 -16.04 15.60 -43.70
N ALA D 9 -15.94 14.37 -44.19
CA ALA D 9 -15.18 13.32 -43.51
C ALA D 9 -13.88 13.03 -44.27
N THR D 10 -12.78 12.80 -43.55
CA THR D 10 -11.49 12.52 -44.17
C THR D 10 -10.79 11.41 -43.41
N THR D 11 -10.21 10.45 -44.13
CA THR D 11 -9.43 9.39 -43.49
C THR D 11 -7.94 9.73 -43.62
N GLU D 12 -7.18 9.54 -42.55
CA GLU D 12 -5.76 9.83 -42.58
C GLU D 12 -4.98 8.71 -41.92
N ARG D 13 -3.83 8.39 -42.48
CA ARG D 13 -2.98 7.35 -41.92
C ARG D 13 -1.73 7.99 -41.28
N PHE D 14 -1.44 7.62 -40.03
CA PHE D 14 -0.22 8.07 -39.34
C PHE D 14 0.66 6.89 -38.99
N ALA D 15 1.95 7.00 -39.30
CA ALA D 15 2.90 5.95 -38.97
C ALA D 15 3.09 5.83 -37.46
N VAL D 16 3.08 4.61 -36.95
CA VAL D 16 3.43 4.34 -35.55
C VAL D 16 4.97 4.32 -35.42
N ALA D 17 5.49 4.77 -34.29
CA ALA D 17 6.92 4.67 -34.04
C ALA D 17 7.27 3.22 -33.72
N GLY D 18 7.56 2.43 -34.76
CA GLY D 18 7.78 1.01 -34.56
C GLY D 18 6.46 0.25 -34.58
N SER D 19 6.32 -0.75 -33.71
CA SER D 19 5.09 -1.52 -33.61
C SER D 19 4.37 -1.15 -32.33
N PHE D 20 3.04 -1.17 -32.36
CA PHE D 20 2.27 -1.08 -31.13
C PHE D 20 1.50 -2.39 -30.99
N THR D 21 1.73 -3.08 -29.87
CA THR D 21 1.23 -4.46 -29.72
C THR D 21 0.48 -4.63 -28.40
N ILE D 22 -0.73 -5.18 -28.48
CA ILE D 22 -1.50 -5.56 -27.30
C ILE D 22 -1.73 -7.07 -27.38
N SER D 23 -2.42 -7.65 -26.39
CA SER D 23 -2.57 -9.11 -26.36
C SER D 23 -3.30 -9.62 -27.60
N ARG D 24 -4.14 -8.77 -28.19
CA ARG D 24 -4.98 -9.12 -29.32
C ARG D 24 -4.29 -9.02 -30.67
N GLY D 25 -3.20 -8.27 -30.74
CA GLY D 25 -2.50 -8.08 -32.01
C GLY D 25 -1.65 -6.84 -32.13
N THR D 26 -1.13 -6.61 -33.33
CA THR D 26 -0.12 -5.58 -33.58
C THR D 26 -0.58 -4.53 -34.59
N ARG D 27 -0.31 -3.26 -34.32
CA ARG D 27 -0.65 -2.17 -35.23
C ARG D 27 0.65 -1.57 -35.73
N THR D 28 0.77 -1.34 -37.04
CA THR D 28 1.96 -0.69 -37.60
C THR D 28 1.66 0.75 -38.06
N HIS D 29 0.39 1.07 -38.17
CA HIS D 29 -0.04 2.41 -38.52
C HIS D 29 -1.29 2.73 -37.72
N ALA D 30 -1.61 4.01 -37.62
CA ALA D 30 -2.85 4.41 -36.98
C ALA D 30 -3.71 5.10 -38.02
N ASP D 31 -4.84 4.49 -38.37
CA ASP D 31 -5.78 5.15 -39.26
C ASP D 31 -6.79 5.88 -38.40
N VAL D 32 -7.07 7.14 -38.74
CA VAL D 32 -8.06 7.92 -38.00
C VAL D 32 -9.01 8.53 -39.01
N VAL D 33 -10.20 8.90 -38.56
CA VAL D 33 -11.16 9.58 -39.41
C VAL D 33 -11.51 10.92 -38.76
N THR D 34 -11.50 11.99 -39.53
CA THR D 34 -11.84 13.28 -38.94
C THR D 34 -13.14 13.78 -39.53
N CYS D 35 -13.91 14.49 -38.71
CA CYS D 35 -15.08 15.21 -39.18
C CYS D 35 -14.76 16.70 -39.09
N THR D 36 -14.85 17.39 -40.23
CA THR D 36 -14.66 18.83 -40.29
C THR D 36 -15.99 19.50 -40.61
N ILE D 37 -16.38 20.46 -39.77
CA ILE D 37 -17.63 21.20 -39.98
C ILE D 37 -17.31 22.68 -40.12
N ARG D 38 -17.68 23.26 -41.25
CA ARG D 38 -17.41 24.66 -41.50
C ARG D 38 -18.70 25.46 -41.50
N ASP D 39 -18.64 26.66 -40.93
CA ASP D 39 -19.79 27.55 -40.84
C ASP D 39 -19.25 28.96 -41.09
N GLY D 40 -19.55 29.52 -42.25
CA GLY D 40 -18.93 30.76 -42.66
C GLY D 40 -17.41 30.63 -42.60
N SER D 41 -16.75 31.54 -41.90
CA SER D 41 -15.29 31.52 -41.82
C SER D 41 -14.75 30.70 -40.67
N PHE D 42 -15.65 30.00 -39.97
CA PHE D 42 -15.25 29.19 -38.81
C PHE D 42 -15.19 27.70 -39.16
N THR D 43 -14.29 26.99 -38.48
CA THR D 43 -14.09 25.56 -38.70
C THR D 43 -13.94 24.83 -37.38
N GLY D 44 -14.67 23.73 -37.22
CA GLY D 44 -14.47 22.83 -36.10
C GLY D 44 -14.05 21.47 -36.63
N ILE D 45 -13.17 20.80 -35.91
CA ILE D 45 -12.75 19.48 -36.33
C ILE D 45 -12.70 18.49 -35.16
N GLY D 46 -13.00 17.23 -35.45
CA GLY D 46 -12.93 16.19 -34.45
C GLY D 46 -12.35 14.94 -35.07
N GLU D 47 -11.53 14.24 -34.30
CA GLU D 47 -10.91 13.00 -34.74
C GLU D 47 -11.57 11.80 -34.05
N CYS D 48 -11.67 10.69 -34.76
CA CYS D 48 -12.01 9.45 -34.09
C CYS D 48 -11.13 8.33 -34.61
N VAL D 49 -11.14 7.20 -33.91
CA VAL D 49 -10.36 6.02 -34.32
C VAL D 49 -11.27 4.80 -34.40
N PRO D 50 -11.65 4.38 -35.61
CA PRO D 50 -12.44 3.15 -35.74
C PRO D 50 -11.73 1.97 -35.07
N TYR D 51 -12.46 1.15 -34.32
CA TYR D 51 -11.84 0.05 -33.58
C TYR D 51 -12.53 -1.25 -33.95
N PRO D 52 -11.86 -2.12 -34.72
CA PRO D 52 -12.51 -3.37 -35.15
C PRO D 52 -12.96 -4.28 -34.00
N ARG D 53 -12.28 -4.24 -32.85
CA ARG D 53 -12.70 -5.01 -31.68
C ARG D 53 -14.15 -4.68 -31.28
N TYR D 54 -14.59 -3.47 -31.60
CA TYR D 54 -15.97 -3.04 -31.32
C TYR D 54 -16.87 -3.08 -32.58
N GLY D 55 -16.47 -3.83 -33.60
CA GLY D 55 -17.30 -4.00 -34.78
C GLY D 55 -17.31 -2.82 -35.75
N GLU D 56 -16.31 -1.95 -35.63
CA GLU D 56 -16.21 -0.78 -36.49
C GLU D 56 -15.20 -0.95 -37.64
N SER D 57 -15.43 -0.25 -38.75
CA SER D 57 -14.44 -0.18 -39.83
C SER D 57 -14.25 1.27 -40.26
N ILE D 58 -13.17 1.54 -40.99
CA ILE D 58 -12.95 2.88 -41.54
C ILE D 58 -14.10 3.25 -42.48
N GLU D 59 -14.51 2.31 -43.34
CA GLU D 59 -15.61 2.56 -44.27
C GLU D 59 -16.93 2.80 -43.56
N GLY D 60 -17.19 2.02 -42.51
CA GLY D 60 -18.44 2.14 -41.77
C GLY D 60 -18.52 3.45 -41.01
N VAL D 61 -17.43 3.82 -40.33
CA VAL D 61 -17.38 5.08 -39.60
C VAL D 61 -17.48 6.28 -40.56
N THR D 62 -16.77 6.21 -41.68
CA THR D 62 -16.85 7.25 -42.70
C THR D 62 -18.29 7.40 -43.20
N ALA D 63 -18.94 6.26 -43.46
CA ALA D 63 -20.31 6.30 -43.95
C ALA D 63 -21.23 6.91 -42.90
N ASP D 64 -21.04 6.57 -41.63
CA ASP D 64 -21.93 7.07 -40.58
C ASP D 64 -21.73 8.58 -40.42
N ILE D 65 -20.49 9.04 -40.50
CA ILE D 65 -20.22 10.48 -40.38
C ILE D 65 -20.82 11.22 -41.57
N GLU D 66 -20.57 10.73 -42.78
CA GLU D 66 -21.11 11.38 -43.97
C GLU D 66 -22.64 11.41 -44.01
N ALA D 67 -23.28 10.44 -43.36
CA ALA D 67 -24.74 10.39 -43.32
C ALA D 67 -25.31 11.52 -42.46
N MET D 68 -24.44 12.15 -41.66
CA MET D 68 -24.84 13.27 -40.80
C MET D 68 -24.76 14.63 -41.50
N ALA D 69 -24.24 14.65 -42.72
CA ALA D 69 -24.01 15.90 -43.44
C ALA D 69 -25.23 16.84 -43.53
N ASP D 70 -26.37 16.34 -43.99
CA ASP D 70 -27.50 17.26 -44.10
C ASP D 70 -28.13 17.60 -42.74
N ARG D 71 -28.08 16.67 -41.77
CA ARG D 71 -28.54 16.97 -40.40
C ARG D 71 -27.71 18.12 -39.82
N VAL D 72 -26.39 18.00 -40.00
CA VAL D 72 -25.47 19.04 -39.54
C VAL D 72 -25.70 20.35 -40.30
N ALA D 73 -25.84 20.27 -41.61
CA ALA D 73 -26.11 21.46 -42.41
C ALA D 73 -27.36 22.21 -41.93
N ALA D 74 -28.35 21.46 -41.46
CA ALA D 74 -29.60 22.06 -40.98
C ALA D 74 -29.58 22.45 -39.50
N GLY D 75 -28.42 22.42 -38.87
CA GLY D 75 -28.31 22.97 -37.53
C GLY D 75 -28.30 22.00 -36.36
N LEU D 76 -28.03 20.72 -36.63
CA LEU D 76 -27.95 19.71 -35.58
C LEU D 76 -27.15 20.22 -34.38
N THR D 77 -27.70 20.06 -33.18
CA THR D 77 -26.96 20.43 -31.96
C THR D 77 -26.37 19.18 -31.35
N ARG D 78 -25.42 19.36 -30.43
CA ARG D 78 -24.78 18.23 -29.76
C ARG D 78 -25.80 17.40 -28.97
N GLN D 79 -26.84 18.07 -28.49
CA GLN D 79 -27.89 17.40 -27.74
C GLN D 79 -28.67 16.46 -28.63
N GLU D 80 -29.08 17.00 -29.78
N GLU D 80 -29.13 16.94 -29.79
CA GLU D 80 -29.82 16.23 -30.78
CA GLU D 80 -29.86 16.05 -30.69
C GLU D 80 -28.95 15.10 -31.31
C GLU D 80 -28.92 15.01 -31.27
N LEU D 81 -27.65 15.37 -31.39
CA LEU D 81 -26.67 14.40 -31.86
C LEU D 81 -26.66 13.15 -30.96
N GLN D 82 -26.86 13.33 -29.66
CA GLN D 82 -26.81 12.18 -28.75
C GLN D 82 -27.95 11.20 -29.03
N GLN D 83 -29.01 11.71 -29.65
CA GLN D 83 -30.21 10.92 -29.93
C GLN D 83 -30.17 10.27 -31.32
N VAL D 84 -29.50 10.92 -32.26
CA VAL D 84 -29.53 10.44 -33.64
C VAL D 84 -28.44 9.40 -33.94
N MET D 85 -27.30 9.51 -33.28
CA MET D 85 -26.21 8.54 -33.44
C MET D 85 -25.97 7.79 -32.13
N LYS D 86 -25.57 6.52 -32.26
CA LYS D 86 -25.18 5.71 -31.11
C LYS D 86 -23.74 5.99 -30.70
N PRO D 87 -23.36 5.62 -29.45
CA PRO D 87 -21.96 5.77 -29.03
C PRO D 87 -21.04 4.98 -29.97
N GLY D 88 -19.83 5.47 -30.19
CA GLY D 88 -18.92 4.86 -31.15
C GLY D 88 -18.02 5.90 -31.78
N ALA D 89 -17.09 5.47 -32.63
CA ALA D 89 -16.11 6.39 -33.20
C ALA D 89 -16.78 7.50 -34.00
N ALA D 90 -17.78 7.14 -34.81
CA ALA D 90 -18.37 8.12 -35.71
C ALA D 90 -18.97 9.30 -34.93
N ARG D 91 -19.72 9.01 -33.88
CA ARG D 91 -20.34 10.10 -33.12
C ARG D 91 -19.27 10.92 -32.40
N ASN D 92 -18.17 10.27 -32.01
CA ASN D 92 -17.06 10.97 -31.38
C ASN D 92 -16.53 12.09 -32.27
N ALA D 93 -16.25 11.79 -33.53
CA ALA D 93 -15.74 12.80 -34.46
C ALA D 93 -16.75 13.95 -34.64
N VAL D 94 -18.02 13.62 -34.82
CA VAL D 94 -19.04 14.66 -35.02
C VAL D 94 -19.21 15.52 -33.78
N ASP D 95 -19.32 14.87 -32.61
CA ASP D 95 -19.45 15.60 -31.35
C ASP D 95 -18.28 16.54 -31.05
N CYS D 96 -17.06 16.06 -31.24
CA CYS D 96 -15.90 16.90 -30.95
C CYS D 96 -15.73 18.00 -31.98
N ALA D 97 -16.19 17.75 -33.22
CA ALA D 97 -16.19 18.79 -34.24
C ALA D 97 -17.14 19.92 -33.86
N LEU D 98 -18.30 19.56 -33.30
CA LEU D 98 -19.26 20.58 -32.87
C LEU D 98 -18.74 21.41 -31.68
N TRP D 99 -18.16 20.74 -30.68
CA TRP D 99 -17.53 21.44 -29.57
C TRP D 99 -16.52 22.45 -30.10
N ASP D 100 -15.69 22.01 -31.03
CA ASP D 100 -14.63 22.87 -31.60
C ASP D 100 -15.25 24.07 -32.30
N LEU D 101 -16.21 23.79 -33.18
CA LEU D 101 -16.86 24.83 -33.96
C LEU D 101 -17.49 25.85 -33.04
N GLU D 102 -18.18 25.38 -32.01
CA GLU D 102 -18.90 26.26 -31.10
C GLU D 102 -17.94 27.15 -30.31
N ALA D 103 -16.78 26.61 -29.97
CA ALA D 103 -15.74 27.41 -29.33
C ALA D 103 -15.19 28.47 -30.30
N LYS D 104 -14.89 28.08 -31.53
CA LYS D 104 -14.43 29.03 -32.55
C LYS D 104 -15.42 30.16 -32.81
N MET D 105 -16.70 29.79 -32.96
CA MET D 105 -17.75 30.78 -33.25
C MET D 105 -18.07 31.67 -32.07
N SER D 106 -18.03 31.12 -30.85
CA SER D 106 -18.40 31.90 -29.68
C SER D 106 -17.23 32.70 -29.11
N GLY D 107 -16.01 32.22 -29.33
CA GLY D 107 -14.84 32.83 -28.71
C GLY D 107 -14.65 32.37 -27.29
N LYS D 108 -15.50 31.45 -26.83
CA LYS D 108 -15.32 30.84 -25.51
C LYS D 108 -14.65 29.47 -25.62
N ARG D 109 -13.52 29.31 -24.93
CA ARG D 109 -12.75 28.07 -25.02
C ARG D 109 -13.57 26.87 -24.54
N ALA D 110 -13.46 25.75 -25.25
CA ALA D 110 -14.15 24.53 -24.84
C ALA D 110 -13.80 24.14 -23.41
N ALA D 111 -12.52 24.26 -23.04
CA ALA D 111 -12.06 23.95 -21.69
C ALA D 111 -12.88 24.70 -20.64
N GLU D 112 -13.02 26.00 -20.85
CA GLU D 112 -13.75 26.86 -19.92
C GLU D 112 -15.20 26.42 -19.82
N GLN D 113 -15.80 26.11 -20.96
CA GLN D 113 -17.19 25.67 -21.00
C GLN D 113 -17.35 24.35 -20.24
N VAL D 114 -16.39 23.44 -20.40
CA VAL D 114 -16.44 22.12 -19.77
C VAL D 114 -16.12 22.18 -18.29
N LEU D 115 -15.08 22.94 -17.95
CA LEU D 115 -14.48 22.85 -16.62
C LEU D 115 -14.85 24.00 -15.71
N GLY D 116 -15.37 25.07 -16.29
CA GLY D 116 -15.69 26.25 -15.51
C GLY D 116 -14.46 27.07 -15.19
N GLN D 117 -13.35 26.74 -15.84
CA GLN D 117 -12.08 27.46 -15.69
C GLN D 117 -11.11 26.91 -16.76
N PRO D 118 -9.93 27.52 -16.90
CA PRO D 118 -8.96 26.97 -17.85
C PRO D 118 -8.51 25.55 -17.47
N ALA D 119 -8.22 24.73 -18.48
CA ALA D 119 -7.61 23.43 -18.26
C ALA D 119 -6.19 23.61 -17.74
N GLN D 120 -5.67 22.58 -17.08
CA GLN D 120 -4.29 22.60 -16.60
C GLN D 120 -3.54 21.36 -17.08
N PRO D 121 -2.21 21.41 -17.06
CA PRO D 121 -1.44 20.25 -17.55
C PRO D 121 -1.71 19.06 -16.66
N LEU D 122 -1.42 17.86 -17.14
CA LEU D 122 -1.50 16.71 -16.26
C LEU D 122 -0.56 15.62 -16.71
N VAL D 123 -0.32 14.67 -15.82
CA VAL D 123 0.62 13.59 -16.08
C VAL D 123 -0.09 12.55 -16.92
N THR D 124 0.51 12.17 -18.04
CA THR D 124 -0.02 11.03 -18.79
C THR D 124 0.82 9.78 -18.57
N ALA D 125 0.16 8.62 -18.61
CA ALA D 125 0.87 7.35 -18.66
C ALA D 125 1.64 7.31 -19.97
N TYR D 126 2.67 6.46 -20.03
CA TYR D 126 3.38 6.18 -21.27
C TYR D 126 3.38 4.66 -21.46
N THR D 127 2.99 4.20 -22.65
CA THR D 127 2.72 2.77 -22.85
C THR D 127 3.91 1.97 -23.39
N ILE D 128 4.22 0.87 -22.72
CA ILE D 128 5.24 -0.08 -23.18
C ILE D 128 4.53 -1.23 -23.92
N SER D 129 4.76 -1.30 -25.22
N SER D 129 4.73 -1.29 -25.22
CA SER D 129 4.11 -2.30 -26.06
CA SER D 129 4.07 -2.27 -26.09
C SER D 129 4.51 -3.72 -25.69
C SER D 129 4.53 -3.71 -25.80
N LEU D 130 3.60 -4.65 -25.89
CA LEU D 130 3.85 -6.06 -25.57
C LEU D 130 4.90 -6.68 -26.51
N ALA D 131 6.03 -7.11 -25.94
CA ALA D 131 7.10 -7.69 -26.73
C ALA D 131 7.81 -8.70 -25.84
N ASP D 132 8.93 -9.25 -26.30
CA ASP D 132 9.69 -10.17 -25.47
C ASP D 132 10.17 -9.39 -24.24
N PRO D 133 10.36 -10.09 -23.11
CA PRO D 133 10.73 -9.40 -21.86
C PRO D 133 11.97 -8.51 -21.98
N ASP D 134 12.98 -8.94 -22.73
CA ASP D 134 14.20 -8.13 -22.86
C ASP D 134 13.90 -6.78 -23.51
N THR D 135 13.13 -6.81 -24.59
CA THR D 135 12.75 -5.59 -25.29
C THR D 135 11.94 -4.68 -24.38
N MET D 136 10.95 -5.24 -23.69
CA MET D 136 10.12 -4.42 -22.80
C MET D 136 10.94 -3.80 -21.67
N ALA D 137 11.91 -4.56 -21.15
CA ALA D 137 12.72 -4.07 -20.03
C ALA D 137 13.63 -2.93 -20.49
N ALA D 138 14.14 -3.05 -21.72
CA ALA D 138 15.01 -2.02 -22.25
C ALA D 138 14.22 -0.75 -22.52
N LYS D 139 13.00 -0.89 -23.04
CA LYS D 139 12.20 0.30 -23.32
C LYS D 139 11.72 0.92 -22.00
N THR D 140 11.43 0.05 -21.04
CA THR D 140 11.06 0.53 -19.70
C THR D 140 12.21 1.30 -19.05
N ALA D 141 13.42 0.75 -19.14
CA ALA D 141 14.60 1.38 -18.55
C ALA D 141 14.85 2.78 -19.12
N GLU D 142 14.74 2.90 -20.44
CA GLU D 142 14.88 4.19 -21.12
C GLU D 142 13.92 5.22 -20.54
N ASN D 143 12.75 4.73 -20.13
CA ASN D 143 11.70 5.59 -19.60
C ASN D 143 11.48 5.47 -18.10
N ALA D 144 12.51 5.04 -17.36
CA ALA D 144 12.35 4.76 -15.93
C ALA D 144 12.14 6.02 -15.09
N GLY D 145 12.47 7.18 -15.66
CA GLY D 145 12.28 8.44 -14.98
C GLY D 145 10.86 9.00 -15.11
N ARG D 146 10.03 8.39 -15.97
CA ARG D 146 8.63 8.83 -16.10
C ARG D 146 7.84 8.43 -14.86
N PRO D 147 6.87 9.25 -14.46
CA PRO D 147 6.13 8.94 -13.23
C PRO D 147 5.16 7.76 -13.37
N LEU D 148 4.67 7.51 -14.58
CA LEU D 148 3.62 6.49 -14.78
C LEU D 148 3.82 5.72 -16.06
N LEU D 149 4.01 4.40 -15.92
CA LEU D 149 4.24 3.53 -17.06
C LEU D 149 3.07 2.57 -17.17
N LYS D 150 2.55 2.42 -18.38
CA LYS D 150 1.48 1.47 -18.67
C LYS D 150 2.06 0.33 -19.50
N ILE D 151 1.94 -0.89 -18.98
CA ILE D 151 2.62 -2.05 -19.54
C ILE D 151 1.59 -2.98 -20.15
N LYS D 152 1.73 -3.30 -21.43
CA LYS D 152 0.83 -4.24 -22.09
C LYS D 152 1.25 -5.68 -21.79
N THR D 153 0.29 -6.47 -21.31
CA THR D 153 0.51 -7.88 -21.00
C THR D 153 -0.64 -8.67 -21.61
N GLY D 154 -0.88 -9.88 -21.14
CA GLY D 154 -2.11 -10.57 -21.49
C GLY D 154 -1.88 -11.88 -22.19
N THR D 155 -0.90 -12.63 -21.71
CA THR D 155 -0.68 -13.99 -22.20
C THR D 155 -0.66 -14.97 -21.03
N ALA D 156 -0.52 -16.25 -21.35
CA ALA D 156 -0.49 -17.27 -20.31
C ALA D 156 0.89 -17.33 -19.62
N ASP D 157 1.83 -16.51 -20.08
CA ASP D 157 3.19 -16.53 -19.54
C ASP D 157 3.79 -15.12 -19.37
N ASP D 158 3.18 -14.31 -18.50
CA ASP D 158 3.60 -12.92 -18.31
C ASP D 158 4.54 -12.64 -17.13
N GLU D 159 4.88 -13.67 -16.35
CA GLU D 159 5.75 -13.45 -15.19
C GLU D 159 7.06 -12.77 -15.54
N ALA D 160 7.74 -13.29 -16.56
CA ALA D 160 9.06 -12.74 -16.95
C ALA D 160 8.97 -11.25 -17.27
N ARG D 161 7.98 -10.87 -18.05
CA ARG D 161 7.90 -9.50 -18.47
C ARG D 161 7.48 -8.55 -17.34
N LEU D 162 6.58 -8.99 -16.46
CA LEU D 162 6.18 -8.14 -15.32
C LEU D 162 7.35 -7.93 -14.38
N ARG D 163 8.08 -9.01 -14.09
CA ARG D 163 9.26 -8.88 -13.24
C ARG D 163 10.33 -7.98 -13.88
N ALA D 164 10.56 -8.14 -15.18
CA ALA D 164 11.64 -7.40 -15.82
C ALA D 164 11.31 -5.93 -15.86
N VAL D 165 10.04 -5.63 -16.13
CA VAL D 165 9.63 -4.24 -16.25
C VAL D 165 9.70 -3.54 -14.91
N ARG D 166 9.26 -4.21 -13.85
CA ARG D 166 9.34 -3.56 -12.53
C ARG D 166 10.79 -3.32 -12.12
N ALA D 167 11.67 -4.28 -12.40
CA ALA D 167 13.07 -4.09 -12.01
C ALA D 167 13.71 -2.96 -12.82
N ALA D 168 13.24 -2.78 -14.04
CA ALA D 168 13.78 -1.74 -14.93
C ALA D 168 13.32 -0.32 -14.56
N ALA D 169 12.22 -0.21 -13.83
CA ALA D 169 11.73 1.09 -13.39
C ALA D 169 11.22 1.00 -11.95
N PRO D 170 12.14 0.92 -11.00
CA PRO D 170 11.78 0.64 -9.61
C PRO D 170 10.99 1.76 -8.98
N GLU D 171 11.15 2.98 -9.50
CA GLU D 171 10.52 4.15 -8.89
C GLU D 171 9.22 4.58 -9.57
N ALA D 172 8.88 3.97 -10.71
CA ALA D 172 7.71 4.40 -11.45
C ALA D 172 6.42 3.83 -10.87
N ARG D 173 5.34 4.58 -10.98
CA ARG D 173 4.04 3.96 -10.78
C ARG D 173 3.80 3.15 -12.06
N ILE D 174 3.27 1.94 -11.90
CA ILE D 174 3.12 1.07 -13.05
C ILE D 174 1.71 0.53 -13.08
N ILE D 175 1.07 0.63 -14.23
CA ILE D 175 -0.22 -0.02 -14.38
C ILE D 175 -0.07 -1.03 -15.51
N ILE D 176 -0.80 -2.12 -15.42
CA ILE D 176 -0.67 -3.15 -16.45
C ILE D 176 -2.01 -3.39 -17.11
N ASP D 177 -1.98 -3.72 -18.39
CA ASP D 177 -3.20 -3.86 -19.17
C ASP D 177 -3.11 -5.15 -19.94
N ALA D 178 -3.93 -6.13 -19.57
CA ALA D 178 -3.92 -7.43 -20.24
C ALA D 178 -4.79 -7.45 -21.49
N ASN D 179 -5.56 -6.39 -21.71
CA ASN D 179 -6.52 -6.36 -22.82
C ASN D 179 -7.24 -7.70 -23.03
N GLU D 180 -7.87 -8.20 -21.97
CA GLU D 180 -8.70 -9.41 -21.98
C GLU D 180 -7.89 -10.72 -22.04
N GLY D 181 -6.58 -10.61 -21.83
CA GLY D 181 -5.67 -11.70 -22.11
C GLY D 181 -5.44 -12.76 -21.04
N TRP D 182 -5.96 -12.52 -19.83
CA TRP D 182 -5.82 -13.53 -18.78
C TRP D 182 -7.11 -14.36 -18.65
N ASN D 183 -7.09 -15.37 -17.79
CA ASN D 183 -8.25 -16.25 -17.62
C ASN D 183 -8.52 -16.64 -16.17
N ASP D 184 -9.51 -17.50 -15.95
CA ASP D 184 -9.90 -17.88 -14.59
C ASP D 184 -8.81 -18.68 -13.89
N ASP D 185 -7.98 -19.36 -14.68
CA ASP D 185 -6.94 -20.23 -14.12
C ASP D 185 -5.69 -19.46 -13.67
N ASN D 186 -5.45 -18.29 -14.25
CA ASN D 186 -4.25 -17.54 -13.91
C ASN D 186 -4.47 -16.18 -13.26
N ILE D 187 -5.72 -15.70 -13.21
CA ILE D 187 -5.99 -14.37 -12.65
C ILE D 187 -5.49 -14.19 -11.21
N GLU D 188 -5.66 -15.20 -10.36
CA GLU D 188 -5.27 -15.05 -8.96
C GLU D 188 -3.75 -15.02 -8.78
N TYR D 189 -3.05 -15.91 -9.48
CA TYR D 189 -1.59 -15.85 -9.53
C TYR D 189 -1.09 -14.47 -9.97
N TYR D 190 -1.63 -13.94 -11.06
CA TYR D 190 -1.15 -12.67 -11.59
C TYR D 190 -1.51 -11.50 -10.68
N LEU D 191 -2.63 -11.61 -9.96
CA LEU D 191 -2.97 -10.54 -9.01
C LEU D 191 -1.98 -10.52 -7.85
N LYS D 192 -1.64 -11.69 -7.32
CA LYS D 192 -0.65 -11.78 -6.26
C LYS D 192 0.70 -11.24 -6.72
N LEU D 193 1.13 -11.62 -7.92
CA LEU D 193 2.42 -11.15 -8.45
C LEU D 193 2.40 -9.64 -8.62
N ALA D 194 1.30 -9.12 -9.14
CA ALA D 194 1.18 -7.68 -9.37
C ALA D 194 1.26 -6.92 -8.05
N ALA D 195 0.63 -7.47 -7.02
CA ALA D 195 0.71 -6.84 -5.70
C ALA D 195 2.14 -6.86 -5.15
N GLU D 196 2.83 -7.99 -5.29
CA GLU D 196 4.23 -8.11 -4.85
C GLU D 196 5.12 -7.11 -5.59
N LEU D 197 4.73 -6.79 -6.82
CA LEU D 197 5.50 -5.89 -7.66
C LEU D 197 4.99 -4.46 -7.52
N LYS D 198 4.10 -4.25 -6.57
CA LYS D 198 3.57 -2.91 -6.24
C LYS D 198 2.95 -2.21 -7.45
N ILE D 199 2.22 -2.98 -8.25
CA ILE D 199 1.52 -2.45 -9.41
C ILE D 199 0.30 -1.66 -8.91
N SER D 200 -0.01 -0.55 -9.58
CA SER D 200 -1.07 0.37 -9.12
C SER D 200 -2.47 0.06 -9.66
N LEU D 201 -2.55 -0.55 -10.84
CA LEU D 201 -3.83 -0.78 -11.49
C LEU D 201 -3.69 -1.89 -12.55
N ILE D 202 -4.74 -2.69 -12.71
CA ILE D 202 -4.77 -3.70 -13.76
C ILE D 202 -5.99 -3.52 -14.65
N GLU D 203 -5.76 -3.26 -15.94
CA GLU D 203 -6.87 -3.03 -16.86
C GLU D 203 -7.33 -4.33 -17.47
N GLN D 204 -8.64 -4.54 -17.49
CA GLN D 204 -9.30 -5.61 -18.23
C GLN D 204 -8.52 -6.93 -18.26
N PRO D 205 -8.34 -7.55 -17.08
CA PRO D 205 -7.59 -8.81 -17.05
C PRO D 205 -8.34 -9.94 -17.75
N LEU D 206 -9.66 -9.99 -17.61
CA LEU D 206 -10.45 -11.07 -18.24
C LEU D 206 -11.24 -10.53 -19.43
N PRO D 207 -11.67 -11.44 -20.34
CA PRO D 207 -12.48 -11.01 -21.48
C PRO D 207 -13.82 -10.43 -21.06
N ALA D 208 -14.31 -9.44 -21.80
CA ALA D 208 -15.65 -8.92 -21.55
C ALA D 208 -16.66 -10.06 -21.65
N GLY D 209 -17.58 -10.12 -20.69
CA GLY D 209 -18.62 -11.14 -20.70
C GLY D 209 -18.17 -12.48 -20.14
N LYS D 210 -16.90 -12.59 -19.76
CA LYS D 210 -16.38 -13.80 -19.14
C LYS D 210 -15.58 -13.41 -17.91
N ASP D 211 -16.09 -12.41 -17.18
CA ASP D 211 -15.31 -11.81 -16.10
C ASP D 211 -15.97 -11.97 -14.73
N ALA D 212 -16.97 -12.83 -14.64
CA ALA D 212 -17.74 -12.96 -13.40
C ALA D 212 -16.88 -13.33 -12.18
N MET D 213 -15.76 -14.02 -12.41
CA MET D 213 -14.87 -14.40 -11.32
C MET D 213 -14.29 -13.19 -10.56
N LEU D 214 -14.21 -12.03 -11.23
CA LEU D 214 -13.77 -10.80 -10.56
C LEU D 214 -14.67 -10.43 -9.37
N ALA D 215 -15.91 -10.90 -9.38
CA ALA D 215 -16.83 -10.56 -8.30
C ALA D 215 -16.67 -11.45 -7.07
N ARG D 216 -15.87 -12.51 -7.19
CA ARG D 216 -15.75 -13.49 -6.12
C ARG D 216 -14.29 -13.76 -5.70
N ILE D 217 -13.40 -12.82 -6.01
CA ILE D 217 -12.02 -12.91 -5.54
C ILE D 217 -11.56 -11.58 -4.95
N GLU D 218 -10.57 -11.66 -4.08
CA GLU D 218 -9.98 -10.45 -3.53
C GLU D 218 -9.26 -9.67 -4.60
N HIS D 219 -9.26 -8.35 -4.47
CA HIS D 219 -8.55 -7.48 -5.40
C HIS D 219 -7.41 -6.78 -4.67
N PRO D 220 -6.22 -7.43 -4.59
CA PRO D 220 -5.06 -6.81 -3.94
C PRO D 220 -4.51 -5.63 -4.75
N VAL D 221 -4.92 -5.53 -6.01
CA VAL D 221 -4.62 -4.39 -6.86
C VAL D 221 -5.98 -3.98 -7.45
N LEU D 222 -6.22 -2.68 -7.60
CA LEU D 222 -7.47 -2.19 -8.19
C LEU D 222 -7.64 -2.69 -9.62
N ILE D 223 -8.84 -3.11 -9.98
CA ILE D 223 -9.07 -3.65 -11.30
C ILE D 223 -9.96 -2.72 -12.13
N CYS D 224 -9.49 -2.43 -13.34
CA CYS D 224 -10.15 -1.45 -14.21
C CYS D 224 -10.80 -2.09 -15.45
N ALA D 225 -12.07 -1.76 -15.68
CA ALA D 225 -12.73 -2.17 -16.91
C ALA D 225 -12.32 -1.24 -18.07
N ASP D 226 -12.12 -1.83 -19.25
CA ASP D 226 -11.94 -1.04 -20.47
C ASP D 226 -12.88 -1.62 -21.53
N GLU D 227 -12.49 -2.75 -22.12
CA GLU D 227 -13.33 -3.42 -23.11
C GLU D 227 -14.76 -3.62 -22.61
N SER D 228 -14.91 -3.88 -21.31
CA SER D 228 -16.22 -4.09 -20.69
C SER D 228 -17.06 -2.82 -20.48
N VAL D 229 -16.46 -1.64 -20.58
CA VAL D 229 -17.22 -0.41 -20.28
C VAL D 229 -17.20 0.66 -21.38
N HIS D 230 -18.38 1.04 -21.88
CA HIS D 230 -18.43 1.98 -23.00
C HIS D 230 -19.13 3.30 -22.72
N SER D 231 -20.35 3.20 -22.17
CA SER D 231 -21.22 4.36 -21.94
C SER D 231 -21.94 4.28 -20.58
N THR D 232 -22.43 5.43 -20.13
CA THR D 232 -22.99 5.61 -18.79
C THR D 232 -23.90 4.46 -18.30
N GLU D 233 -24.77 3.98 -19.18
CA GLU D 233 -25.67 2.89 -18.86
C GLU D 233 -24.94 1.60 -18.41
N ASP D 234 -23.71 1.40 -18.88
CA ASP D 234 -22.94 0.22 -18.52
C ASP D 234 -22.55 0.18 -17.04
N LEU D 235 -22.44 1.36 -16.42
CA LEU D 235 -21.69 1.51 -15.17
C LEU D 235 -22.21 0.72 -13.97
N ALA D 236 -23.48 0.91 -13.60
CA ALA D 236 -23.97 0.32 -12.34
C ALA D 236 -23.78 -1.19 -12.28
N GLY D 237 -24.05 -1.87 -13.39
CA GLY D 237 -23.89 -3.32 -13.43
C GLY D 237 -22.44 -3.81 -13.30
N LEU D 238 -21.48 -2.88 -13.40
CA LEU D 238 -20.07 -3.26 -13.38
C LEU D 238 -19.41 -3.20 -12.02
N ARG D 239 -20.11 -2.63 -11.03
CA ARG D 239 -19.51 -2.42 -9.71
C ARG D 239 -19.13 -3.72 -9.01
N ASP D 240 -19.87 -4.79 -9.27
CA ASP D 240 -19.58 -6.04 -8.59
C ASP D 240 -18.21 -6.60 -8.96
N ARG D 241 -17.72 -6.22 -10.14
CA ARG D 241 -16.46 -6.75 -10.69
C ARG D 241 -15.30 -5.75 -10.74
N TYR D 242 -15.58 -4.46 -10.87
CA TYR D 242 -14.54 -3.48 -11.15
C TYR D 242 -14.42 -2.34 -10.13
N ASP D 243 -13.17 -1.96 -9.84
CA ASP D 243 -12.89 -0.86 -8.92
C ASP D 243 -12.74 0.47 -9.67
N ALA D 244 -12.42 0.37 -10.96
CA ALA D 244 -12.13 1.53 -11.80
C ALA D 244 -12.69 1.32 -13.22
N ILE D 245 -12.80 2.41 -13.98
CA ILE D 245 -13.19 2.34 -15.38
C ILE D 245 -12.25 3.20 -16.23
N ASN D 246 -12.05 2.78 -17.47
CA ASN D 246 -11.28 3.54 -18.45
C ASN D 246 -12.28 4.17 -19.40
N ILE D 247 -12.44 5.49 -19.30
CA ILE D 247 -13.30 6.25 -20.20
C ILE D 247 -12.55 6.61 -21.48
N LYS D 248 -13.12 6.31 -22.64
CA LYS D 248 -12.53 6.70 -23.93
C LYS D 248 -13.58 7.36 -24.82
N LEU D 249 -13.22 8.48 -25.45
CA LEU D 249 -14.19 9.24 -26.25
C LEU D 249 -14.70 8.42 -27.43
N ASP D 250 -13.87 7.52 -27.94
CA ASP D 250 -14.30 6.66 -29.05
C ASP D 250 -15.32 5.61 -28.60
N LYS D 251 -15.31 5.27 -27.31
CA LYS D 251 -16.33 4.36 -26.80
C LYS D 251 -17.60 5.11 -26.40
N THR D 252 -17.45 6.31 -25.86
CA THR D 252 -18.62 7.09 -25.41
C THR D 252 -19.29 7.80 -26.58
N GLY D 253 -18.59 7.86 -27.70
CA GLY D 253 -19.12 8.59 -28.85
C GLY D 253 -19.09 10.10 -28.61
N GLY D 254 -17.99 10.56 -28.01
CA GLY D 254 -17.73 11.99 -27.96
C GLY D 254 -17.55 12.54 -26.56
N LEU D 255 -17.13 13.80 -26.52
CA LEU D 255 -16.88 14.51 -25.27
C LEU D 255 -18.17 14.69 -24.46
N THR D 256 -19.27 14.97 -25.16
CA THR D 256 -20.55 15.17 -24.45
C THR D 256 -20.90 14.00 -23.53
N GLU D 257 -20.87 12.79 -24.06
CA GLU D 257 -21.24 11.62 -23.27
C GLU D 257 -20.14 11.21 -22.28
N ALA D 258 -18.88 11.46 -22.63
CA ALA D 258 -17.80 11.17 -21.70
C ALA D 258 -17.92 11.98 -20.39
N LEU D 259 -18.39 13.22 -20.48
CA LEU D 259 -18.59 14.03 -19.28
C LEU D 259 -19.75 13.50 -18.43
N VAL D 260 -20.81 13.04 -19.10
CA VAL D 260 -21.92 12.38 -18.42
C VAL D 260 -21.44 11.11 -17.72
N MET D 261 -20.67 10.32 -18.43
CA MET D 261 -20.15 9.07 -17.87
C MET D 261 -19.22 9.29 -16.68
N LYS D 262 -18.34 10.27 -16.81
CA LYS D 262 -17.43 10.60 -15.72
C LYS D 262 -18.23 10.96 -14.46
N ALA D 263 -19.24 11.81 -14.64
CA ALA D 263 -20.07 12.24 -13.52
C ALA D 263 -20.75 11.05 -12.83
N GLU D 264 -21.30 10.14 -13.62
CA GLU D 264 -21.97 8.98 -13.04
C GLU D 264 -20.99 7.99 -12.42
N ALA D 265 -19.82 7.82 -13.03
CA ALA D 265 -18.82 6.91 -12.47
C ALA D 265 -18.35 7.42 -11.11
N GLU D 266 -18.20 8.74 -10.99
CA GLU D 266 -17.84 9.37 -9.73
C GLU D 266 -18.91 9.19 -8.67
N ARG D 267 -20.17 9.38 -9.06
CA ARG D 267 -21.30 9.19 -8.14
C ARG D 267 -21.31 7.76 -7.60
N LEU D 268 -20.86 6.82 -8.43
CA LEU D 268 -20.90 5.40 -8.07
C LEU D 268 -19.64 4.96 -7.33
N GLY D 269 -18.62 5.82 -7.30
CA GLY D 269 -17.42 5.57 -6.52
C GLY D 269 -16.33 4.81 -7.26
N PHE D 270 -16.42 4.78 -8.59
CA PHE D 270 -15.34 4.19 -9.38
C PHE D 270 -14.12 5.09 -9.37
N THR D 271 -12.93 4.49 -9.34
CA THR D 271 -11.72 5.24 -9.60
C THR D 271 -11.69 5.46 -11.11
N ILE D 272 -11.30 6.65 -11.55
CA ILE D 272 -11.42 7.00 -12.97
C ILE D 272 -10.08 7.04 -13.71
N MET D 273 -10.00 6.29 -14.82
CA MET D 273 -8.95 6.48 -15.80
C MET D 273 -9.57 7.05 -17.06
N VAL D 274 -8.93 8.07 -17.61
CA VAL D 274 -9.32 8.56 -18.92
C VAL D 274 -8.24 8.15 -19.91
N GLY D 275 -8.63 7.35 -20.90
CA GLY D 275 -7.68 6.75 -21.81
C GLY D 275 -7.91 7.20 -23.25
N CYS D 276 -7.30 6.49 -24.19
CA CYS D 276 -7.36 6.90 -25.59
C CYS D 276 -7.11 5.73 -26.50
N MET D 277 -7.48 5.91 -27.76
CA MET D 277 -7.07 4.99 -28.79
C MET D 277 -5.78 5.54 -29.39
N LEU D 278 -5.15 4.76 -30.24
CA LEU D 278 -3.92 5.18 -30.89
C LEU D 278 -4.21 6.28 -31.92
N GLY D 279 -4.24 7.52 -31.49
CA GLY D 279 -4.55 8.63 -32.38
C GLY D 279 -3.62 9.80 -32.17
N THR D 280 -3.97 10.95 -32.76
CA THR D 280 -3.08 12.10 -32.77
C THR D 280 -3.46 13.09 -31.66
N SER D 281 -2.73 14.19 -31.60
CA SER D 281 -3.06 15.26 -30.65
C SER D 281 -4.50 15.76 -30.80
N LEU D 282 -5.04 15.69 -32.01
CA LEU D 282 -6.40 16.17 -32.24
C LEU D 282 -7.38 15.31 -31.45
N GLY D 283 -7.13 14.01 -31.39
CA GLY D 283 -7.97 13.12 -30.62
C GLY D 283 -7.73 13.27 -29.12
N MET D 284 -6.48 13.53 -28.74
CA MET D 284 -6.16 13.68 -27.32
C MET D 284 -6.77 14.94 -26.72
N ALA D 285 -6.86 16.01 -27.51
CA ALA D 285 -7.28 17.32 -27.02
C ALA D 285 -8.55 17.30 -26.16
N PRO D 286 -9.68 16.80 -26.68
CA PRO D 286 -10.84 16.85 -25.79
C PRO D 286 -10.74 15.90 -24.59
N ALA D 287 -9.97 14.82 -24.72
CA ALA D 287 -9.82 13.86 -23.62
C ALA D 287 -9.07 14.48 -22.44
N VAL D 288 -8.17 15.42 -22.73
CA VAL D 288 -7.46 16.17 -21.70
C VAL D 288 -8.46 16.87 -20.77
N LEU D 289 -9.59 17.28 -21.33
CA LEU D 289 -10.61 17.94 -20.51
C LEU D 289 -11.32 16.96 -19.57
N VAL D 290 -11.67 15.78 -20.08
CA VAL D 290 -12.28 14.75 -19.23
C VAL D 290 -11.31 14.29 -18.16
N ALA D 291 -10.02 14.24 -18.51
CA ALA D 291 -9.00 13.72 -17.60
C ALA D 291 -8.63 14.67 -16.45
N GLN D 292 -9.15 15.90 -16.49
CA GLN D 292 -8.86 16.85 -15.39
C GLN D 292 -9.40 16.27 -14.09
N GLY D 293 -8.53 16.12 -13.11
CA GLY D 293 -8.96 15.68 -11.79
C GLY D 293 -9.15 14.19 -11.58
N THR D 294 -8.81 13.37 -12.56
CA THR D 294 -9.00 11.92 -12.41
C THR D 294 -7.74 11.23 -11.92
N ALA D 295 -7.88 10.01 -11.39
CA ALA D 295 -6.73 9.31 -10.81
C ALA D 295 -5.67 8.96 -11.85
N PHE D 296 -6.11 8.66 -13.06
CA PHE D 296 -5.20 8.23 -14.13
C PHE D 296 -5.55 8.89 -15.45
N ALA D 297 -4.52 9.25 -16.22
CA ALA D 297 -4.71 9.72 -17.60
C ALA D 297 -3.74 8.97 -18.48
N ASP D 298 -4.27 8.39 -19.55
CA ASP D 298 -3.45 7.64 -20.50
C ASP D 298 -3.70 8.26 -21.85
N LEU D 299 -2.97 9.33 -22.15
CA LEU D 299 -3.20 10.13 -23.33
C LEU D 299 -1.91 10.23 -24.15
N ASP D 300 -1.32 9.07 -24.44
CA ASP D 300 0.02 9.02 -25.03
C ASP D 300 0.03 8.71 -26.53
N GLY D 301 -1.15 8.70 -27.16
CA GLY D 301 -1.24 8.48 -28.61
C GLY D 301 -0.12 9.09 -29.45
N PRO D 302 0.05 10.43 -29.36
CA PRO D 302 1.07 11.16 -30.13
C PRO D 302 2.51 10.73 -29.82
N LEU D 303 2.76 10.28 -28.60
CA LEU D 303 4.10 9.82 -28.24
C LEU D 303 4.39 8.48 -28.90
N LEU D 304 3.34 7.77 -29.29
CA LEU D 304 3.51 6.48 -29.93
C LEU D 304 3.56 6.57 -31.47
N LEU D 305 3.25 7.75 -31.99
CA LEU D 305 3.29 7.98 -33.43
C LEU D 305 4.63 8.57 -33.86
N ALA D 306 4.98 8.37 -35.13
CA ALA D 306 6.21 8.96 -35.66
C ALA D 306 5.96 10.37 -36.22
N GLU D 307 4.70 10.73 -36.35
CA GLU D 307 4.31 12.02 -36.90
C GLU D 307 2.99 12.40 -36.24
N ASP D 308 2.85 13.66 -35.86
CA ASP D 308 1.65 14.11 -35.18
C ASP D 308 1.12 15.31 -35.96
N ARG D 309 -0.07 15.76 -35.61
CA ARG D 309 -0.57 17.05 -36.07
C ARG D 309 0.48 18.13 -35.83
N ASP D 310 0.52 19.14 -36.70
CA ASP D 310 1.28 20.36 -36.44
C ASP D 310 0.35 21.57 -36.65
N PRO D 311 0.02 22.30 -35.56
CA PRO D 311 0.46 22.10 -34.18
C PRO D 311 -0.23 20.92 -33.50
N GLY D 312 0.42 20.40 -32.47
CA GLY D 312 -0.17 19.35 -31.66
C GLY D 312 -0.07 19.74 -30.20
N LEU D 313 -0.23 18.76 -29.31
CA LEU D 313 -0.09 19.05 -27.88
C LEU D 313 1.39 19.08 -27.56
N VAL D 314 1.76 19.90 -26.58
CA VAL D 314 3.12 19.90 -26.06
C VAL D 314 3.20 18.87 -24.94
N TYR D 315 4.10 17.89 -25.10
CA TYR D 315 4.45 17.00 -24.02
C TYR D 315 5.85 17.37 -23.52
N GLU D 316 6.00 17.63 -22.24
CA GLU D 316 7.34 17.85 -21.66
C GLU D 316 7.49 16.81 -20.59
N GLY D 317 8.37 15.85 -20.84
CA GLY D 317 8.42 14.64 -20.03
C GLY D 317 7.08 13.92 -20.17
N SER D 318 6.47 13.59 -19.04
CA SER D 318 5.16 12.96 -19.10
C SER D 318 4.06 13.95 -18.77
N LEU D 319 4.41 15.22 -18.69
CA LEU D 319 3.37 16.22 -18.48
C LEU D 319 2.83 16.64 -19.84
N VAL D 320 1.50 16.61 -20.01
CA VAL D 320 0.91 17.05 -21.27
C VAL D 320 0.13 18.35 -21.01
N TYR D 321 0.32 19.34 -21.88
CA TYR D 321 -0.31 20.66 -21.72
C TYR D 321 -1.63 20.74 -22.51
N PRO D 322 -2.63 21.49 -21.98
CA PRO D 322 -3.94 21.53 -22.66
C PRO D 322 -3.88 22.13 -24.07
N ALA D 323 -4.84 21.73 -24.92
CA ALA D 323 -4.85 22.22 -26.29
C ALA D 323 -5.06 23.73 -26.38
N ARG D 324 -4.25 24.37 -27.23
CA ARG D 324 -4.53 25.74 -27.68
C ARG D 324 -5.49 25.66 -28.87
N PRO D 325 -6.23 26.74 -29.14
CA PRO D 325 -7.25 26.66 -30.19
C PRO D 325 -6.66 26.47 -31.59
N GLU D 326 -5.37 26.73 -31.79
CA GLU D 326 -4.71 26.42 -33.06
C GLU D 326 -4.83 24.91 -33.35
N LEU D 327 -4.96 24.10 -32.30
CA LEU D 327 -5.19 22.66 -32.44
C LEU D 327 -6.68 22.32 -32.33
N TRP D 328 -7.27 22.67 -31.19
CA TRP D 328 -8.67 22.30 -30.92
C TRP D 328 -9.16 23.06 -29.70
N GLY D 329 -10.44 23.41 -29.69
CA GLY D 329 -11.09 23.89 -28.47
C GLY D 329 -11.18 25.41 -28.37
#